data_8TN9
#
_entry.id   8TN9
#
_cell.length_a   1.00
_cell.length_b   1.00
_cell.length_c   1.00
_cell.angle_alpha   90.00
_cell.angle_beta   90.00
_cell.angle_gamma   90.00
#
_symmetry.space_group_name_H-M   'P 1'
#
loop_
_entity.id
_entity.type
_entity.pdbx_description
1 polymer 'Coagulation factor V'
2 non-polymer 2-acetamido-2-deoxy-beta-D-glucopyranose
#
_entity_poly.entity_id   1
_entity_poly.type   'polypeptide(L)'
_entity_poly.pdbx_seq_one_letter_code
;AQLRQFYVAAQGISWSYRPEPTNSSLNLSVTSFKKIVYREYEPYFKKEKPQSTISGLLGPTLYAEVGDIIKVHFKNKADK
PLSIHPQGIRYSKLSEGASYLDHTFPAEKMDDAVAPGREYTYEWSISEDSGPTHDDPPCLTHIYYSHENLIEDFNSGLIG
PLLICKKGTLTEGGTQKTFDKQIVLLFAVFDESKSWSQSSSLMYTVNGYVNGTMPDITVCAHDHISWHLLGMSSGPELFS
IHFNGQVLEQNHHKVSAITLVSATSTTANMTVGPEGKWIISSLTPKHLQAGMQAYIDIKNCPKKTRNLKKITREQRRHMK
RWEYFIAAEEVIWDYAPVIPANMDKKYRSQHLDNFSNQIGKHYKKVMYTQYEDESFTKHTVNPNMKEDGILGPIIRAQVR
DTLKIVFKNMASRPYSIYPHGVTFSPYEDEVNSSFTSGRNNTMIRAVQPGETYTYKWNILEFDEPTENDAQCLTRPYYSD
VDIMRDIASGLIGLLLICKSRSLDRRGIQRAADIEQQAVFAVFDENKSWYLEDNINKFCENPDEVKRDDPKFYESNIMST
INGYVPESITTLGFCFDDTVQWHFCSVGTQNEILTIHFTGHSFIYGKRHEDTLTLFPMRGESVTVTMDNVGTWMLTSMNS
SPRSKKLRLKFRDVKCIPDDDEDSYEIFEPPESTVMATRKMHDRLEPEDEESDADYDYQNRLAAALGIRSFRNSSLNQEE
EEFNLTALALENGTEFVSSNTDIIVGSNYSSPSNISKFTVNNLAEPQKAPSHQQATTAGSPLRHLIGKNSVLNSSTAEHS
SPYSEDPIEDPLQPDVTGIRLLSLGAGEFKSQEHAKHKGPKVERDQAAKHRFSWMKLLAHKVGRHLSQDTGSPSGMRPWE
DLPSQDTGSPSRMRPWKDPPSDLLLLKQSNSSKILVGRWHLASEKGSYEIIQDTDEDTAVNNWLISPQNASRAWGESTPL
ANKPGKQSGHPKFPRVRHKSLQVRQDGGKSRLKKSQFLIKTRKKKKEKHTHHAPLSPRTFHPLRSEAYNTFSERRLKHSL
VLHKSNETSLPTDLNQTLPSMDFGWIASLPDHNQNSSNDTGQASCPPGLYQTVPPEEHYQTFPIQDPDQMHSTSDPSHRS
SSPELSEMLEYDRSHKSFPTDISQMSPSSEHEVWQTVISPDLSQVTLSPELSQTNLSPDLSHTTLSPELIQRNLSPALGQ
MPISPDLSHTTLSPDLSHTTLSLDLSQTNLSPELSQTNLSPALGQMPLSPDLSHTTLSLDFSQTNLSPELSHMTLSPELS
QTNLSPALGQMPISPDLSHTTLSLDFSQTNLSPELSQTNLSPALGQMPLSPDPSHTTLSLDLSQTNLSPELSQTNLSPDL
SEMPLFADLSQIPLTPDLDQMTLSPDLGETDLSPNFGQMSLSPDLSQVTLSPDISDTTLLPDLSQISPPPDLDQIFYPSE
SSQSLLLQEFNESFPYPDLGQMPSPSSPTLNDTFLSKEFNPLVIVGLSKDGTDYIEIIPKEEVQSSEDDYAEIDYVPYDD
PYKTDVRTNINSSRDPDNIAAWYLRSNNGNRRNYYIAAEEISWDYSEFVQRETDIEDSDDIPEDTTYKKVVFRKYLDSTF
TKRDPRGEYEEHLGILGPIIRAEVDDVIQVRFKNLASRPYSLHAHGLSYEKSSEGKTYEDDSPEWFKEDNAVQPNSSYTY
VWHATERSGPESPGSACRAWAYYSAVNPEKDIHSGLIGPLLICQKGILHKDSNMPMDMREFVLLFMTFDEKKSWYYEKKS
RSSWRLTSSEMKKSHEFHAINGMIYSLPGLKMYEQEWVRLHLLNIGGSQDIHVVHFHGQTLLENGNKQHQLGVWPLLPGS
FKTLEMKASKPGWWLLNTEVGENQRAGMQTPFLIMDRDCRMPMGLSTGIISDSQIKASEFLGYWEPRLARLNNGGSYNAW
SVEKLAAEFASKPWIQVDMQKEVIITGIQTQGAKHYLKSCYTTEFYVAYSSNQINWQIFKGNSTRNVMYFNGNSDASTIK
ENQFDPPIVARYIRISPTRAYNRPTLRLELQGCEVNGCSTPLGMENGKIENKQITASSFKKSWWGDYWEPFRARLNAQGR
VNAWQAKANNNKQWLEIDLLKIKKITAIITQGCKSLSSEMYVKSYTIHYSEQGVEWKPYRLKSSMVDKIFEGNTNTKGHV
KNFFNPPIISRFIRVIPKTWNQSIALRLELFGCDIY
;
_entity_poly.pdbx_strand_id   A
#
loop_
_chem_comp.id
_chem_comp.type
_chem_comp.name
_chem_comp.formula
NAG D-saccharide, beta linking 2-acetamido-2-deoxy-beta-D-glucopyranose 'C8 H15 N O6'
#
# COMPACT_ATOMS: atom_id res chain seq x y z
N ALA A 1 11.94 -29.81 5.06
CA ALA A 1 12.44 -29.06 6.20
C ALA A 1 13.96 -28.92 6.13
N GLN A 2 14.52 -29.13 4.95
CA GLN A 2 15.96 -29.07 4.77
C GLN A 2 16.46 -27.64 4.94
N LEU A 3 17.70 -27.52 5.41
CA LEU A 3 18.35 -26.22 5.52
C LEU A 3 19.04 -25.91 4.19
N ARG A 4 18.76 -24.73 3.65
CA ARG A 4 19.30 -24.32 2.36
C ARG A 4 20.43 -23.32 2.59
N GLN A 5 21.64 -23.70 2.19
CA GLN A 5 22.83 -22.91 2.44
C GLN A 5 23.32 -22.34 1.12
N PHE A 6 23.41 -21.01 1.04
CA PHE A 6 23.85 -20.32 -0.15
C PHE A 6 25.13 -19.54 0.13
N TYR A 7 25.94 -19.37 -0.91
CA TYR A 7 27.19 -18.63 -0.83
C TYR A 7 27.17 -17.55 -1.90
N VAL A 8 27.32 -16.29 -1.48
CA VAL A 8 27.36 -15.16 -2.40
C VAL A 8 28.50 -14.23 -1.99
N ALA A 9 28.86 -13.35 -2.92
CA ALA A 9 29.94 -12.40 -2.67
C ALA A 9 29.83 -11.27 -3.68
N ALA A 10 29.74 -10.03 -3.19
CA ALA A 10 29.68 -8.86 -4.06
C ALA A 10 31.08 -8.57 -4.58
N GLN A 11 31.28 -8.76 -5.88
CA GLN A 11 32.60 -8.59 -6.49
C GLN A 11 32.50 -7.65 -7.68
N GLY A 12 33.61 -6.98 -7.96
CA GLY A 12 33.65 -6.03 -9.06
C GLY A 12 33.89 -6.70 -10.39
N ILE A 13 33.27 -6.15 -11.42
CA ILE A 13 33.39 -6.61 -12.79
C ILE A 13 33.65 -5.41 -13.69
N SER A 14 33.75 -5.66 -14.99
CA SER A 14 33.87 -4.60 -16.00
C SER A 14 32.73 -4.80 -16.99
N TRP A 15 31.56 -4.26 -16.64
CA TRP A 15 30.38 -4.46 -17.47
C TRP A 15 30.28 -3.38 -18.53
N SER A 16 29.71 -3.76 -19.68
CA SER A 16 29.57 -2.86 -20.82
C SER A 16 28.14 -2.74 -21.32
N TYR A 17 27.20 -3.49 -20.76
CA TYR A 17 25.79 -3.45 -21.15
C TYR A 17 25.59 -3.96 -22.58
N ARG A 18 26.67 -4.31 -23.25
CA ARG A 18 26.60 -4.85 -24.59
C ARG A 18 26.32 -6.35 -24.53
N PRO A 19 25.73 -6.93 -25.59
CA PRO A 19 25.30 -8.33 -25.51
C PRO A 19 26.45 -9.30 -25.34
N GLU A 20 27.68 -8.91 -25.66
CA GLU A 20 28.78 -9.83 -25.77
C GLU A 20 29.34 -10.18 -24.40
N PRO A 21 29.43 -11.47 -24.05
CA PRO A 21 30.37 -11.83 -22.98
C PRO A 21 31.81 -11.74 -23.46
N THR A 22 32.08 -12.18 -24.69
CA THR A 22 33.38 -12.02 -25.31
C THR A 22 33.22 -12.04 -26.83
N ASN A 23 33.38 -10.89 -27.46
CA ASN A 23 33.28 -10.76 -28.92
C ASN A 23 34.53 -10.19 -29.54
N SER A 24 35.14 -9.18 -28.92
CA SER A 24 36.37 -8.60 -29.43
C SER A 24 37.09 -7.91 -28.29
N SER A 25 38.39 -7.68 -28.49
CA SER A 25 39.19 -7.04 -27.45
C SER A 25 38.77 -5.59 -27.21
N LEU A 26 38.65 -4.81 -28.29
CA LEU A 26 38.24 -3.42 -28.14
C LEU A 26 36.76 -3.34 -27.79
N ASN A 27 36.38 -2.30 -27.05
CA ASN A 27 35.00 -2.10 -26.65
C ASN A 27 34.55 -0.67 -26.97
N LEU A 28 33.39 -0.57 -27.63
CA LEU A 28 32.70 0.70 -27.82
C LEU A 28 31.40 0.66 -27.03
N SER A 29 31.37 1.39 -25.92
CA SER A 29 30.36 1.20 -24.88
C SER A 29 29.57 2.49 -24.66
N VAL A 30 28.26 2.35 -24.46
CA VAL A 30 27.50 3.41 -23.81
C VAL A 30 28.12 3.64 -22.43
N THR A 31 28.04 4.87 -21.94
CA THR A 31 28.93 5.32 -20.88
C THR A 31 28.60 4.58 -19.59
N SER A 32 29.35 3.51 -19.31
CA SER A 32 29.28 2.81 -18.04
C SER A 32 30.35 1.73 -18.02
N PHE A 33 31.03 1.60 -16.89
CA PHE A 33 32.06 0.59 -16.68
C PHE A 33 32.21 0.32 -15.19
N LYS A 34 32.76 -0.85 -14.88
CA LYS A 34 33.22 -1.19 -13.54
C LYS A 34 32.09 -1.05 -12.52
N LYS A 35 31.09 -1.91 -12.66
CA LYS A 35 30.06 -1.99 -11.64
C LYS A 35 30.36 -3.14 -10.69
N ILE A 36 29.56 -3.24 -9.63
CA ILE A 36 29.72 -4.27 -8.62
C ILE A 36 28.41 -5.06 -8.52
N VAL A 37 28.52 -6.38 -8.63
CA VAL A 37 27.39 -7.28 -8.47
C VAL A 37 27.85 -8.46 -7.62
N TYR A 38 26.90 -9.22 -7.09
CA TYR A 38 27.21 -10.42 -6.34
C TYR A 38 26.73 -11.68 -7.06
N ARG A 39 27.57 -12.71 -7.01
CA ARG A 39 27.38 -13.96 -7.75
C ARG A 39 27.56 -15.13 -6.81
N GLU A 40 26.90 -16.24 -7.12
CA GLU A 40 26.94 -17.42 -6.27
C GLU A 40 28.25 -18.17 -6.47
N TYR A 41 28.67 -18.87 -5.43
CA TYR A 41 29.89 -19.65 -5.44
C TYR A 41 29.59 -21.08 -5.04
N GLU A 42 30.55 -21.98 -5.31
CA GLU A 42 30.49 -23.32 -4.78
C GLU A 42 30.72 -23.29 -3.28
N PRO A 43 30.37 -24.36 -2.56
CA PRO A 43 30.56 -24.36 -1.11
C PRO A 43 32.00 -24.07 -0.71
N TYR A 44 32.15 -23.31 0.37
CA TYR A 44 33.43 -22.88 0.92
C TYR A 44 34.21 -21.98 -0.03
N PHE A 45 33.50 -21.33 -0.95
CA PHE A 45 34.08 -20.30 -1.84
C PHE A 45 35.29 -20.83 -2.61
N LYS A 46 35.07 -21.92 -3.35
CA LYS A 46 36.13 -22.48 -4.17
C LYS A 46 36.28 -21.71 -5.47
N LYS A 47 35.27 -21.74 -6.32
CA LYS A 47 35.28 -20.99 -7.57
C LYS A 47 33.85 -20.67 -7.95
N GLU A 48 33.70 -19.63 -8.77
CA GLU A 48 32.37 -19.14 -9.12
C GLU A 48 31.63 -20.13 -9.99
N LYS A 49 30.36 -20.36 -9.67
CA LYS A 49 29.52 -21.19 -10.52
C LYS A 49 29.28 -20.50 -11.85
N PRO A 50 29.16 -21.26 -12.94
CA PRO A 50 28.88 -20.65 -14.24
C PRO A 50 27.55 -19.91 -14.22
N GLN A 51 27.53 -18.76 -14.88
CA GLN A 51 26.33 -17.94 -14.95
C GLN A 51 25.51 -18.29 -16.18
N SER A 52 24.20 -18.07 -16.08
CA SER A 52 23.32 -18.36 -17.20
C SER A 52 23.58 -17.38 -18.35
N THR A 53 23.17 -17.80 -19.54
CA THR A 53 23.32 -16.93 -20.71
C THR A 53 22.43 -15.70 -20.61
N ILE A 54 21.33 -15.79 -19.88
CA ILE A 54 20.38 -14.69 -19.80
C ILE A 54 20.73 -13.71 -18.69
N SER A 55 20.93 -14.21 -17.47
CA SER A 55 21.14 -13.35 -16.31
C SER A 55 22.53 -12.76 -16.35
N GLY A 56 22.64 -11.51 -16.81
CA GLY A 56 23.91 -10.82 -16.84
C GLY A 56 24.32 -10.25 -15.50
N LEU A 57 23.55 -9.28 -15.01
CA LEU A 57 23.79 -8.68 -13.71
C LEU A 57 22.87 -9.20 -12.63
N LEU A 58 21.76 -9.84 -13.01
CA LEU A 58 20.84 -10.37 -12.02
C LEU A 58 21.54 -11.39 -11.14
N GLY A 59 21.32 -11.28 -9.84
CA GLY A 59 22.00 -12.13 -8.89
C GLY A 59 21.40 -13.51 -8.84
N PRO A 60 22.01 -14.36 -8.03
CA PRO A 60 21.48 -15.72 -7.85
C PRO A 60 20.12 -15.69 -7.16
N THR A 61 19.28 -16.65 -7.52
CA THR A 61 17.96 -16.80 -6.90
C THR A 61 18.11 -17.64 -5.65
N LEU A 62 17.65 -17.12 -4.53
CA LEU A 62 17.74 -17.83 -3.26
C LEU A 62 16.41 -18.54 -3.00
N TYR A 63 16.18 -19.63 -3.71
CA TYR A 63 14.91 -20.35 -3.60
C TYR A 63 14.79 -20.99 -2.23
N ALA A 64 13.54 -21.15 -1.79
CA ALA A 64 13.25 -21.77 -0.51
C ALA A 64 11.78 -22.14 -0.49
N GLU A 65 11.38 -22.83 0.57
CA GLU A 65 9.98 -23.12 0.80
C GLU A 65 9.69 -22.97 2.29
N VAL A 66 8.41 -22.85 2.63
CA VAL A 66 8.03 -22.60 4.01
C VAL A 66 8.45 -23.76 4.88
N GLY A 67 9.11 -23.45 6.00
CA GLY A 67 9.69 -24.44 6.86
C GLY A 67 11.16 -24.69 6.66
N ASP A 68 11.80 -23.97 5.75
CA ASP A 68 13.22 -24.14 5.45
C ASP A 68 13.97 -22.92 5.95
N ILE A 69 14.93 -23.15 6.84
CA ILE A 69 15.81 -22.08 7.32
C ILE A 69 16.97 -21.96 6.34
N ILE A 70 17.16 -20.77 5.78
CA ILE A 70 18.17 -20.54 4.76
C ILE A 70 19.29 -19.69 5.35
N LYS A 71 20.52 -20.17 5.21
CA LYS A 71 21.70 -19.46 5.68
C LYS A 71 22.49 -18.97 4.47
N VAL A 72 22.80 -17.68 4.44
CA VAL A 72 23.55 -17.07 3.35
C VAL A 72 24.87 -16.56 3.91
N HIS A 73 25.97 -17.16 3.46
CA HIS A 73 27.30 -16.73 3.86
C HIS A 73 27.72 -15.56 2.96
N PHE A 74 27.85 -14.38 3.54
CA PHE A 74 28.10 -13.17 2.76
C PHE A 74 29.52 -12.69 3.02
N LYS A 75 30.47 -13.19 2.23
CA LYS A 75 31.85 -12.74 2.30
C LYS A 75 32.03 -11.63 1.28
N ASN A 76 31.94 -10.39 1.74
CA ASN A 76 32.10 -9.25 0.84
C ASN A 76 33.50 -9.23 0.24
N LYS A 77 33.56 -8.91 -1.06
CA LYS A 77 34.83 -8.80 -1.76
C LYS A 77 35.04 -7.45 -2.42
N ALA A 78 34.01 -6.64 -2.59
CA ALA A 78 34.17 -5.30 -3.14
C ALA A 78 34.80 -4.37 -2.11
N ASP A 79 35.29 -3.23 -2.58
CA ASP A 79 35.97 -2.27 -1.72
C ASP A 79 34.98 -1.22 -1.19
N LYS A 80 33.95 -1.72 -0.51
CA LYS A 80 32.92 -0.88 0.08
C LYS A 80 32.06 -1.70 1.02
N PRO A 81 31.71 -1.16 2.19
CA PRO A 81 30.82 -1.90 3.10
C PRO A 81 29.47 -2.15 2.44
N LEU A 82 28.93 -3.34 2.64
CA LEU A 82 27.69 -3.75 1.99
C LEU A 82 26.94 -4.71 2.90
N SER A 83 25.76 -5.12 2.45
CA SER A 83 24.92 -6.05 3.18
C SER A 83 23.84 -6.57 2.22
N ILE A 84 23.08 -7.55 2.69
CA ILE A 84 21.97 -8.11 1.94
C ILE A 84 20.70 -7.96 2.74
N HIS A 85 19.67 -7.37 2.13
CA HIS A 85 18.39 -7.13 2.77
C HIS A 85 17.29 -7.81 1.98
N PRO A 86 16.50 -8.71 2.58
CA PRO A 86 15.41 -9.36 1.83
C PRO A 86 14.23 -8.43 1.62
N GLN A 87 13.11 -8.96 1.17
CA GLN A 87 11.94 -8.08 1.06
C GLN A 87 10.70 -8.61 1.76
N GLY A 88 10.45 -9.92 1.68
CA GLY A 88 9.19 -10.45 2.19
C GLY A 88 9.34 -11.53 3.24
N ILE A 89 10.31 -11.38 4.13
CA ILE A 89 10.60 -12.39 5.13
C ILE A 89 10.43 -11.78 6.52
N ARG A 90 10.06 -12.62 7.48
CA ARG A 90 9.97 -12.22 8.88
C ARG A 90 11.36 -12.37 9.52
N TYR A 91 12.32 -11.68 8.91
CA TYR A 91 13.68 -11.60 9.40
C TYR A 91 13.78 -10.82 10.71
N SER A 92 14.80 -11.18 11.50
CA SER A 92 15.02 -10.65 12.83
C SER A 92 15.95 -9.45 12.77
N LYS A 93 16.34 -8.93 13.93
CA LYS A 93 17.22 -7.76 13.97
C LYS A 93 18.67 -8.10 13.69
N LEU A 94 19.04 -9.37 13.71
CA LEU A 94 20.40 -9.78 13.40
C LEU A 94 20.61 -10.10 11.93
N SER A 95 19.53 -10.35 11.18
CA SER A 95 19.62 -10.66 9.76
C SER A 95 18.79 -9.69 8.92
N GLU A 96 18.34 -8.59 9.51
CA GLU A 96 17.61 -7.59 8.75
C GLU A 96 18.49 -6.99 7.65
N GLY A 97 19.74 -6.68 7.99
CA GLY A 97 20.64 -6.07 7.03
C GLY A 97 20.38 -4.62 6.74
N ALA A 98 19.58 -3.94 7.56
CA ALA A 98 19.24 -2.54 7.36
C ALA A 98 19.75 -1.70 8.51
N SER A 99 20.33 -0.55 8.19
CA SER A 99 20.96 0.32 9.17
C SER A 99 20.09 1.56 9.39
N TYR A 100 19.42 1.60 10.53
CA TYR A 100 18.80 2.81 11.05
C TYR A 100 18.91 2.77 12.56
N LEU A 101 18.37 3.78 13.24
CA LEU A 101 18.45 3.80 14.70
C LEU A 101 17.24 3.06 15.26
N ASP A 102 17.43 1.76 15.46
CA ASP A 102 16.46 0.90 16.12
C ASP A 102 16.74 0.77 17.60
N HIS A 103 17.68 1.56 18.13
CA HIS A 103 18.07 1.50 19.54
C HIS A 103 18.54 0.10 19.92
N THR A 104 19.25 -0.54 19.01
CA THR A 104 19.75 -1.89 19.24
C THR A 104 21.22 -1.86 19.64
N PHE A 105 21.62 -2.91 20.35
CA PHE A 105 22.94 -2.99 20.94
C PHE A 105 23.99 -3.26 19.86
N PRO A 106 25.27 -2.98 20.16
CA PRO A 106 26.32 -3.18 19.15
C PRO A 106 26.45 -4.61 18.66
N ALA A 107 25.98 -5.60 19.45
CA ALA A 107 26.06 -6.98 19.00
C ALA A 107 25.18 -7.23 17.79
N GLU A 108 24.11 -6.44 17.63
CA GLU A 108 23.17 -6.60 16.53
C GLU A 108 23.39 -5.60 15.41
N LYS A 109 24.49 -4.86 15.45
CA LYS A 109 24.81 -3.87 14.43
C LYS A 109 25.75 -4.39 13.36
N MET A 110 26.16 -5.66 13.44
CA MET A 110 27.11 -6.20 12.47
C MET A 110 26.46 -6.48 11.12
N ASP A 111 25.15 -6.77 11.09
CA ASP A 111 24.49 -7.08 9.84
C ASP A 111 24.32 -5.85 8.97
N ASP A 112 24.27 -4.67 9.57
CA ASP A 112 23.96 -3.46 8.82
C ASP A 112 25.03 -3.19 7.76
N ALA A 113 26.29 -3.44 8.08
CA ALA A 113 27.37 -3.21 7.13
C ALA A 113 28.56 -4.05 7.53
N VAL A 114 29.00 -4.95 6.64
CA VAL A 114 30.16 -5.78 6.86
C VAL A 114 31.35 -5.16 6.14
N ALA A 115 32.48 -5.05 6.84
CA ALA A 115 33.66 -4.48 6.24
C ALA A 115 34.17 -5.39 5.12
N PRO A 116 34.80 -4.82 4.09
CA PRO A 116 35.33 -5.66 3.01
C PRO A 116 36.38 -6.64 3.53
N GLY A 117 36.35 -7.85 2.98
CA GLY A 117 37.23 -8.89 3.46
C GLY A 117 36.84 -9.47 4.81
N ARG A 118 35.59 -9.32 5.22
CA ARG A 118 35.10 -9.86 6.47
C ARG A 118 33.79 -10.59 6.23
N GLU A 119 33.65 -11.76 6.83
CA GLU A 119 32.51 -12.63 6.57
C GLU A 119 31.37 -12.35 7.55
N TYR A 120 30.27 -13.05 7.34
CA TYR A 120 29.07 -12.97 8.18
C TYR A 120 28.17 -14.14 7.79
N THR A 121 26.94 -14.13 8.30
CA THR A 121 25.96 -15.16 7.96
C THR A 121 24.57 -14.58 8.19
N TYR A 122 23.70 -14.71 7.18
CA TYR A 122 22.33 -14.26 7.25
C TYR A 122 21.41 -15.46 7.39
N GLU A 123 20.56 -15.46 8.42
CA GLU A 123 19.60 -16.54 8.63
C GLU A 123 18.19 -15.98 8.54
N TRP A 124 17.38 -16.56 7.67
CA TRP A 124 16.00 -16.12 7.44
C TRP A 124 15.09 -17.35 7.57
N SER A 125 14.55 -17.57 8.76
CA SER A 125 13.62 -18.68 8.93
C SER A 125 12.31 -18.38 8.23
N ILE A 126 11.82 -19.34 7.44
CA ILE A 126 10.57 -19.20 6.72
C ILE A 126 9.50 -20.00 7.45
N SER A 127 8.39 -19.33 7.79
CA SER A 127 7.29 -19.94 8.51
C SER A 127 6.04 -19.95 7.62
N GLU A 128 4.97 -20.53 8.15
CA GLU A 128 3.72 -20.61 7.40
C GLU A 128 3.08 -19.25 7.19
N ASP A 129 3.44 -18.25 8.00
CA ASP A 129 2.82 -16.93 7.87
C ASP A 129 3.29 -16.22 6.60
N SER A 130 4.60 -16.23 6.34
CA SER A 130 5.15 -15.54 5.18
C SER A 130 5.29 -16.47 3.98
N GLY A 131 4.22 -17.19 3.66
CA GLY A 131 4.24 -18.14 2.58
C GLY A 131 2.97 -18.13 1.77
N PRO A 132 3.02 -18.69 0.56
CA PRO A 132 1.84 -18.66 -0.31
C PRO A 132 0.66 -19.41 0.30
N THR A 133 -0.53 -18.90 0.04
CA THR A 133 -1.78 -19.49 0.50
C THR A 133 -2.45 -20.19 -0.67
N HIS A 134 -3.69 -20.65 -0.46
CA HIS A 134 -4.50 -21.09 -1.58
C HIS A 134 -4.86 -19.89 -2.45
N ASP A 135 -5.28 -20.17 -3.68
CA ASP A 135 -5.59 -19.14 -4.66
C ASP A 135 -4.41 -18.21 -4.89
N ASP A 136 -3.20 -18.77 -4.86
CA ASP A 136 -1.97 -18.03 -4.93
C ASP A 136 -0.98 -18.88 -5.71
N PRO A 137 -0.19 -18.29 -6.60
CA PRO A 137 0.76 -19.09 -7.36
C PRO A 137 1.70 -19.84 -6.45
N PRO A 138 2.20 -21.00 -6.89
CA PRO A 138 3.05 -21.82 -6.00
C PRO A 138 4.26 -21.10 -5.47
N CYS A 139 4.90 -20.24 -6.28
CA CYS A 139 6.10 -19.55 -5.87
C CYS A 139 5.87 -18.04 -5.87
N LEU A 140 6.16 -17.40 -4.76
CA LEU A 140 6.11 -15.95 -4.64
C LEU A 140 7.51 -15.38 -4.87
N THR A 141 7.60 -14.33 -5.67
CA THR A 141 8.87 -13.74 -6.06
C THR A 141 9.10 -12.43 -5.34
N HIS A 142 10.30 -12.27 -4.78
CA HIS A 142 10.72 -11.05 -4.10
C HIS A 142 12.10 -10.65 -4.62
N ILE A 143 12.54 -9.46 -4.25
CA ILE A 143 13.84 -8.93 -4.64
C ILE A 143 14.59 -8.52 -3.38
N TYR A 144 15.87 -8.89 -3.31
CA TYR A 144 16.72 -8.53 -2.20
C TYR A 144 17.91 -7.74 -2.73
N TYR A 145 18.39 -6.80 -1.92
CA TYR A 145 19.38 -5.83 -2.39
C TYR A 145 20.29 -5.47 -1.22
N SER A 146 21.01 -4.36 -1.36
CA SER A 146 21.88 -3.84 -0.32
C SER A 146 21.20 -2.65 0.34
N HIS A 147 21.04 -2.71 1.67
CA HIS A 147 20.38 -1.65 2.43
C HIS A 147 21.36 -0.64 3.01
N GLU A 148 22.66 -0.78 2.74
CA GLU A 148 23.61 0.21 3.24
C GLU A 148 23.40 1.57 2.58
N ASN A 149 23.21 1.58 1.25
CA ASN A 149 22.97 2.83 0.53
C ASN A 149 22.08 2.50 -0.67
N LEU A 150 20.77 2.66 -0.48
CA LEU A 150 19.81 2.22 -1.50
C LEU A 150 19.92 3.04 -2.77
N ILE A 151 20.35 4.30 -2.67
CA ILE A 151 20.49 5.14 -3.85
C ILE A 151 21.66 4.68 -4.71
N GLU A 152 22.78 4.35 -4.08
CA GLU A 152 24.03 4.10 -4.78
C GLU A 152 24.28 2.62 -5.04
N ASP A 153 23.82 1.73 -4.16
CA ASP A 153 24.10 0.31 -4.34
C ASP A 153 23.31 -0.29 -5.49
N PHE A 154 22.04 0.13 -5.66
CA PHE A 154 21.23 -0.42 -6.74
C PHE A 154 21.76 -0.02 -8.10
N ASN A 155 22.05 1.27 -8.28
CA ASN A 155 22.47 1.76 -9.59
C ASN A 155 23.80 1.16 -10.03
N SER A 156 24.62 0.73 -9.08
CA SER A 156 25.89 0.09 -9.39
C SER A 156 25.77 -1.43 -9.48
N GLY A 157 24.55 -1.97 -9.43
CA GLY A 157 24.32 -3.41 -9.49
C GLY A 157 23.58 -3.88 -8.24
N LEU A 158 24.00 -5.05 -7.74
CA LEU A 158 23.57 -5.55 -6.44
C LEU A 158 22.07 -5.80 -6.39
N ILE A 159 21.61 -6.73 -7.24
CA ILE A 159 20.20 -7.12 -7.31
C ILE A 159 20.13 -8.64 -7.38
N GLY A 160 19.13 -9.21 -6.71
CA GLY A 160 18.94 -10.64 -6.74
C GLY A 160 17.49 -11.06 -6.57
N PRO A 161 17.04 -12.03 -7.35
CA PRO A 161 15.69 -12.57 -7.17
C PRO A 161 15.61 -13.46 -5.95
N LEU A 162 14.41 -13.58 -5.40
CA LEU A 162 14.17 -14.36 -4.19
C LEU A 162 12.80 -15.01 -4.29
N LEU A 163 12.78 -16.33 -4.42
CA LEU A 163 11.57 -17.10 -4.59
C LEU A 163 11.30 -17.91 -3.33
N ILE A 164 10.10 -17.79 -2.78
CA ILE A 164 9.66 -18.61 -1.65
C ILE A 164 8.40 -19.33 -2.06
N CYS A 165 8.48 -20.65 -2.18
CA CYS A 165 7.43 -21.46 -2.77
C CYS A 165 6.65 -22.20 -1.70
N LYS A 166 5.71 -23.04 -2.15
CA LYS A 166 4.89 -23.85 -1.28
C LYS A 166 5.65 -25.11 -0.86
N LYS A 167 4.97 -25.98 -0.11
CA LYS A 167 5.59 -27.20 0.38
C LYS A 167 5.52 -28.29 -0.68
N GLY A 168 6.67 -28.88 -0.99
CA GLY A 168 6.72 -29.98 -1.94
C GLY A 168 6.64 -29.60 -3.40
N THR A 169 6.62 -28.30 -3.70
CA THR A 169 6.52 -27.84 -5.07
C THR A 169 7.86 -27.42 -5.66
N LEU A 170 8.96 -27.67 -4.95
CA LEU A 170 10.28 -27.25 -5.38
C LEU A 170 11.22 -28.45 -5.43
N THR A 171 11.94 -28.60 -6.54
CA THR A 171 12.88 -29.70 -6.68
C THR A 171 14.17 -29.39 -5.94
N GLU A 172 15.13 -30.32 -6.04
CA GLU A 172 16.43 -30.11 -5.41
C GLU A 172 17.17 -28.95 -6.05
N GLY A 173 17.06 -28.80 -7.36
CA GLY A 173 17.74 -27.75 -8.09
C GLY A 173 17.06 -26.41 -8.11
N GLY A 174 15.92 -26.26 -7.43
CA GLY A 174 15.21 -25.00 -7.40
C GLY A 174 14.23 -24.79 -8.54
N THR A 175 13.79 -25.85 -9.20
CA THR A 175 12.84 -25.77 -10.29
C THR A 175 11.52 -26.40 -9.90
N GLN A 176 10.42 -25.72 -10.21
CA GLN A 176 9.10 -26.24 -9.89
C GLN A 176 8.83 -27.51 -10.68
N LYS A 177 8.23 -28.49 -10.02
CA LYS A 177 7.95 -29.78 -10.66
C LYS A 177 6.95 -29.64 -11.80
N THR A 178 5.90 -28.85 -11.60
CA THR A 178 4.83 -28.78 -12.59
C THR A 178 5.23 -27.97 -13.82
N PHE A 179 6.08 -26.97 -13.65
CA PHE A 179 6.45 -26.09 -14.75
C PHE A 179 7.68 -26.63 -15.46
N ASP A 180 7.61 -26.69 -16.79
CA ASP A 180 8.73 -27.21 -17.55
C ASP A 180 9.95 -26.30 -17.47
N LYS A 181 9.73 -24.99 -17.49
CA LYS A 181 10.82 -24.03 -17.39
C LYS A 181 10.36 -22.79 -16.62
N GLN A 182 11.26 -22.24 -15.81
CA GLN A 182 11.02 -20.98 -15.12
C GLN A 182 12.07 -19.97 -15.57
N ILE A 183 11.62 -18.76 -15.90
CA ILE A 183 12.50 -17.72 -16.43
C ILE A 183 12.34 -16.48 -15.56
N VAL A 184 13.46 -15.91 -15.13
CA VAL A 184 13.48 -14.75 -14.26
C VAL A 184 13.94 -13.55 -15.08
N LEU A 185 13.15 -12.48 -15.05
CA LEU A 185 13.43 -11.27 -15.81
C LEU A 185 13.55 -10.08 -14.87
N LEU A 186 14.44 -9.15 -15.23
CA LEU A 186 14.68 -7.94 -14.45
C LEU A 186 14.59 -6.74 -15.39
N PHE A 187 13.44 -6.07 -15.39
CA PHE A 187 13.28 -4.81 -16.11
C PHE A 187 13.77 -3.71 -15.18
N ALA A 188 15.05 -3.35 -15.29
CA ALA A 188 15.67 -2.39 -14.40
C ALA A 188 16.16 -1.18 -15.18
N VAL A 189 16.10 -0.02 -14.52
CA VAL A 189 16.59 1.22 -15.12
C VAL A 189 17.87 1.61 -14.40
N PHE A 190 19.00 1.21 -14.94
CA PHE A 190 20.29 1.46 -14.31
C PHE A 190 20.76 2.86 -14.66
N ASP A 191 21.33 3.55 -13.67
CA ASP A 191 21.79 4.93 -13.84
C ASP A 191 23.21 5.01 -13.31
N GLU A 192 24.19 5.10 -14.22
CA GLU A 192 25.58 5.14 -13.81
C GLU A 192 26.01 6.49 -13.26
N SER A 193 25.16 7.52 -13.37
CA SER A 193 25.50 8.80 -12.78
C SER A 193 25.51 8.72 -11.25
N LYS A 194 24.51 8.06 -10.67
CA LYS A 194 24.47 7.87 -9.22
C LYS A 194 25.02 6.49 -8.88
N SER A 195 26.29 6.30 -9.18
CA SER A 195 26.94 5.00 -9.01
C SER A 195 28.32 5.21 -8.41
N TRP A 196 29.06 4.10 -8.29
CA TRP A 196 30.42 4.16 -7.76
C TRP A 196 31.30 5.04 -8.64
N SER A 197 31.19 4.87 -9.96
CA SER A 197 31.93 5.67 -10.93
C SER A 197 30.91 6.47 -11.72
N GLN A 198 30.80 7.77 -11.40
CA GLN A 198 29.78 8.63 -11.99
C GLN A 198 30.12 8.88 -13.45
N SER A 199 29.38 8.23 -14.34
CA SER A 199 29.43 8.50 -15.76
C SER A 199 28.00 8.78 -16.24
N SER A 200 27.83 9.88 -16.98
CA SER A 200 26.50 10.28 -17.42
C SER A 200 25.82 9.16 -18.19
N SER A 201 24.73 8.62 -17.65
CA SER A 201 24.09 7.46 -18.26
C SER A 201 22.65 7.34 -17.78
N LEU A 202 21.78 6.93 -18.71
CA LEU A 202 20.37 6.73 -18.42
C LEU A 202 19.84 5.47 -19.12
N MET A 203 20.71 4.48 -19.33
CA MET A 203 20.33 3.33 -20.16
C MET A 203 19.17 2.56 -19.53
N TYR A 204 18.27 2.09 -20.39
CA TYR A 204 17.11 1.30 -19.98
C TYR A 204 17.37 -0.14 -20.40
N THR A 205 17.46 -1.04 -19.42
CA THR A 205 17.95 -2.39 -19.65
C THR A 205 16.97 -3.44 -19.18
N VAL A 206 17.13 -4.64 -19.71
CA VAL A 206 16.54 -5.86 -19.17
C VAL A 206 17.68 -6.78 -18.76
N ASN A 207 17.64 -7.28 -17.54
CA ASN A 207 18.75 -7.99 -16.91
C ASN A 207 19.95 -7.05 -16.92
N GLY A 208 21.00 -7.31 -17.70
CA GLY A 208 22.13 -6.41 -17.72
C GLY A 208 22.53 -5.94 -19.10
N TYR A 209 21.58 -5.93 -20.04
CA TYR A 209 21.85 -5.60 -21.43
C TYR A 209 20.90 -4.50 -21.89
N VAL A 210 21.41 -3.63 -22.78
CA VAL A 210 20.70 -2.44 -23.22
C VAL A 210 20.43 -2.54 -24.71
N ASN A 211 19.37 -1.87 -25.15
CA ASN A 211 18.97 -1.79 -26.56
C ASN A 211 18.41 -3.11 -27.07
N GLY A 212 17.75 -3.87 -26.20
CA GLY A 212 17.06 -5.07 -26.62
C GLY A 212 17.95 -6.09 -27.29
N THR A 213 19.16 -6.29 -26.77
CA THR A 213 20.12 -7.21 -27.36
C THR A 213 20.45 -8.36 -26.42
N MET A 214 19.63 -8.57 -25.40
CA MET A 214 19.80 -9.73 -24.53
C MET A 214 19.59 -11.01 -25.34
N PRO A 215 20.45 -12.03 -25.18
CA PRO A 215 20.35 -13.21 -26.03
C PRO A 215 19.00 -13.89 -25.94
N ASP A 216 18.55 -14.44 -27.07
CA ASP A 216 17.19 -14.93 -27.19
C ASP A 216 16.93 -16.09 -26.23
N ILE A 217 15.70 -16.16 -25.74
CA ILE A 217 15.26 -17.24 -24.87
C ILE A 217 14.68 -18.35 -25.73
N THR A 218 15.25 -19.55 -25.62
CA THR A 218 14.83 -20.68 -26.43
C THR A 218 13.96 -21.61 -25.59
N VAL A 219 12.71 -21.78 -26.04
CA VAL A 219 11.76 -22.68 -25.38
C VAL A 219 11.17 -23.60 -26.45
N CYS A 220 10.63 -24.73 -25.99
CA CYS A 220 10.05 -25.70 -26.89
C CYS A 220 8.62 -25.28 -27.24
N ALA A 221 7.91 -26.15 -27.95
CA ALA A 221 6.58 -25.83 -28.47
C ALA A 221 5.50 -26.22 -27.46
N HIS A 222 4.55 -25.32 -27.24
CA HIS A 222 3.40 -25.56 -26.38
C HIS A 222 3.85 -26.02 -25.00
N ASP A 223 4.55 -25.12 -24.31
CA ASP A 223 5.22 -25.42 -23.07
C ASP A 223 4.68 -24.56 -21.94
N HIS A 224 4.72 -25.09 -20.72
CA HIS A 224 4.27 -24.37 -19.53
C HIS A 224 5.45 -23.57 -18.98
N ILE A 225 5.40 -22.26 -19.12
CA ILE A 225 6.47 -21.38 -18.67
C ILE A 225 5.95 -20.53 -17.52
N SER A 226 6.67 -20.58 -16.40
CA SER A 226 6.38 -19.73 -15.24
C SER A 226 7.36 -18.58 -15.24
N TRP A 227 6.84 -17.36 -15.25
CA TRP A 227 7.65 -16.16 -15.33
C TRP A 227 7.78 -15.54 -13.95
N HIS A 228 8.93 -14.90 -13.70
CA HIS A 228 9.18 -14.15 -12.47
C HIS A 228 9.71 -12.78 -12.89
N LEU A 229 8.81 -11.82 -13.03
CA LEU A 229 9.15 -10.50 -13.55
C LEU A 229 9.50 -9.58 -12.39
N LEU A 230 10.71 -9.03 -12.41
CA LEU A 230 11.17 -8.06 -11.43
C LEU A 230 11.32 -6.70 -12.10
N GLY A 231 10.96 -5.64 -11.38
CA GLY A 231 11.17 -4.30 -11.86
C GLY A 231 11.73 -3.40 -10.80
N MET A 232 12.89 -2.80 -11.04
CA MET A 232 13.54 -1.96 -10.04
C MET A 232 14.05 -0.68 -10.69
N SER A 233 13.97 0.42 -9.95
CA SER A 233 14.50 1.70 -10.40
C SER A 233 14.69 2.59 -9.18
N SER A 234 15.77 3.38 -9.19
CA SER A 234 16.04 4.27 -8.06
C SER A 234 14.96 5.33 -7.93
N GLY A 235 14.54 5.92 -9.05
CA GLY A 235 13.47 6.89 -9.04
C GLY A 235 12.14 6.26 -9.38
N PRO A 236 11.07 7.03 -9.31
CA PRO A 236 9.74 6.48 -9.65
C PRO A 236 9.62 6.18 -11.14
N GLU A 237 9.60 4.90 -11.49
CA GLU A 237 9.47 4.46 -12.86
C GLU A 237 8.44 3.34 -12.94
N LEU A 238 7.70 3.31 -14.05
CA LEU A 238 6.64 2.35 -14.27
C LEU A 238 6.95 1.49 -15.49
N PHE A 239 6.84 0.18 -15.32
CA PHE A 239 7.06 -0.77 -16.42
C PHE A 239 5.73 -1.40 -16.81
N SER A 240 5.40 -1.31 -18.09
CA SER A 240 4.20 -1.94 -18.64
C SER A 240 4.65 -3.02 -19.61
N ILE A 241 4.94 -4.20 -19.07
CA ILE A 241 5.48 -5.29 -19.86
C ILE A 241 4.36 -5.91 -20.70
N HIS A 242 4.62 -6.10 -21.99
CA HIS A 242 3.65 -6.71 -22.89
C HIS A 242 4.30 -7.89 -23.60
N PHE A 243 3.61 -9.03 -23.60
CA PHE A 243 4.07 -10.23 -24.29
C PHE A 243 3.30 -10.32 -25.61
N ASN A 244 3.93 -9.89 -26.70
CA ASN A 244 3.27 -9.87 -27.99
C ASN A 244 2.92 -11.30 -28.43
N GLY A 245 1.68 -11.48 -28.86
CA GLY A 245 1.25 -12.78 -29.35
C GLY A 245 1.05 -13.83 -28.29
N GLN A 246 1.06 -13.45 -27.01
CA GLN A 246 0.92 -14.41 -25.92
C GLN A 246 -0.04 -13.86 -24.88
N VAL A 247 -0.58 -14.77 -24.07
CA VAL A 247 -1.48 -14.40 -22.97
C VAL A 247 -1.00 -15.08 -21.70
N LEU A 248 -1.03 -14.33 -20.60
CA LEU A 248 -0.57 -14.81 -19.31
C LEU A 248 -1.73 -14.82 -18.32
N GLU A 249 -1.53 -15.51 -17.21
CA GLU A 249 -2.51 -15.57 -16.13
C GLU A 249 -1.87 -15.02 -14.87
N GLN A 250 -2.30 -13.84 -14.45
CA GLN A 250 -1.76 -13.16 -13.28
C GLN A 250 -2.89 -12.87 -12.31
N ASN A 251 -2.78 -13.42 -11.10
CA ASN A 251 -3.76 -13.20 -10.04
C ASN A 251 -5.17 -13.56 -10.50
N HIS A 252 -5.30 -14.72 -11.13
CA HIS A 252 -6.56 -15.25 -11.63
C HIS A 252 -7.18 -14.36 -12.71
N HIS A 253 -6.40 -13.50 -13.33
CA HIS A 253 -6.85 -12.66 -14.44
C HIS A 253 -5.96 -12.92 -15.64
N LYS A 254 -6.57 -13.33 -16.76
CA LYS A 254 -5.82 -13.56 -17.99
C LYS A 254 -5.61 -12.23 -18.69
N VAL A 255 -4.36 -11.77 -18.73
CA VAL A 255 -4.03 -10.47 -19.31
C VAL A 255 -2.86 -10.63 -20.27
N SER A 256 -2.81 -9.74 -21.25
CA SER A 256 -1.68 -9.72 -22.19
C SER A 256 -0.55 -8.82 -21.72
N ALA A 257 -0.86 -7.77 -20.98
CA ALA A 257 0.13 -6.82 -20.47
C ALA A 257 0.26 -6.96 -18.97
N ILE A 258 1.49 -7.07 -18.48
CA ILE A 258 1.78 -7.13 -17.06
C ILE A 258 2.36 -5.78 -16.66
N THR A 259 1.72 -5.13 -15.69
CA THR A 259 2.13 -3.81 -15.23
C THR A 259 2.93 -3.94 -13.94
N LEU A 260 4.09 -3.29 -13.90
CA LEU A 260 4.98 -3.35 -12.76
C LEU A 260 5.41 -1.95 -12.36
N VAL A 261 5.69 -1.79 -11.07
CA VAL A 261 6.17 -0.53 -10.51
C VAL A 261 7.58 -0.78 -9.98
N SER A 262 8.33 0.31 -9.84
CA SER A 262 9.72 0.21 -9.37
C SER A 262 9.79 -0.52 -8.04
N ALA A 263 10.73 -1.46 -7.95
CA ALA A 263 10.97 -2.26 -6.75
C ALA A 263 9.74 -3.12 -6.40
N THR A 264 9.32 -3.93 -7.38
CA THR A 264 8.23 -4.87 -7.20
C THR A 264 8.59 -6.18 -7.88
N SER A 265 7.65 -7.13 -7.85
CA SER A 265 7.87 -8.44 -8.47
C SER A 265 6.52 -9.10 -8.69
N THR A 266 6.49 -10.06 -9.61
CA THR A 266 5.26 -10.72 -10.01
C THR A 266 5.59 -12.06 -10.64
N THR A 267 4.67 -13.03 -10.49
CA THR A 267 4.77 -14.33 -11.13
C THR A 267 3.45 -14.65 -11.84
N ALA A 268 3.53 -15.43 -12.92
CA ALA A 268 2.36 -15.69 -13.74
C ALA A 268 2.58 -16.94 -14.59
N ASN A 269 1.48 -17.49 -15.08
CA ASN A 269 1.48 -18.53 -16.11
C ASN A 269 2.05 -18.04 -17.43
N MET A 270 2.20 -18.99 -18.34
CA MET A 270 2.25 -18.75 -19.78
C MET A 270 2.18 -20.09 -20.48
N THR A 271 1.29 -20.22 -21.46
CA THR A 271 1.25 -21.39 -22.32
C THR A 271 1.71 -20.98 -23.71
N VAL A 272 2.74 -21.65 -24.20
CA VAL A 272 3.47 -21.21 -25.38
C VAL A 272 2.77 -21.67 -26.65
N GLY A 273 2.89 -20.89 -27.71
CA GLY A 273 2.34 -21.26 -29.01
C GLY A 273 3.20 -22.27 -29.74
N PRO A 274 2.71 -22.75 -30.88
CA PRO A 274 3.44 -23.78 -31.64
C PRO A 274 4.83 -23.39 -32.10
N GLU A 275 4.94 -22.33 -32.89
CA GLU A 275 6.17 -22.07 -33.62
C GLU A 275 6.42 -20.58 -33.75
N GLY A 276 7.62 -20.23 -34.20
CA GLY A 276 7.99 -18.87 -34.47
C GLY A 276 8.57 -18.16 -33.26
N LYS A 277 9.22 -17.03 -33.53
CA LYS A 277 9.86 -16.23 -32.49
C LYS A 277 9.10 -14.93 -32.29
N TRP A 278 8.77 -14.63 -31.05
CA TRP A 278 8.03 -13.43 -30.69
C TRP A 278 8.97 -12.43 -30.02
N ILE A 279 8.39 -11.31 -29.59
CA ILE A 279 9.13 -10.25 -28.90
C ILE A 279 8.28 -9.74 -27.75
N ILE A 280 8.94 -9.37 -26.65
CA ILE A 280 8.29 -8.74 -25.51
C ILE A 280 8.89 -7.36 -25.35
N SER A 281 8.04 -6.38 -25.04
CA SER A 281 8.46 -4.99 -24.99
C SER A 281 7.73 -4.30 -23.86
N SER A 282 7.91 -2.98 -23.77
CA SER A 282 7.26 -2.15 -22.76
C SER A 282 6.33 -1.17 -23.45
N LEU A 283 5.11 -1.07 -22.94
CA LEU A 283 4.11 -0.18 -23.52
C LEU A 283 4.25 1.25 -23.05
N THR A 284 5.15 1.53 -22.11
CA THR A 284 5.38 2.91 -21.69
C THR A 284 6.10 3.65 -22.81
N PRO A 285 5.57 4.79 -23.27
CA PRO A 285 6.18 5.46 -24.44
C PRO A 285 7.64 5.81 -24.26
N LYS A 286 8.05 6.27 -23.08
CA LYS A 286 9.45 6.58 -22.87
C LYS A 286 10.28 5.31 -22.74
N HIS A 287 9.66 4.20 -22.35
CA HIS A 287 10.34 2.91 -22.34
C HIS A 287 10.44 2.31 -23.73
N LEU A 288 9.44 2.54 -24.57
CA LEU A 288 9.48 2.08 -25.95
C LEU A 288 10.40 2.93 -26.81
N GLN A 289 10.65 4.19 -26.41
CA GLN A 289 11.62 5.00 -27.13
C GLN A 289 13.00 4.38 -27.06
N ALA A 290 13.40 3.89 -25.89
CA ALA A 290 14.57 3.05 -25.77
C ALA A 290 14.20 1.61 -26.13
N GLY A 291 15.18 0.71 -26.09
CA GLY A 291 14.89 -0.66 -26.45
C GLY A 291 14.06 -1.40 -25.43
N MET A 292 14.67 -1.75 -24.30
CA MET A 292 14.06 -2.54 -23.24
C MET A 292 13.21 -3.67 -23.82
N GLN A 293 13.87 -4.55 -24.56
CA GLN A 293 13.21 -5.65 -25.23
C GLN A 293 13.95 -6.95 -24.95
N ALA A 294 13.20 -8.06 -25.03
CA ALA A 294 13.76 -9.40 -24.94
C ALA A 294 13.08 -10.27 -25.97
N TYR A 295 13.82 -11.18 -26.57
CA TYR A 295 13.32 -12.04 -27.63
C TYR A 295 13.13 -13.45 -27.09
N ILE A 296 11.93 -14.00 -27.29
CA ILE A 296 11.62 -15.36 -26.88
C ILE A 296 11.45 -16.21 -28.13
N ASP A 297 12.21 -17.29 -28.21
CA ASP A 297 12.23 -18.16 -29.39
C ASP A 297 11.49 -19.45 -29.08
N ILE A 298 10.55 -19.81 -29.95
CA ILE A 298 9.79 -21.04 -29.83
C ILE A 298 10.16 -21.93 -31.01
N LYS A 299 10.77 -23.07 -30.72
CA LYS A 299 11.20 -24.00 -31.75
C LYS A 299 10.52 -25.35 -31.53
N ASN A 300 10.02 -25.93 -32.61
CA ASN A 300 9.35 -27.22 -32.53
C ASN A 300 10.37 -28.32 -32.26
N CYS A 301 10.57 -28.66 -30.99
CA CYS A 301 11.61 -29.62 -30.63
C CYS A 301 11.15 -31.03 -30.96
N PRO A 302 11.85 -31.75 -31.85
CA PRO A 302 11.50 -33.15 -32.08
C PRO A 302 11.67 -34.03 -30.86
N LYS A 303 12.66 -33.73 -30.01
CA LYS A 303 12.91 -34.48 -28.79
C LYS A 303 12.04 -34.02 -27.63
N LYS A 304 11.21 -33.00 -27.83
CA LYS A 304 10.29 -32.55 -26.78
C LYS A 304 9.30 -33.64 -26.39
N THR A 305 9.03 -34.58 -27.29
CA THR A 305 8.01 -35.61 -27.10
C THR A 305 6.67 -34.93 -26.80
N ARG A 306 6.19 -34.17 -27.78
CA ARG A 306 4.95 -33.44 -27.63
C ARG A 306 3.79 -34.40 -27.43
N ASN A 307 2.95 -34.12 -26.44
CA ASN A 307 1.84 -35.01 -26.13
C ASN A 307 0.79 -35.04 -27.24
N LEU A 308 0.79 -34.04 -28.12
CA LEU A 308 -0.25 -33.90 -29.14
C LEU A 308 -1.63 -33.91 -28.49
N LYS A 309 -1.80 -33.05 -27.48
CA LYS A 309 -3.04 -33.05 -26.70
C LYS A 309 -4.24 -32.74 -27.58
N LYS A 310 -4.11 -31.76 -28.47
CA LYS A 310 -5.17 -31.39 -29.41
C LYS A 310 -6.48 -31.12 -28.66
N ILE A 311 -6.38 -30.32 -27.61
CA ILE A 311 -7.54 -30.02 -26.78
C ILE A 311 -8.38 -28.96 -27.47
N THR A 312 -9.34 -29.41 -28.28
CA THR A 312 -10.20 -28.51 -29.04
C THR A 312 -11.47 -29.26 -29.40
N ARG A 313 -12.54 -28.49 -29.66
CA ARG A 313 -13.82 -29.08 -30.02
C ARG A 313 -13.97 -29.19 -31.54
N GLU A 314 -13.88 -28.07 -32.25
CA GLU A 314 -14.01 -28.01 -33.70
C GLU A 314 -15.32 -28.64 -34.15
N GLN A 315 -16.42 -28.02 -33.72
CA GLN A 315 -17.77 -28.43 -34.09
C GLN A 315 -18.55 -27.20 -34.51
N ARG A 316 -19.46 -27.37 -35.48
CA ARG A 316 -20.02 -26.23 -36.21
C ARG A 316 -20.70 -25.22 -35.28
N ARG A 317 -21.26 -25.68 -34.17
CA ARG A 317 -21.98 -24.78 -33.29
C ARG A 317 -21.03 -23.77 -32.62
N HIS A 318 -21.59 -22.62 -32.26
CA HIS A 318 -20.92 -21.55 -31.51
C HIS A 318 -19.75 -20.93 -32.25
N MET A 319 -19.69 -21.07 -33.58
CA MET A 319 -18.64 -20.45 -34.37
C MET A 319 -19.21 -19.95 -35.70
N LYS A 320 -18.68 -18.82 -36.15
CA LYS A 320 -19.06 -18.23 -37.42
C LYS A 320 -17.86 -17.48 -37.98
N ARG A 321 -17.85 -17.29 -39.30
CA ARG A 321 -16.71 -16.66 -39.95
C ARG A 321 -16.55 -15.20 -39.52
N TRP A 322 -17.65 -14.47 -39.44
CA TRP A 322 -17.67 -13.06 -39.01
C TRP A 322 -16.64 -12.24 -39.79
N GLU A 323 -16.90 -12.11 -41.10
CA GLU A 323 -16.03 -11.30 -41.95
C GLU A 323 -16.10 -9.84 -41.54
N TYR A 324 -14.94 -9.18 -41.54
CA TYR A 324 -14.83 -7.78 -41.17
C TYR A 324 -13.99 -7.06 -42.21
N PHE A 325 -14.53 -6.00 -42.79
CA PHE A 325 -13.84 -5.20 -43.80
C PHE A 325 -13.53 -3.84 -43.18
N ILE A 326 -12.27 -3.59 -42.88
CA ILE A 326 -11.87 -2.42 -42.10
C ILE A 326 -10.90 -1.57 -42.92
N ALA A 327 -11.10 -1.51 -44.22
CA ALA A 327 -10.22 -0.77 -45.11
C ALA A 327 -10.02 0.67 -44.62
N ALA A 328 -8.78 1.00 -44.27
CA ALA A 328 -8.46 2.34 -43.79
C ALA A 328 -8.60 3.35 -44.91
N GLU A 329 -8.84 4.60 -44.54
CA GLU A 329 -9.07 5.66 -45.53
C GLU A 329 -8.57 6.98 -44.97
N GLU A 330 -7.92 7.77 -45.84
CA GLU A 330 -7.40 9.06 -45.43
C GLU A 330 -8.52 10.09 -45.40
N VAL A 331 -8.72 10.73 -44.23
CA VAL A 331 -9.80 11.68 -44.04
C VAL A 331 -9.24 12.93 -43.40
N ILE A 332 -10.09 13.96 -43.36
CA ILE A 332 -9.84 15.17 -42.59
C ILE A 332 -10.77 15.12 -41.38
N TRP A 333 -10.26 15.59 -40.23
CA TRP A 333 -10.99 15.42 -38.99
C TRP A 333 -10.94 16.69 -38.16
N ASP A 334 -12.00 16.91 -37.38
CA ASP A 334 -12.10 18.04 -36.47
C ASP A 334 -12.02 17.50 -35.04
N TYR A 335 -10.93 17.84 -34.35
CA TYR A 335 -10.80 17.44 -32.95
C TYR A 335 -11.90 18.05 -32.11
N ALA A 336 -12.28 19.28 -32.42
CA ALA A 336 -13.35 19.98 -31.73
C ALA A 336 -14.53 20.17 -32.67
N PRO A 337 -15.61 19.41 -32.51
CA PRO A 337 -16.80 19.64 -33.34
C PRO A 337 -17.50 20.93 -32.93
N VAL A 338 -16.87 22.06 -33.25
CA VAL A 338 -17.39 23.36 -32.78
C VAL A 338 -18.75 23.63 -33.38
N ILE A 339 -18.90 23.42 -34.69
CA ILE A 339 -20.21 23.56 -35.33
C ILE A 339 -20.86 22.18 -35.28
N PRO A 340 -22.18 22.06 -35.45
CA PRO A 340 -22.80 20.73 -35.31
C PRO A 340 -22.48 19.80 -36.48
N ALA A 341 -21.29 19.20 -36.41
CA ALA A 341 -20.84 18.20 -37.37
C ALA A 341 -21.05 16.83 -36.74
N ASN A 342 -21.89 16.01 -37.36
CA ASN A 342 -22.26 14.71 -36.81
C ASN A 342 -21.98 13.63 -37.84
N MET A 343 -22.33 12.38 -37.47
CA MET A 343 -22.21 11.19 -38.33
C MET A 343 -20.91 11.18 -39.13
N ASP A 344 -19.79 11.16 -38.39
CA ASP A 344 -18.41 10.97 -38.88
C ASP A 344 -18.12 11.94 -40.02
N LYS A 345 -17.41 11.52 -41.09
CA LYS A 345 -16.88 12.44 -42.08
C LYS A 345 -17.26 12.04 -43.50
N LYS A 346 -18.54 11.77 -43.76
CA LYS A 346 -19.00 11.48 -45.11
C LYS A 346 -18.73 12.67 -46.03
N TYR A 347 -19.11 13.87 -45.59
CA TYR A 347 -18.69 15.10 -46.24
C TYR A 347 -17.34 15.51 -45.66
N ARG A 348 -16.37 15.77 -46.53
CA ARG A 348 -15.00 15.82 -46.03
C ARG A 348 -14.58 17.22 -45.58
N SER A 349 -14.52 18.18 -46.50
CA SER A 349 -13.71 19.36 -46.20
C SER A 349 -14.43 20.39 -45.35
N GLN A 350 -15.45 21.04 -45.91
CA GLN A 350 -16.23 22.08 -45.25
C GLN A 350 -15.32 22.97 -44.40
N HIS A 351 -14.16 23.32 -44.94
CA HIS A 351 -13.09 23.86 -44.11
C HIS A 351 -12.97 25.37 -44.23
N LEU A 352 -12.66 26.01 -43.11
CA LEU A 352 -12.32 27.42 -43.07
C LEU A 352 -10.82 27.66 -43.01
N ASP A 353 -10.02 26.59 -43.07
CA ASP A 353 -8.55 26.60 -43.06
C ASP A 353 -7.98 27.15 -41.76
N ASN A 354 -8.75 27.22 -40.68
CA ASN A 354 -8.28 27.71 -39.40
C ASN A 354 -8.29 26.57 -38.39
N PHE A 355 -7.17 26.39 -37.69
CA PHE A 355 -7.07 25.29 -36.73
C PHE A 355 -8.08 25.46 -35.60
N SER A 356 -8.24 26.68 -35.10
CA SER A 356 -9.26 26.95 -34.11
C SER A 356 -10.58 27.30 -34.80
N ASN A 357 -11.59 27.63 -33.99
CA ASN A 357 -12.88 28.15 -34.44
C ASN A 357 -13.61 27.04 -35.20
N GLN A 358 -14.08 27.29 -36.42
CA GLN A 358 -14.94 26.35 -37.12
C GLN A 358 -14.13 25.22 -37.74
N ILE A 359 -14.81 24.43 -38.59
CA ILE A 359 -14.14 23.37 -39.32
C ILE A 359 -13.08 23.99 -40.22
N GLY A 360 -11.95 23.29 -40.35
CA GLY A 360 -10.78 23.85 -40.99
C GLY A 360 -9.60 23.56 -40.11
N LYS A 361 -9.89 22.94 -38.95
CA LYS A 361 -8.84 22.47 -38.07
C LYS A 361 -7.90 21.53 -38.81
N HIS A 362 -8.43 20.79 -39.78
CA HIS A 362 -7.65 20.11 -40.81
C HIS A 362 -6.64 19.12 -40.22
N TYR A 363 -6.84 18.67 -38.98
CA TYR A 363 -5.95 17.63 -38.48
C TYR A 363 -6.21 16.35 -39.28
N LYS A 364 -5.31 16.08 -40.22
CA LYS A 364 -5.53 15.11 -41.29
C LYS A 364 -5.13 13.75 -40.77
N LYS A 365 -6.12 12.99 -40.30
CA LYS A 365 -5.89 11.69 -39.69
C LYS A 365 -6.25 10.59 -40.67
N VAL A 366 -5.76 9.39 -40.40
CA VAL A 366 -6.08 8.21 -41.20
C VAL A 366 -6.75 7.20 -40.27
N MET A 367 -8.08 7.25 -40.22
CA MET A 367 -8.87 6.39 -39.36
C MET A 367 -9.34 5.17 -40.13
N TYR A 368 -9.60 4.10 -39.39
CA TYR A 368 -10.16 2.90 -39.99
C TYR A 368 -11.65 3.09 -40.24
N THR A 369 -12.12 2.55 -41.36
CA THR A 369 -13.53 2.64 -41.74
C THR A 369 -14.02 1.24 -42.13
N GLN A 370 -15.30 0.99 -41.85
CA GLN A 370 -15.92 -0.30 -42.13
C GLN A 370 -16.69 -0.25 -43.44
N TYR A 371 -16.55 -1.30 -44.24
CA TYR A 371 -17.31 -1.51 -45.47
C TYR A 371 -18.08 -2.82 -45.36
N GLU A 372 -18.76 -3.19 -46.45
CA GLU A 372 -19.54 -4.42 -46.48
C GLU A 372 -19.30 -5.31 -47.68
N ASP A 373 -18.71 -4.80 -48.75
CA ASP A 373 -18.59 -5.56 -50.00
C ASP A 373 -17.12 -5.90 -50.24
N GLU A 374 -16.91 -6.85 -51.17
CA GLU A 374 -15.56 -7.30 -51.49
C GLU A 374 -14.70 -6.20 -52.11
N SER A 375 -15.25 -5.40 -53.02
CA SER A 375 -14.48 -4.46 -53.81
C SER A 375 -14.31 -3.10 -53.16
N PHE A 376 -14.97 -2.84 -52.04
CA PHE A 376 -14.89 -1.55 -51.34
C PHE A 376 -15.30 -0.40 -52.25
N THR A 377 -16.17 -0.68 -53.24
CA THR A 377 -16.59 0.35 -54.18
C THR A 377 -17.57 1.34 -53.55
N LYS A 378 -18.30 0.91 -52.52
CA LYS A 378 -19.25 1.76 -51.83
C LYS A 378 -19.01 1.65 -50.33
N HIS A 379 -19.13 2.78 -49.63
CA HIS A 379 -18.88 2.79 -48.20
C HIS A 379 -19.80 1.82 -47.48
N THR A 380 -21.10 1.87 -47.81
CA THR A 380 -22.06 0.82 -47.50
C THR A 380 -22.29 0.67 -45.99
N VAL A 381 -21.56 1.43 -45.18
CA VAL A 381 -21.69 1.36 -43.73
C VAL A 381 -21.88 2.77 -43.21
N ASN A 382 -22.96 2.96 -42.45
CA ASN A 382 -23.22 4.22 -41.78
C ASN A 382 -24.13 3.98 -40.59
N PRO A 383 -23.63 3.39 -39.50
CA PRO A 383 -24.44 3.25 -38.29
C PRO A 383 -24.51 4.59 -37.57
N ASN A 384 -25.40 4.67 -36.59
CA ASN A 384 -25.50 5.91 -35.84
C ASN A 384 -24.28 6.02 -34.94
N MET A 385 -23.18 6.48 -35.51
CA MET A 385 -21.86 6.38 -34.88
C MET A 385 -21.37 7.76 -34.45
N LYS A 386 -22.29 8.64 -34.09
CA LYS A 386 -21.91 9.91 -33.49
C LYS A 386 -21.36 9.63 -32.09
N GLU A 387 -20.54 10.56 -31.59
CA GLU A 387 -19.79 10.57 -30.34
C GLU A 387 -18.75 9.44 -30.32
N ASP A 388 -18.71 8.59 -31.35
CA ASP A 388 -17.60 7.67 -31.58
C ASP A 388 -16.77 8.28 -32.70
N GLY A 389 -15.69 8.96 -32.33
CA GLY A 389 -14.98 9.78 -33.28
C GLY A 389 -13.85 9.05 -33.99
N ILE A 390 -12.61 9.44 -33.73
CA ILE A 390 -11.47 8.77 -34.36
C ILE A 390 -11.35 7.42 -33.67
N LEU A 391 -11.96 6.40 -34.27
CA LEU A 391 -11.94 5.06 -33.74
C LEU A 391 -12.17 4.09 -34.89
N GLY A 392 -11.38 3.03 -34.94
CA GLY A 392 -11.64 1.96 -35.86
C GLY A 392 -12.95 1.28 -35.50
N PRO A 393 -13.62 0.69 -36.49
CA PRO A 393 -14.85 -0.03 -36.20
C PRO A 393 -14.60 -1.13 -35.17
N ILE A 394 -15.52 -1.26 -34.22
CA ILE A 394 -15.32 -2.19 -33.11
C ILE A 394 -15.57 -3.61 -33.60
N ILE A 395 -14.64 -4.51 -33.28
CA ILE A 395 -14.74 -5.92 -33.62
C ILE A 395 -15.17 -6.67 -32.37
N ARG A 396 -16.25 -7.44 -32.47
CA ARG A 396 -16.75 -8.24 -31.36
C ARG A 396 -16.47 -9.70 -31.70
N ALA A 397 -15.52 -10.30 -30.98
CA ALA A 397 -15.08 -11.66 -31.25
C ALA A 397 -15.47 -12.58 -30.08
N GLN A 398 -16.19 -13.63 -30.40
CA GLN A 398 -16.61 -14.62 -29.41
C GLN A 398 -15.44 -15.55 -29.11
N VAL A 399 -15.63 -16.45 -28.15
CA VAL A 399 -14.69 -17.54 -27.94
C VAL A 399 -14.94 -18.61 -29.00
N ARG A 400 -13.88 -19.31 -29.38
CA ARG A 400 -13.79 -20.41 -30.33
C ARG A 400 -13.86 -19.93 -31.79
N ASP A 401 -14.16 -18.66 -32.05
CA ASP A 401 -14.49 -18.21 -33.39
C ASP A 401 -13.24 -17.93 -34.23
N THR A 402 -13.48 -17.43 -35.44
CA THR A 402 -12.43 -16.89 -36.30
C THR A 402 -12.99 -15.67 -37.00
N LEU A 403 -12.13 -14.92 -37.67
CA LEU A 403 -12.57 -13.73 -38.38
C LEU A 403 -11.56 -13.36 -39.46
N LYS A 404 -12.01 -12.51 -40.39
CA LYS A 404 -11.24 -12.11 -41.55
C LYS A 404 -11.16 -10.60 -41.62
N ILE A 405 -9.98 -10.08 -41.94
CA ILE A 405 -9.72 -8.64 -41.96
C ILE A 405 -9.15 -8.28 -43.32
N VAL A 406 -9.72 -7.27 -43.97
CA VAL A 406 -9.30 -6.83 -45.28
C VAL A 406 -9.06 -5.32 -45.25
N PHE A 407 -7.93 -4.88 -45.80
CA PHE A 407 -7.58 -3.47 -45.88
C PHE A 407 -7.47 -3.00 -47.32
N LYS A 408 -7.59 -1.68 -47.48
CA LYS A 408 -7.30 -1.02 -48.75
C LYS A 408 -6.86 0.40 -48.41
N ASN A 409 -5.54 0.62 -48.38
CA ASN A 409 -4.99 1.92 -47.99
C ASN A 409 -5.36 2.97 -49.02
N MET A 410 -6.20 3.92 -48.61
CA MET A 410 -6.57 5.05 -49.47
C MET A 410 -5.74 6.28 -49.18
N ALA A 411 -4.75 6.18 -48.30
CA ALA A 411 -3.89 7.30 -47.96
C ALA A 411 -2.64 7.28 -48.86
N SER A 412 -1.62 8.03 -48.46
CA SER A 412 -0.33 8.03 -49.16
C SER A 412 0.72 7.18 -48.47
N ARG A 413 1.02 7.46 -47.21
CA ARG A 413 2.00 6.68 -46.47
C ARG A 413 1.47 5.27 -46.24
N PRO A 414 2.33 4.25 -46.33
CA PRO A 414 1.88 2.89 -46.03
C PRO A 414 1.57 2.73 -44.55
N TYR A 415 0.51 1.96 -44.28
CA TYR A 415 0.07 1.70 -42.92
C TYR A 415 -0.17 0.21 -42.75
N SER A 416 -0.48 -0.20 -41.53
CA SER A 416 -0.76 -1.59 -41.22
C SER A 416 -1.68 -1.66 -40.00
N ILE A 417 -1.98 -2.87 -39.57
CA ILE A 417 -2.78 -3.11 -38.38
C ILE A 417 -2.09 -4.16 -37.52
N TYR A 418 -1.94 -3.86 -36.23
CA TYR A 418 -1.42 -4.82 -35.28
C TYR A 418 -2.51 -5.18 -34.28
N PRO A 419 -2.96 -6.41 -34.25
CA PRO A 419 -3.91 -6.82 -33.22
C PRO A 419 -3.22 -6.91 -31.86
N HIS A 420 -3.47 -5.94 -30.99
CA HIS A 420 -2.83 -5.90 -29.67
C HIS A 420 -3.71 -6.68 -28.71
N GLY A 421 -3.16 -7.75 -28.15
CA GLY A 421 -3.95 -8.61 -27.31
C GLY A 421 -5.10 -9.27 -28.04
N VAL A 422 -5.08 -9.24 -29.37
CA VAL A 422 -6.09 -9.90 -30.17
C VAL A 422 -5.57 -11.18 -30.83
N THR A 423 -4.30 -11.22 -31.22
CA THR A 423 -3.62 -12.49 -31.45
C THR A 423 -3.04 -13.03 -30.15
N PHE A 424 -3.90 -13.01 -29.12
CA PHE A 424 -3.53 -13.56 -27.82
C PHE A 424 -3.45 -15.07 -27.87
N SER A 425 -4.39 -15.69 -28.58
CA SER A 425 -4.31 -17.12 -28.85
C SER A 425 -3.10 -17.37 -29.75
N PRO A 426 -2.50 -18.56 -29.66
CA PRO A 426 -1.39 -18.89 -30.56
C PRO A 426 -1.73 -18.61 -32.02
N TYR A 427 -1.05 -17.61 -32.60
CA TYR A 427 -1.34 -17.16 -33.94
C TYR A 427 -1.12 -18.28 -34.95
N GLU A 428 -2.03 -18.39 -35.92
CA GLU A 428 -1.95 -19.47 -36.90
C GLU A 428 -0.64 -19.38 -37.68
N ASP A 429 0.02 -20.52 -37.82
CA ASP A 429 1.37 -20.54 -38.38
C ASP A 429 1.36 -20.14 -39.85
N GLU A 430 2.48 -19.58 -40.29
CA GLU A 430 2.60 -19.07 -41.65
C GLU A 430 3.99 -19.37 -42.18
N VAL A 431 4.09 -19.43 -43.51
CA VAL A 431 5.36 -19.67 -44.20
C VAL A 431 5.77 -18.45 -45.02
N ASN A 432 4.80 -17.74 -45.60
CA ASN A 432 5.08 -16.53 -46.36
C ASN A 432 4.23 -15.35 -45.91
N SER A 433 3.20 -15.57 -45.10
CA SER A 433 2.37 -14.47 -44.59
C SER A 433 3.08 -13.62 -43.57
N SER A 434 4.27 -14.02 -43.11
CA SER A 434 5.03 -13.21 -42.17
C SER A 434 5.32 -11.83 -42.75
N PHE A 435 5.51 -11.73 -44.06
CA PHE A 435 5.65 -10.46 -44.76
C PHE A 435 6.81 -9.64 -44.20
N THR A 436 8.01 -10.18 -44.38
CA THR A 436 9.27 -9.62 -43.90
C THR A 436 9.11 -8.97 -42.52
N SER A 437 8.68 -9.81 -41.58
CA SER A 437 8.40 -9.34 -40.22
C SER A 437 9.66 -8.84 -39.53
N GLY A 438 10.84 -9.18 -40.05
CA GLY A 438 12.08 -8.89 -39.39
C GLY A 438 12.45 -9.90 -38.32
N ARG A 439 12.09 -11.17 -38.50
CA ARG A 439 12.37 -12.23 -37.53
C ARG A 439 11.65 -11.96 -36.21
N ASN A 440 10.36 -11.58 -36.31
CA ASN A 440 9.56 -11.30 -35.13
C ASN A 440 8.12 -11.78 -35.21
N ASN A 441 7.73 -12.49 -36.27
CA ASN A 441 6.35 -12.93 -36.49
C ASN A 441 5.36 -11.76 -36.48
N THR A 442 5.84 -10.57 -36.84
CA THR A 442 5.00 -9.36 -36.86
C THR A 442 4.48 -9.18 -38.28
N MET A 443 3.22 -9.55 -38.50
CA MET A 443 2.63 -9.48 -39.83
C MET A 443 2.33 -8.04 -40.21
N ILE A 444 3.29 -7.39 -40.88
CA ILE A 444 3.11 -6.04 -41.41
C ILE A 444 3.64 -6.01 -42.83
N ARG A 445 2.72 -5.99 -43.79
CA ARG A 445 3.08 -5.70 -45.16
C ARG A 445 3.28 -4.21 -45.38
N ALA A 446 2.74 -3.37 -44.50
CA ALA A 446 2.72 -1.91 -44.68
C ALA A 446 2.09 -1.57 -46.02
N VAL A 447 0.79 -1.88 -46.09
CA VAL A 447 0.02 -1.84 -47.33
C VAL A 447 0.22 -0.51 -48.07
N GLN A 448 0.63 -0.60 -49.32
CA GLN A 448 0.81 0.58 -50.15
C GLN A 448 -0.56 1.10 -50.61
N PRO A 449 -0.63 2.36 -51.05
CA PRO A 449 -1.87 2.85 -51.62
C PRO A 449 -2.30 2.01 -52.81
N GLY A 450 -3.60 1.77 -52.91
CA GLY A 450 -4.11 0.90 -53.95
C GLY A 450 -3.67 -0.54 -53.81
N GLU A 451 -3.56 -1.03 -52.58
CA GLU A 451 -3.17 -2.41 -52.31
C GLU A 451 -4.15 -3.00 -51.29
N THR A 452 -4.38 -4.31 -51.41
CA THR A 452 -5.35 -4.99 -50.54
C THR A 452 -4.84 -6.38 -50.23
N TYR A 453 -4.87 -6.74 -48.94
CA TYR A 453 -4.49 -8.08 -48.52
C TYR A 453 -5.19 -8.39 -47.20
N THR A 454 -5.15 -9.67 -46.82
CA THR A 454 -6.03 -10.20 -45.80
C THR A 454 -5.25 -10.77 -44.63
N TYR A 455 -5.77 -10.58 -43.42
CA TYR A 455 -5.26 -11.19 -42.20
C TYR A 455 -6.23 -12.27 -41.73
N LYS A 456 -5.69 -13.27 -41.03
CA LYS A 456 -6.47 -14.32 -40.39
C LYS A 456 -6.22 -14.27 -38.89
N TRP A 457 -7.29 -14.15 -38.11
CA TRP A 457 -7.23 -14.19 -36.66
C TRP A 457 -8.17 -15.28 -36.16
N ASN A 458 -7.90 -15.78 -34.96
CA ASN A 458 -8.66 -16.92 -34.43
C ASN A 458 -8.50 -16.97 -32.91
N ILE A 459 -8.96 -18.07 -32.32
CA ILE A 459 -8.98 -18.27 -30.87
C ILE A 459 -9.18 -19.75 -30.58
N LEU A 460 -8.48 -20.25 -29.56
CA LEU A 460 -8.68 -21.60 -29.08
C LEU A 460 -9.58 -21.58 -27.84
N GLU A 461 -9.72 -22.73 -27.18
CA GLU A 461 -10.62 -22.83 -26.03
C GLU A 461 -10.13 -21.99 -24.86
N PHE A 462 -8.84 -22.06 -24.56
CA PHE A 462 -8.32 -21.22 -23.49
C PHE A 462 -8.27 -19.76 -23.95
N ASP A 463 -8.86 -18.89 -23.14
CA ASP A 463 -9.24 -17.55 -23.58
C ASP A 463 -8.95 -16.54 -22.48
N GLU A 464 -8.85 -15.28 -22.88
CA GLU A 464 -8.61 -14.20 -21.93
C GLU A 464 -9.71 -14.05 -20.89
N PRO A 465 -11.00 -14.14 -21.24
CA PRO A 465 -12.03 -14.11 -20.19
C PRO A 465 -11.87 -15.25 -19.20
N THR A 466 -12.12 -14.96 -17.93
CA THR A 466 -11.93 -15.88 -16.83
C THR A 466 -13.17 -15.82 -15.94
N GLU A 467 -13.28 -16.78 -15.01
CA GLU A 467 -14.42 -16.79 -14.11
C GLU A 467 -14.51 -15.51 -13.29
N ASN A 468 -13.38 -15.02 -12.79
CA ASN A 468 -13.34 -13.77 -12.05
C ASN A 468 -12.91 -12.62 -12.96
N ASP A 469 -13.76 -12.32 -13.94
CA ASP A 469 -13.48 -11.26 -14.91
C ASP A 469 -14.80 -10.72 -15.43
N ALA A 470 -14.68 -9.67 -16.24
CA ALA A 470 -15.85 -9.03 -16.83
C ALA A 470 -16.40 -9.86 -17.98
N GLN A 471 -17.59 -9.47 -18.45
CA GLN A 471 -18.22 -10.18 -19.55
C GLN A 471 -17.39 -10.08 -20.82
N CYS A 472 -16.97 -8.88 -21.19
CA CYS A 472 -16.18 -8.65 -22.40
C CYS A 472 -14.90 -7.92 -22.03
N LEU A 473 -13.78 -8.42 -22.50
CA LEU A 473 -12.49 -7.79 -22.27
C LEU A 473 -12.20 -6.79 -23.38
N THR A 474 -11.45 -5.75 -23.02
CA THR A 474 -11.10 -4.68 -23.96
C THR A 474 -9.63 -4.79 -24.33
N ARG A 475 -9.35 -4.78 -25.63
CA ARG A 475 -8.01 -4.88 -26.14
C ARG A 475 -7.93 -4.08 -27.44
N PRO A 476 -7.00 -3.14 -27.55
CA PRO A 476 -6.99 -2.26 -28.73
C PRO A 476 -6.24 -2.85 -29.92
N TYR A 477 -6.20 -2.11 -31.02
CA TYR A 477 -5.38 -2.50 -32.17
C TYR A 477 -4.93 -1.24 -32.90
N TYR A 478 -3.69 -1.26 -33.36
CA TYR A 478 -3.07 -0.10 -34.01
C TYR A 478 -2.09 -0.61 -35.06
N SER A 479 -1.21 0.28 -35.52
CA SER A 479 -0.20 -0.06 -36.50
C SER A 479 1.16 -0.26 -35.85
N ASP A 480 2.09 -0.84 -36.60
CA ASP A 480 3.42 -1.16 -36.09
C ASP A 480 4.55 -0.40 -36.74
N VAL A 481 4.33 0.24 -37.90
CA VAL A 481 5.44 0.84 -38.62
C VAL A 481 6.09 1.97 -37.81
N ASP A 482 5.27 2.78 -37.14
CA ASP A 482 5.79 3.82 -36.25
C ASP A 482 4.71 4.10 -35.21
N ILE A 483 4.91 3.56 -34.01
CA ILE A 483 3.87 3.60 -32.99
C ILE A 483 3.53 5.04 -32.62
N MET A 484 4.55 5.86 -32.37
CA MET A 484 4.32 7.20 -31.83
C MET A 484 3.51 8.05 -32.79
N ARG A 485 3.97 8.17 -34.04
CA ARG A 485 3.37 9.09 -34.99
C ARG A 485 2.19 8.49 -35.76
N ASP A 486 1.85 7.23 -35.50
CA ASP A 486 0.59 6.67 -35.99
C ASP A 486 -0.50 6.63 -34.92
N ILE A 487 -0.13 6.46 -33.66
CA ILE A 487 -1.07 6.75 -32.58
C ILE A 487 -1.40 8.23 -32.59
N ALA A 488 -0.39 9.07 -32.81
CA ALA A 488 -0.66 10.49 -33.04
C ALA A 488 -1.50 10.69 -34.30
N SER A 489 -1.37 9.77 -35.26
CA SER A 489 -2.26 9.77 -36.41
C SER A 489 -3.58 9.09 -36.04
N GLY A 490 -4.43 8.91 -37.04
CA GLY A 490 -5.76 8.37 -36.80
C GLY A 490 -5.82 6.87 -36.66
N LEU A 491 -4.69 6.18 -36.78
CA LEU A 491 -4.66 4.73 -36.73
C LEU A 491 -4.85 4.25 -35.30
N ILE A 492 -6.11 4.23 -34.89
CA ILE A 492 -6.51 3.84 -33.55
C ILE A 492 -7.66 2.85 -33.66
N GLY A 493 -7.79 1.99 -32.67
CA GLY A 493 -8.86 1.01 -32.70
C GLY A 493 -9.10 0.42 -31.33
N LEU A 494 -10.18 -0.35 -31.25
CA LEU A 494 -10.56 -1.03 -30.02
C LEU A 494 -11.53 -2.15 -30.36
N LEU A 495 -11.21 -3.36 -29.93
CA LEU A 495 -12.08 -4.50 -30.15
C LEU A 495 -12.23 -5.28 -28.87
N LEU A 496 -13.30 -6.06 -28.79
CA LEU A 496 -13.70 -6.74 -27.58
C LEU A 496 -13.60 -8.25 -27.75
N ILE A 497 -13.23 -8.93 -26.67
CA ILE A 497 -13.19 -10.38 -26.62
C ILE A 497 -14.29 -10.83 -25.67
N CYS A 498 -15.48 -11.05 -26.20
CA CYS A 498 -16.66 -11.29 -25.38
C CYS A 498 -16.81 -12.77 -25.06
N LYS A 499 -16.89 -13.07 -23.77
CA LYS A 499 -17.16 -14.44 -23.31
C LYS A 499 -18.62 -14.83 -23.50
N SER A 500 -19.54 -13.87 -23.52
CA SER A 500 -20.94 -14.17 -23.71
C SER A 500 -21.16 -14.85 -25.06
N ARG A 501 -21.91 -15.95 -25.05
CA ARG A 501 -22.07 -16.75 -26.25
C ARG A 501 -23.04 -16.12 -27.24
N SER A 502 -24.07 -15.44 -26.73
CA SER A 502 -25.15 -14.93 -27.58
C SER A 502 -24.87 -13.48 -27.97
N LEU A 503 -24.06 -13.32 -29.02
CA LEU A 503 -23.82 -12.02 -29.64
C LEU A 503 -24.25 -12.00 -31.10
N ASP A 504 -23.82 -12.99 -31.88
CA ASP A 504 -24.27 -13.19 -33.27
C ASP A 504 -24.06 -11.94 -34.12
N ARG A 505 -23.04 -11.14 -33.81
CA ARG A 505 -22.72 -9.88 -34.49
C ARG A 505 -23.86 -8.87 -34.43
N ARG A 506 -24.83 -9.06 -33.53
CA ARG A 506 -25.93 -8.11 -33.34
C ARG A 506 -25.80 -7.34 -32.03
N GLY A 507 -25.53 -8.03 -30.93
CA GLY A 507 -25.39 -7.38 -29.64
C GLY A 507 -25.17 -8.39 -28.53
N ILE A 508 -24.44 -7.99 -27.49
CA ILE A 508 -24.16 -8.90 -26.39
C ILE A 508 -25.43 -9.21 -25.61
N GLN A 509 -26.03 -8.19 -25.01
CA GLN A 509 -27.29 -8.33 -24.29
C GLN A 509 -28.04 -7.01 -24.42
N ARG A 510 -29.24 -7.05 -25.02
CA ARG A 510 -30.02 -5.83 -25.14
C ARG A 510 -30.82 -5.57 -23.87
N ALA A 511 -30.15 -5.62 -22.73
CA ALA A 511 -30.66 -5.11 -21.47
C ALA A 511 -29.65 -4.22 -20.77
N ALA A 512 -28.37 -4.27 -21.16
CA ALA A 512 -27.35 -3.38 -20.66
C ALA A 512 -26.94 -2.46 -21.81
N ASP A 513 -27.22 -1.16 -21.66
CA ASP A 513 -26.85 -0.20 -22.68
C ASP A 513 -25.34 -0.20 -22.88
N ILE A 514 -24.92 0.00 -24.12
CA ILE A 514 -23.50 -0.12 -24.46
C ILE A 514 -22.92 1.22 -24.88
N GLU A 515 -22.37 1.95 -23.91
CA GLU A 515 -21.55 3.13 -24.20
C GLU A 515 -20.10 2.66 -24.31
N GLN A 516 -19.86 1.89 -25.37
CA GLN A 516 -18.68 1.03 -25.42
C GLN A 516 -17.39 1.85 -25.43
N GLN A 517 -17.27 2.80 -26.34
CA GLN A 517 -15.98 3.44 -26.60
C GLN A 517 -15.90 4.77 -25.86
N ALA A 518 -15.08 4.79 -24.81
CA ALA A 518 -14.67 6.02 -24.11
C ALA A 518 -13.16 5.95 -23.97
N VAL A 519 -12.44 6.43 -24.98
CA VAL A 519 -10.98 6.29 -25.06
C VAL A 519 -10.36 7.67 -24.89
N PHE A 520 -9.49 7.80 -23.88
CA PHE A 520 -8.79 9.06 -23.63
C PHE A 520 -7.51 9.06 -24.45
N ALA A 521 -7.64 9.45 -25.73
CA ALA A 521 -6.53 9.46 -26.66
C ALA A 521 -5.92 10.85 -26.72
N VAL A 522 -4.60 10.93 -26.61
CA VAL A 522 -3.86 12.19 -26.67
C VAL A 522 -3.11 12.19 -27.99
N PHE A 523 -3.67 12.86 -28.99
CA PHE A 523 -3.06 12.95 -30.32
C PHE A 523 -2.10 14.14 -30.32
N ASP A 524 -0.82 13.87 -30.52
CA ASP A 524 0.19 14.93 -30.61
C ASP A 524 0.33 15.36 -32.06
N GLU A 525 -0.27 16.50 -32.40
CA GLU A 525 -0.20 16.98 -33.78
C GLU A 525 1.22 17.38 -34.19
N ASN A 526 2.06 17.80 -33.23
CA ASN A 526 3.45 18.07 -33.55
C ASN A 526 4.24 16.80 -33.86
N LYS A 527 3.66 15.62 -33.57
CA LYS A 527 4.25 14.36 -33.98
C LYS A 527 3.52 13.75 -35.17
N SER A 528 2.53 14.44 -35.72
CA SER A 528 1.73 13.88 -36.81
C SER A 528 2.57 13.69 -38.06
N TRP A 529 2.29 12.62 -38.79
CA TRP A 529 3.01 12.36 -40.03
C TRP A 529 2.67 13.37 -41.12
N TYR A 530 1.46 13.94 -41.07
CA TYR A 530 1.02 14.92 -42.05
C TYR A 530 1.22 16.35 -41.56
N LEU A 531 2.26 16.58 -40.76
CA LEU A 531 2.49 17.91 -40.18
C LEU A 531 2.80 18.95 -41.25
N GLU A 532 3.64 18.59 -42.22
CA GLU A 532 4.18 19.59 -43.15
C GLU A 532 3.07 20.23 -44.00
N ASP A 533 2.13 19.42 -44.50
CA ASP A 533 1.03 19.99 -45.27
C ASP A 533 -0.01 20.63 -44.37
N ASN A 534 -0.23 20.08 -43.18
CA ASN A 534 -1.28 20.58 -42.30
C ASN A 534 -0.90 21.91 -41.68
N ILE A 535 0.21 21.95 -40.95
CA ILE A 535 0.59 23.11 -40.16
C ILE A 535 0.89 24.33 -41.02
N ASN A 536 1.62 24.15 -42.12
CA ASN A 536 2.19 25.29 -42.83
C ASN A 536 1.27 25.80 -43.93
N LYS A 537 0.86 24.92 -44.84
CA LYS A 537 0.20 25.35 -46.07
C LYS A 537 -1.11 26.08 -45.79
N PHE A 538 -1.74 25.83 -44.64
CA PHE A 538 -3.07 26.34 -44.34
C PHE A 538 -3.08 27.30 -43.16
N CYS A 539 -2.12 28.22 -43.13
CA CYS A 539 -2.09 29.30 -42.16
C CYS A 539 -1.47 30.52 -42.82
N GLU A 540 -1.72 31.69 -42.23
CA GLU A 540 -1.17 32.94 -42.74
C GLU A 540 0.27 33.17 -42.28
N ASN A 541 1.09 32.14 -42.47
CA ASN A 541 2.47 32.12 -42.06
C ASN A 541 3.34 31.55 -43.18
N PRO A 542 4.63 31.90 -43.21
CA PRO A 542 5.52 31.31 -44.23
C PRO A 542 5.77 29.82 -44.01
N ASP A 543 6.61 29.22 -44.84
CA ASP A 543 6.83 27.78 -44.81
C ASP A 543 8.06 27.46 -43.95
N GLU A 544 7.82 27.30 -42.66
CA GLU A 544 8.80 26.77 -41.72
C GLU A 544 8.12 25.72 -40.85
N VAL A 545 8.87 24.67 -40.49
CA VAL A 545 8.29 23.60 -39.68
C VAL A 545 7.86 24.14 -38.31
N LYS A 546 8.71 24.95 -37.70
CA LYS A 546 8.42 25.64 -36.43
C LYS A 546 7.91 24.66 -35.38
N ARG A 547 8.76 23.72 -35.01
CA ARG A 547 8.46 22.79 -33.91
C ARG A 547 9.02 23.26 -32.58
N ASP A 548 9.97 24.21 -32.59
CA ASP A 548 10.37 24.85 -31.35
C ASP A 548 9.22 25.74 -30.87
N ASP A 549 8.61 25.35 -29.77
CA ASP A 549 7.34 26.07 -29.54
C ASP A 549 7.23 27.04 -28.39
N PRO A 550 6.91 28.32 -28.66
CA PRO A 550 6.46 29.16 -27.55
C PRO A 550 5.19 28.56 -26.98
N LYS A 551 4.32 28.10 -27.88
CA LYS A 551 3.08 27.40 -27.55
C LYS A 551 2.80 26.18 -28.41
N PHE A 552 3.40 26.05 -29.60
CA PHE A 552 2.88 25.14 -30.61
C PHE A 552 2.93 23.68 -30.17
N TYR A 553 4.05 23.25 -29.58
CA TYR A 553 4.13 21.84 -29.18
C TYR A 553 3.15 21.52 -28.06
N GLU A 554 2.62 22.54 -27.38
CA GLU A 554 1.56 22.37 -26.41
C GLU A 554 0.18 22.71 -26.98
N SER A 555 0.10 23.63 -27.93
CA SER A 555 -1.19 24.02 -28.49
C SER A 555 -1.71 22.95 -29.44
N ASN A 556 -0.84 22.39 -30.29
CA ASN A 556 -1.26 21.42 -31.29
C ASN A 556 -1.72 20.11 -30.64
N ILE A 557 -1.08 19.69 -29.57
CA ILE A 557 -1.50 18.47 -28.88
C ILE A 557 -2.84 18.73 -28.22
N MET A 558 -3.77 17.79 -28.40
CA MET A 558 -5.13 17.93 -27.89
C MET A 558 -5.57 16.62 -27.27
N SER A 559 -5.95 16.66 -25.99
CA SER A 559 -6.48 15.48 -25.31
C SER A 559 -7.96 15.38 -25.58
N THR A 560 -8.40 14.24 -26.10
CA THR A 560 -9.77 14.03 -26.52
C THR A 560 -10.30 12.71 -25.99
N ILE A 561 -11.62 12.62 -25.87
CA ILE A 561 -12.31 11.38 -25.55
C ILE A 561 -12.97 10.91 -26.84
N ASN A 562 -12.47 9.81 -27.39
CA ASN A 562 -12.89 9.30 -28.70
C ASN A 562 -12.76 10.38 -29.77
N GLY A 563 -11.63 11.08 -29.77
CA GLY A 563 -11.35 12.06 -30.80
C GLY A 563 -12.12 13.35 -30.70
N TYR A 564 -12.98 13.50 -29.68
CA TYR A 564 -13.73 14.72 -29.46
C TYR A 564 -13.24 15.36 -28.18
N VAL A 565 -12.95 16.65 -28.24
CA VAL A 565 -12.52 17.37 -27.02
C VAL A 565 -13.67 17.39 -26.03
N PRO A 566 -13.42 17.20 -24.73
CA PRO A 566 -14.53 17.15 -23.76
C PRO A 566 -15.31 18.44 -23.66
N GLU A 567 -14.74 19.57 -24.09
CA GLU A 567 -15.45 20.85 -24.01
C GLU A 567 -16.59 20.96 -25.01
N SER A 568 -16.71 20.01 -25.95
CA SER A 568 -17.77 20.07 -26.94
C SER A 568 -18.46 18.72 -27.13
N ILE A 569 -18.37 17.84 -26.13
CA ILE A 569 -19.09 16.58 -26.14
C ILE A 569 -20.41 16.80 -25.42
N THR A 570 -21.52 16.47 -26.09
CA THR A 570 -22.83 16.64 -25.48
C THR A 570 -23.02 15.67 -24.33
N THR A 571 -23.89 16.06 -23.40
CA THR A 571 -24.12 15.25 -22.21
C THR A 571 -24.70 13.90 -22.60
N LEU A 572 -24.48 12.90 -21.74
CA LEU A 572 -24.97 11.55 -22.02
C LEU A 572 -26.34 11.36 -21.39
N GLY A 573 -26.91 10.17 -21.57
CA GLY A 573 -28.18 9.85 -20.97
C GLY A 573 -28.43 8.36 -20.83
N PHE A 574 -28.78 7.95 -19.61
CA PHE A 574 -29.19 6.58 -19.32
C PHE A 574 -30.30 6.66 -18.28
N CYS A 575 -31.22 5.71 -18.33
CA CYS A 575 -32.37 5.81 -17.44
C CYS A 575 -32.20 4.90 -16.24
N PHE A 576 -33.24 4.88 -15.40
CA PHE A 576 -33.17 4.21 -14.11
C PHE A 576 -33.13 2.69 -14.26
N ASP A 577 -32.42 2.04 -13.34
CA ASP A 577 -32.31 0.59 -13.31
C ASP A 577 -31.80 0.06 -14.64
N ASP A 578 -30.65 0.60 -15.06
CA ASP A 578 -30.04 0.24 -16.34
C ASP A 578 -28.57 -0.01 -16.13
N THR A 579 -28.04 -1.02 -16.82
CA THR A 579 -26.61 -1.32 -16.78
C THR A 579 -25.95 -0.70 -18.01
N VAL A 580 -24.78 -0.10 -17.80
CA VAL A 580 -24.06 0.57 -18.88
C VAL A 580 -22.67 -0.06 -18.98
N GLN A 581 -22.31 -0.49 -20.19
CA GLN A 581 -21.00 -1.07 -20.45
C GLN A 581 -20.02 0.01 -20.88
N TRP A 582 -18.92 0.12 -20.16
CA TRP A 582 -17.87 1.08 -20.47
C TRP A 582 -16.57 0.35 -20.79
N HIS A 583 -15.91 0.77 -21.86
CA HIS A 583 -14.61 0.23 -22.24
C HIS A 583 -13.64 1.40 -22.41
N PHE A 584 -12.80 1.62 -21.41
CA PHE A 584 -11.81 2.69 -21.43
C PHE A 584 -10.47 2.17 -21.94
N CYS A 585 -9.63 3.11 -22.37
CA CYS A 585 -8.26 2.81 -22.77
C CYS A 585 -7.47 4.11 -22.90
N SER A 586 -6.27 4.14 -22.33
CA SER A 586 -5.39 5.29 -22.43
C SER A 586 -4.30 4.97 -23.45
N VAL A 587 -4.34 5.66 -24.58
CA VAL A 587 -3.46 5.33 -25.70
C VAL A 587 -2.59 6.49 -26.14
N GLY A 588 -2.93 7.73 -25.81
CA GLY A 588 -2.11 8.85 -26.20
C GLY A 588 -0.75 8.82 -25.52
N THR A 589 0.23 9.45 -26.18
CA THR A 589 1.61 9.43 -25.71
C THR A 589 1.78 10.36 -24.51
N GLN A 590 1.04 10.05 -23.45
CA GLN A 590 1.11 10.83 -22.23
C GLN A 590 2.24 10.40 -21.31
N ASN A 591 2.57 9.09 -21.31
CA ASN A 591 3.61 8.51 -20.48
C ASN A 591 3.20 8.54 -19.00
N GLU A 592 2.06 9.16 -18.71
CA GLU A 592 1.55 9.29 -17.37
C GLU A 592 0.28 8.46 -17.21
N ILE A 593 0.12 7.85 -16.04
CA ILE A 593 -1.09 7.10 -15.75
C ILE A 593 -2.26 8.06 -15.57
N LEU A 594 -3.47 7.56 -15.81
CA LEU A 594 -4.67 8.37 -15.73
C LEU A 594 -5.70 7.67 -14.86
N THR A 595 -6.38 8.43 -14.01
CA THR A 595 -7.42 7.91 -13.14
C THR A 595 -8.74 8.62 -13.42
N ILE A 596 -9.85 7.89 -13.27
CA ILE A 596 -11.18 8.41 -13.56
C ILE A 596 -12.06 8.23 -12.34
N HIS A 597 -13.11 9.05 -12.26
CA HIS A 597 -14.00 9.07 -11.09
C HIS A 597 -15.43 9.25 -11.54
N PHE A 598 -16.32 8.45 -10.96
CA PHE A 598 -17.77 8.54 -11.20
C PHE A 598 -18.42 9.20 -10.00
N THR A 599 -19.10 10.32 -10.23
CA THR A 599 -19.72 11.08 -9.17
C THR A 599 -21.13 10.54 -8.94
N GLY A 600 -21.34 9.88 -7.79
CA GLY A 600 -22.64 9.35 -7.43
C GLY A 600 -22.89 7.92 -7.87
N HIS A 601 -22.01 7.33 -8.67
CA HIS A 601 -22.17 5.97 -9.15
C HIS A 601 -20.87 5.21 -8.97
N SER A 602 -20.96 3.88 -8.89
CA SER A 602 -19.82 3.03 -8.66
C SER A 602 -19.84 1.85 -9.62
N PHE A 603 -18.65 1.31 -9.89
CA PHE A 603 -18.49 0.22 -10.83
C PHE A 603 -18.85 -1.10 -10.15
N ILE A 604 -18.54 -2.21 -10.83
CA ILE A 604 -18.31 -3.49 -10.19
C ILE A 604 -16.98 -3.98 -10.72
N TYR A 605 -15.99 -4.12 -9.84
CA TYR A 605 -14.63 -4.46 -10.23
C TYR A 605 -14.23 -5.72 -9.46
N GLY A 606 -14.03 -6.81 -10.18
CA GLY A 606 -13.89 -8.11 -9.54
C GLY A 606 -15.16 -8.44 -8.80
N LYS A 607 -15.11 -8.37 -7.47
CA LYS A 607 -16.31 -8.43 -6.64
C LYS A 607 -16.36 -7.24 -5.69
N ARG A 608 -15.80 -6.11 -6.12
CA ARG A 608 -15.82 -4.86 -5.37
C ARG A 608 -16.42 -3.77 -6.26
N HIS A 609 -16.93 -2.73 -5.61
CA HIS A 609 -17.37 -1.51 -6.29
C HIS A 609 -16.36 -0.43 -5.93
N GLU A 610 -15.56 -0.02 -6.90
CA GLU A 610 -14.36 0.76 -6.60
C GLU A 610 -14.56 2.26 -6.67
N ASP A 611 -15.47 2.75 -7.52
CA ASP A 611 -15.81 4.17 -7.66
C ASP A 611 -14.68 4.98 -8.28
N THR A 612 -13.51 4.38 -8.53
CA THR A 612 -12.39 5.07 -9.14
C THR A 612 -11.53 4.04 -9.86
N LEU A 613 -11.13 4.36 -11.08
CA LEU A 613 -10.38 3.45 -11.93
C LEU A 613 -9.14 4.14 -12.47
N THR A 614 -8.01 3.41 -12.50
CA THR A 614 -6.76 3.92 -13.02
C THR A 614 -6.45 3.27 -14.36
N LEU A 615 -5.94 4.06 -15.29
CA LEU A 615 -5.67 3.61 -16.65
C LEU A 615 -4.17 3.66 -16.92
N PHE A 616 -3.64 2.58 -17.44
CA PHE A 616 -2.24 2.48 -17.85
C PHE A 616 -2.12 2.66 -19.36
N PRO A 617 -0.96 3.09 -19.83
CA PRO A 617 -0.81 3.35 -21.27
C PRO A 617 -1.00 2.08 -22.10
N MET A 618 -1.84 2.19 -23.14
CA MET A 618 -2.13 1.10 -24.06
C MET A 618 -2.52 -0.19 -23.31
N ARG A 619 -3.43 -0.04 -22.35
CA ARG A 619 -4.07 -1.17 -21.70
C ARG A 619 -5.56 -0.88 -21.61
N GLY A 620 -6.39 -1.85 -22.03
CA GLY A 620 -7.83 -1.66 -22.04
C GLY A 620 -8.46 -2.21 -20.78
N GLU A 621 -9.35 -1.41 -20.19
CA GLU A 621 -10.07 -1.78 -18.97
C GLU A 621 -11.55 -1.53 -19.17
N SER A 622 -12.37 -2.51 -18.80
CA SER A 622 -13.80 -2.47 -19.01
C SER A 622 -14.53 -2.67 -17.69
N VAL A 623 -15.50 -1.79 -17.41
CA VAL A 623 -16.33 -1.87 -16.20
C VAL A 623 -17.77 -1.62 -16.58
N THR A 624 -18.67 -2.06 -15.70
CA THR A 624 -20.10 -1.86 -15.90
C THR A 624 -20.67 -1.08 -14.73
N VAL A 625 -21.40 -0.01 -15.02
CA VAL A 625 -22.00 0.84 -14.01
C VAL A 625 -23.51 0.79 -14.14
N THR A 626 -24.20 0.63 -13.02
CA THR A 626 -25.64 0.57 -12.99
C THR A 626 -26.18 1.87 -12.42
N MET A 627 -27.15 2.47 -13.12
CA MET A 627 -27.69 3.75 -12.69
C MET A 627 -28.59 3.57 -11.48
N ASP A 628 -28.31 4.32 -10.43
CA ASP A 628 -29.05 4.22 -9.18
C ASP A 628 -29.58 5.55 -8.67
N ASN A 629 -28.81 6.63 -8.85
CA ASN A 629 -29.19 7.95 -8.33
C ASN A 629 -29.66 8.83 -9.48
N VAL A 630 -30.88 9.35 -9.38
CA VAL A 630 -31.44 10.22 -10.39
C VAL A 630 -30.66 11.52 -10.45
N GLY A 631 -30.85 12.28 -11.51
CA GLY A 631 -30.14 13.54 -11.70
C GLY A 631 -29.04 13.41 -12.72
N THR A 632 -28.23 14.46 -12.80
CA THR A 632 -27.10 14.53 -13.72
C THR A 632 -25.79 14.47 -12.94
N TRP A 633 -24.81 13.80 -13.52
CA TRP A 633 -23.50 13.60 -12.91
C TRP A 633 -22.46 13.72 -14.01
N MET A 634 -21.24 13.28 -13.74
CA MET A 634 -20.23 13.28 -14.78
C MET A 634 -19.15 12.25 -14.47
N LEU A 635 -18.35 11.95 -15.49
CA LEU A 635 -17.07 11.27 -15.34
C LEU A 635 -15.97 12.31 -15.42
N THR A 636 -14.93 12.16 -14.61
CA THR A 636 -13.85 13.12 -14.57
C THR A 636 -12.54 12.43 -14.22
N SER A 637 -11.44 13.10 -14.56
CA SER A 637 -10.10 12.61 -14.29
C SER A 637 -9.58 13.28 -13.02
N MET A 638 -9.21 12.48 -12.03
CA MET A 638 -8.76 13.00 -10.75
C MET A 638 -7.30 13.43 -10.76
N ASN A 639 -6.54 13.13 -11.82
CA ASN A 639 -5.18 13.65 -11.91
C ASN A 639 -5.18 15.17 -11.82
N SER A 640 -5.99 15.80 -12.69
CA SER A 640 -6.29 17.22 -12.61
C SER A 640 -5.04 18.09 -12.54
N SER A 641 -3.94 17.59 -13.10
CA SER A 641 -2.77 18.43 -13.30
C SER A 641 -3.12 19.54 -14.29
N PRO A 642 -2.46 20.71 -14.19
CA PRO A 642 -2.76 21.78 -15.15
C PRO A 642 -2.58 21.36 -16.60
N ARG A 643 -1.84 20.29 -16.85
CA ARG A 643 -1.73 19.72 -18.19
C ARG A 643 -2.73 18.57 -18.30
N SER A 644 -3.65 18.68 -19.26
CA SER A 644 -4.66 17.64 -19.54
C SER A 644 -5.53 17.35 -18.32
N LYS A 645 -6.29 18.38 -17.92
CA LYS A 645 -7.24 18.27 -16.81
C LYS A 645 -8.68 18.13 -17.27
N LYS A 646 -9.12 18.96 -18.22
CA LYS A 646 -10.53 19.04 -18.57
C LYS A 646 -10.98 17.85 -19.40
N LEU A 647 -11.14 16.70 -18.77
CA LEU A 647 -11.67 15.49 -19.40
C LEU A 647 -12.92 15.09 -18.62
N ARG A 648 -14.09 15.55 -19.08
CA ARG A 648 -15.34 15.29 -18.38
C ARG A 648 -16.41 14.82 -19.34
N LEU A 649 -17.14 13.79 -18.92
CA LEU A 649 -18.29 13.25 -19.67
C LEU A 649 -19.51 13.30 -18.75
N LYS A 650 -20.41 14.24 -19.02
CA LYS A 650 -21.60 14.40 -18.20
C LYS A 650 -22.68 13.42 -18.66
N PHE A 651 -23.21 12.65 -17.72
CA PHE A 651 -24.26 11.69 -18.01
C PHE A 651 -25.45 11.90 -17.09
N ARG A 652 -26.65 11.84 -17.65
CA ARG A 652 -27.88 11.96 -16.90
C ARG A 652 -28.22 10.63 -16.24
N ASP A 653 -29.29 10.65 -15.47
CA ASP A 653 -29.85 9.45 -14.85
C ASP A 653 -31.30 9.77 -14.49
N VAL A 654 -32.24 9.16 -15.21
CA VAL A 654 -33.64 9.53 -15.12
C VAL A 654 -34.47 8.26 -14.94
N LYS A 655 -35.64 8.41 -14.31
CA LYS A 655 -36.59 7.30 -14.21
C LYS A 655 -37.31 7.16 -15.54
N CYS A 656 -36.97 6.13 -16.30
CA CYS A 656 -37.63 5.86 -17.59
C CYS A 656 -38.88 4.99 -17.39
N ILE A 657 -39.77 5.49 -16.53
CA ILE A 657 -40.99 4.77 -16.19
C ILE A 657 -41.99 4.70 -17.36
N PRO A 658 -42.09 5.70 -18.28
CA PRO A 658 -43.07 5.55 -19.36
C PRO A 658 -42.64 4.52 -20.39
N ASP A 659 -42.80 3.24 -20.07
CA ASP A 659 -42.42 2.16 -20.97
C ASP A 659 -43.46 1.92 -22.07
N ASP A 660 -44.61 2.59 -22.01
CA ASP A 660 -45.65 2.34 -23.00
C ASP A 660 -45.24 2.78 -24.40
N ASP A 661 -44.42 3.82 -24.50
CA ASP A 661 -44.01 4.34 -25.81
C ASP A 661 -43.00 3.37 -26.45
N GLU A 662 -43.32 2.93 -27.68
CA GLU A 662 -42.47 1.95 -28.34
C GLU A 662 -41.20 2.57 -28.90
N ASP A 663 -41.26 3.83 -29.33
CA ASP A 663 -40.15 4.47 -30.04
C ASP A 663 -39.01 4.70 -29.08
N SER A 664 -38.01 3.81 -29.10
CA SER A 664 -36.77 4.00 -28.36
C SER A 664 -35.65 4.23 -29.37
N TYR A 665 -34.89 5.31 -29.17
CA TYR A 665 -33.85 5.70 -30.11
C TYR A 665 -32.80 4.60 -30.18
N GLU A 666 -32.43 4.21 -31.41
CA GLU A 666 -31.86 2.88 -31.65
C GLU A 666 -30.57 2.66 -30.87
N ILE A 667 -29.51 3.38 -31.22
CA ILE A 667 -28.29 3.41 -30.41
C ILE A 667 -28.63 4.31 -29.23
N PHE A 668 -27.65 4.53 -28.33
CA PHE A 668 -27.93 5.31 -27.09
C PHE A 668 -29.34 4.88 -26.74
N GLU A 669 -29.47 3.67 -26.20
CA GLU A 669 -30.82 3.15 -26.18
C GLU A 669 -31.35 2.98 -24.76
N PRO A 670 -32.60 3.33 -24.52
CA PRO A 670 -33.35 2.71 -23.43
C PRO A 670 -33.78 1.32 -23.83
N PRO A 671 -33.12 0.28 -23.34
CA PRO A 671 -33.35 -1.07 -23.86
C PRO A 671 -34.59 -1.72 -23.27
N GLU A 672 -35.37 -2.32 -24.16
CA GLU A 672 -36.55 -3.08 -23.76
C GLU A 672 -36.12 -4.46 -23.26
N SER A 673 -37.05 -5.13 -22.57
CA SER A 673 -36.77 -6.46 -22.05
C SER A 673 -36.54 -7.46 -23.18
N THR A 674 -37.33 -7.38 -24.24
CA THR A 674 -37.23 -8.33 -25.34
C THR A 674 -35.99 -8.03 -26.18
N VAL A 675 -35.23 -9.09 -26.48
CA VAL A 675 -34.08 -9.01 -27.38
C VAL A 675 -34.61 -9.28 -28.77
N MET A 676 -34.67 -8.25 -29.60
CA MET A 676 -35.29 -8.37 -30.92
C MET A 676 -34.45 -9.21 -31.86
N ALA A 677 -33.14 -8.96 -31.91
CA ALA A 677 -32.28 -9.67 -32.84
C ALA A 677 -32.10 -11.12 -32.43
N THR A 678 -31.88 -11.99 -33.42
CA THR A 678 -31.64 -13.40 -33.17
C THR A 678 -30.66 -13.96 -34.19
N GLU A 1507 -21.42 17.73 -28.89
CA GLU A 1507 -22.18 17.61 -30.12
C GLU A 1507 -23.65 17.98 -29.89
N ASP A 1508 -24.55 17.18 -30.43
CA ASP A 1508 -25.98 17.41 -30.27
C ASP A 1508 -26.70 16.09 -30.56
N ASP A 1509 -28.04 16.14 -30.53
CA ASP A 1509 -28.88 14.97 -30.83
C ASP A 1509 -28.54 13.81 -29.90
N TYR A 1510 -28.38 14.12 -28.62
CA TYR A 1510 -28.00 13.12 -27.63
C TYR A 1510 -28.26 13.68 -26.24
N ALA A 1511 -28.98 12.90 -25.42
CA ALA A 1511 -29.51 13.35 -24.13
C ALA A 1511 -30.52 14.47 -24.30
N GLU A 1512 -31.46 14.29 -25.20
CA GLU A 1512 -32.52 15.24 -25.48
C GLU A 1512 -33.87 14.54 -25.46
N ILE A 1513 -34.92 15.24 -25.88
CA ILE A 1513 -36.25 14.66 -25.96
C ILE A 1513 -36.30 13.62 -27.08
N ASP A 1514 -37.42 12.89 -27.15
CA ASP A 1514 -37.64 11.73 -28.01
C ASP A 1514 -36.86 10.54 -27.49
N TYR A 1515 -35.96 10.79 -26.54
CA TYR A 1515 -35.57 9.77 -25.57
C TYR A 1515 -36.82 9.42 -24.78
N VAL A 1516 -36.96 8.14 -24.43
CA VAL A 1516 -38.18 7.67 -23.75
C VAL A 1516 -38.54 8.66 -22.65
N PRO A 1517 -39.82 9.03 -22.52
CA PRO A 1517 -40.16 10.25 -21.78
C PRO A 1517 -39.49 10.30 -20.42
N TYR A 1518 -38.54 11.21 -20.28
CA TYR A 1518 -37.67 11.23 -19.10
C TYR A 1518 -38.21 12.32 -18.18
N ASP A 1519 -38.62 11.90 -16.98
CA ASP A 1519 -39.15 12.83 -16.00
C ASP A 1519 -38.05 13.75 -15.49
N ASP A 1520 -38.34 15.05 -15.47
CA ASP A 1520 -37.36 16.03 -15.03
C ASP A 1520 -36.94 15.73 -13.60
N PRO A 1521 -35.71 15.29 -13.37
CA PRO A 1521 -35.31 14.90 -12.01
C PRO A 1521 -35.34 16.04 -11.02
N TYR A 1522 -35.33 17.29 -11.50
CA TYR A 1522 -35.30 18.44 -10.60
C TYR A 1522 -36.69 18.91 -10.18
N LYS A 1523 -37.75 18.24 -10.61
CA LYS A 1523 -39.10 18.58 -10.16
C LYS A 1523 -39.97 17.36 -9.89
N THR A 1524 -39.43 16.14 -9.99
CA THR A 1524 -40.20 14.93 -9.67
C THR A 1524 -39.44 14.01 -8.72
N ASP A 1525 -38.48 14.53 -7.97
CA ASP A 1525 -37.74 13.71 -7.02
C ASP A 1525 -38.67 13.15 -5.95
N VAL A 1526 -38.56 11.86 -5.68
CA VAL A 1526 -39.28 11.25 -4.57
C VAL A 1526 -38.43 11.27 -3.30
N ARG A 1527 -37.11 11.29 -3.44
CA ARG A 1527 -36.24 11.37 -2.28
C ARG A 1527 -36.29 12.76 -1.64
N THR A 1528 -36.31 13.81 -2.47
CA THR A 1528 -36.32 15.18 -1.98
C THR A 1528 -37.54 15.92 -2.55
N ASN A 1529 -38.28 16.57 -1.66
CA ASN A 1529 -39.42 17.38 -2.05
C ASN A 1529 -39.01 18.85 -2.04
N ILE A 1530 -39.18 19.53 -3.17
CA ILE A 1530 -38.72 20.91 -3.33
C ILE A 1530 -39.85 21.91 -3.09
N ASN A 1531 -41.08 21.44 -2.87
CA ASN A 1531 -42.17 22.35 -2.54
C ASN A 1531 -41.89 23.09 -1.24
N SER A 1532 -41.39 22.39 -0.23
CA SER A 1532 -41.03 22.97 1.05
C SER A 1532 -39.51 23.08 1.17
N SER A 1533 -39.07 23.78 2.21
CA SER A 1533 -37.65 23.96 2.44
C SER A 1533 -36.97 22.63 2.77
N ARG A 1534 -35.71 22.52 2.38
CA ARG A 1534 -34.97 21.28 2.59
C ARG A 1534 -34.73 21.05 4.08
N ASP A 1535 -34.99 19.82 4.53
CA ASP A 1535 -34.73 19.42 5.90
C ASP A 1535 -34.01 18.08 5.89
N PRO A 1536 -32.91 17.93 6.62
CA PRO A 1536 -32.21 16.64 6.62
C PRO A 1536 -33.07 15.50 7.11
N ASP A 1537 -33.96 15.74 8.07
CA ASP A 1537 -34.84 14.69 8.55
C ASP A 1537 -35.78 14.21 7.46
N ASN A 1538 -36.33 15.13 6.67
CA ASN A 1538 -37.23 14.74 5.59
C ASN A 1538 -36.50 13.88 4.55
N ILE A 1539 -35.28 14.27 4.19
CA ILE A 1539 -34.50 13.49 3.23
C ILE A 1539 -34.17 12.11 3.80
N ALA A 1540 -33.73 12.05 5.05
CA ALA A 1540 -33.38 10.78 5.65
C ALA A 1540 -34.59 9.90 5.94
N ALA A 1541 -35.80 10.48 5.91
CA ALA A 1541 -37.00 9.69 6.15
C ALA A 1541 -37.18 8.62 5.07
N TRP A 1542 -37.03 9.00 3.80
CA TRP A 1542 -37.17 8.02 2.73
C TRP A 1542 -35.99 7.06 2.70
N TYR A 1543 -34.80 7.53 3.09
CA TYR A 1543 -33.67 6.64 3.21
C TYR A 1543 -33.92 5.53 4.21
N LEU A 1544 -34.53 5.87 5.35
CA LEU A 1544 -34.79 4.91 6.41
C LEU A 1544 -36.19 4.32 6.25
N ARG A 1545 -36.38 3.65 5.12
CA ARG A 1545 -37.61 2.93 4.84
C ARG A 1545 -37.53 1.48 5.30
N SER A 1546 -36.43 1.06 5.89
CA SER A 1546 -36.23 -0.30 6.39
C SER A 1546 -36.02 -0.26 7.90
N ASN A 1547 -35.72 -1.44 8.45
CA ASN A 1547 -35.52 -1.58 9.90
C ASN A 1547 -34.09 -1.27 10.33
N ASN A 1548 -33.19 -0.95 9.39
CA ASN A 1548 -31.81 -0.67 9.77
C ASN A 1548 -31.71 0.59 10.62
N GLY A 1549 -32.35 1.67 10.20
CA GLY A 1549 -32.31 2.90 10.96
C GLY A 1549 -30.89 3.38 11.16
N ASN A 1550 -30.52 3.55 12.43
CA ASN A 1550 -29.15 3.86 12.84
C ASN A 1550 -28.66 5.17 12.21
N ARG A 1551 -29.33 6.26 12.59
CA ARG A 1551 -28.85 7.58 12.24
C ARG A 1551 -27.56 7.87 13.00
N ARG A 1552 -26.55 8.38 12.32
CA ARG A 1552 -25.27 8.71 12.94
C ARG A 1552 -24.97 10.18 12.67
N ASN A 1553 -25.03 10.99 13.73
CA ASN A 1553 -24.83 12.42 13.63
C ASN A 1553 -23.36 12.75 13.87
N TYR A 1554 -22.76 13.49 12.96
CA TYR A 1554 -21.39 13.96 13.09
C TYR A 1554 -21.36 15.47 12.96
N TYR A 1555 -20.73 16.14 13.91
CA TYR A 1555 -20.58 17.59 13.88
C TYR A 1555 -19.12 17.91 13.64
N ILE A 1556 -18.81 18.44 12.46
CA ILE A 1556 -17.44 18.61 12.00
C ILE A 1556 -17.28 20.06 11.56
N ALA A 1557 -16.03 20.53 11.59
CA ALA A 1557 -15.74 21.91 11.25
C ALA A 1557 -14.35 22.00 10.65
N ALA A 1558 -14.11 23.07 9.89
CA ALA A 1558 -12.82 23.32 9.26
C ALA A 1558 -12.16 24.51 9.93
N GLU A 1559 -10.95 24.31 10.45
CA GLU A 1559 -10.23 25.33 11.20
C GLU A 1559 -8.83 25.48 10.65
N GLU A 1560 -8.28 26.69 10.77
CA GLU A 1560 -6.95 27.00 10.30
C GLU A 1560 -5.98 27.00 11.48
N ILE A 1561 -4.95 26.14 11.40
CA ILE A 1561 -3.99 25.97 12.47
C ILE A 1561 -2.58 26.02 11.90
N SER A 1562 -1.62 26.28 12.77
CA SER A 1562 -0.20 26.21 12.41
C SER A 1562 0.25 24.77 12.55
N TRP A 1563 0.74 24.19 11.46
CA TRP A 1563 1.02 22.76 11.38
C TRP A 1563 2.52 22.50 11.35
N ASP A 1564 2.91 21.43 12.02
CA ASP A 1564 4.31 20.99 12.11
C ASP A 1564 4.58 19.88 11.09
N TYR A 1565 5.65 20.03 10.32
CA TYR A 1565 6.07 18.98 9.39
C TYR A 1565 7.24 18.16 9.91
N SER A 1566 8.09 18.73 10.74
CA SER A 1566 9.30 18.04 11.16
C SER A 1566 9.64 18.26 12.62
N GLU A 1567 8.68 18.66 13.46
CA GLU A 1567 9.02 19.01 14.83
C GLU A 1567 9.24 17.80 15.71
N PHE A 1568 8.83 16.61 15.28
CA PHE A 1568 9.11 15.39 16.03
C PHE A 1568 10.46 14.79 15.69
N VAL A 1569 11.15 15.30 14.67
CA VAL A 1569 12.41 14.73 14.21
C VAL A 1569 13.45 15.85 14.09
N GLN A 1570 13.25 16.93 14.83
CA GLN A 1570 14.16 18.07 14.75
C GLN A 1570 15.58 17.68 15.15
N ARG A 1571 15.71 17.00 16.29
CA ARG A 1571 17.01 16.56 16.79
C ARG A 1571 17.03 15.14 17.30
N GLU A 1572 15.87 14.52 17.52
CA GLU A 1572 15.77 13.16 18.03
C GLU A 1572 15.05 12.28 17.01
N THR A 1573 14.74 11.06 17.43
CA THR A 1573 14.03 10.06 16.61
C THR A 1573 14.84 9.81 15.33
N ASP A 1574 14.16 9.56 14.22
CA ASP A 1574 14.82 9.09 13.00
C ASP A 1574 15.73 10.17 12.43
N ILE A 1575 16.46 9.81 11.37
CA ILE A 1575 17.33 10.77 10.71
C ILE A 1575 16.49 11.80 9.97
N GLU A 1576 17.06 12.98 9.75
CA GLU A 1576 16.39 14.05 9.04
C GLU A 1576 17.27 14.55 7.91
N ASP A 1577 16.65 14.87 6.78
CA ASP A 1577 17.36 15.51 5.67
C ASP A 1577 17.21 17.03 5.71
N SER A 1578 16.21 17.55 6.42
CA SER A 1578 16.05 18.98 6.63
C SER A 1578 16.89 19.42 7.83
N ASP A 1579 18.20 19.30 7.68
CA ASP A 1579 19.13 19.59 8.76
C ASP A 1579 19.01 21.03 9.21
N ASP A 1580 19.02 21.23 10.53
CA ASP A 1580 18.91 22.53 11.18
C ASP A 1580 17.61 23.26 10.85
N ILE A 1581 16.63 22.56 10.28
CA ILE A 1581 15.32 23.07 9.89
C ILE A 1581 15.43 24.49 9.33
N PRO A 1582 15.95 24.65 8.10
CA PRO A 1582 16.14 26.01 7.55
C PRO A 1582 14.89 26.85 7.59
N GLU A 1583 13.74 26.26 7.32
CA GLU A 1583 12.46 26.89 7.59
C GLU A 1583 11.88 26.31 8.88
N ASP A 1584 11.00 27.08 9.50
CA ASP A 1584 10.44 26.69 10.80
C ASP A 1584 9.58 25.43 10.71
N THR A 1585 9.21 24.99 9.51
CA THR A 1585 8.29 23.88 9.32
C THR A 1585 7.00 24.11 10.08
N THR A 1586 6.50 25.35 10.02
CA THR A 1586 5.28 25.77 10.70
C THR A 1586 4.35 26.48 9.73
N TYR A 1587 4.13 25.85 8.58
CA TYR A 1587 3.21 26.41 7.59
C TYR A 1587 1.79 26.48 8.15
N LYS A 1588 1.06 27.52 7.77
CA LYS A 1588 -0.32 27.68 8.19
C LYS A 1588 -1.24 27.05 7.16
N LYS A 1589 -2.16 26.20 7.63
CA LYS A 1589 -3.06 25.49 6.73
C LYS A 1589 -4.32 25.10 7.47
N VAL A 1590 -5.36 24.76 6.71
CA VAL A 1590 -6.69 24.48 7.24
C VAL A 1590 -6.86 22.98 7.40
N VAL A 1591 -7.45 22.55 8.52
CA VAL A 1591 -7.63 21.14 8.81
C VAL A 1591 -9.05 20.91 9.29
N PHE A 1592 -9.45 19.63 9.30
CA PHE A 1592 -10.74 19.22 9.81
C PHE A 1592 -10.64 18.89 11.29
N ARG A 1593 -11.57 19.40 12.09
CA ARG A 1593 -11.63 19.12 13.51
C ARG A 1593 -13.07 18.79 13.87
N LYS A 1594 -13.27 17.75 14.68
CA LYS A 1594 -14.61 17.31 15.02
C LYS A 1594 -15.09 17.96 16.30
N TYR A 1595 -16.42 18.08 16.41
CA TYR A 1595 -17.07 18.69 17.56
C TYR A 1595 -18.17 17.76 18.05
N LEU A 1596 -18.67 18.03 19.25
CA LEU A 1596 -19.69 17.17 19.85
C LEU A 1596 -21.07 17.78 19.86
N ASP A 1597 -21.19 19.10 19.92
CA ASP A 1597 -22.48 19.77 19.91
C ASP A 1597 -22.72 20.44 18.57
N SER A 1598 -23.99 20.77 18.31
CA SER A 1598 -24.33 21.53 17.12
C SER A 1598 -24.04 23.02 17.27
N THR A 1599 -23.69 23.47 18.48
CA THR A 1599 -23.34 24.86 18.70
C THR A 1599 -21.89 25.16 18.32
N PHE A 1600 -21.03 24.13 18.28
CA PHE A 1600 -19.62 24.29 17.99
C PHE A 1600 -18.94 25.21 19.02
N THR A 1601 -19.37 25.09 20.28
CA THR A 1601 -18.78 25.86 21.36
C THR A 1601 -17.78 25.06 22.18
N LYS A 1602 -17.82 23.74 22.10
CA LYS A 1602 -16.88 22.88 22.81
C LYS A 1602 -16.30 21.89 21.81
N ARG A 1603 -15.00 21.64 21.93
CA ARG A 1603 -14.29 20.77 21.00
C ARG A 1603 -14.17 19.36 21.59
N ASP A 1604 -14.10 18.37 20.70
CA ASP A 1604 -13.81 17.00 21.11
C ASP A 1604 -12.33 16.76 20.98
N PRO A 1605 -11.59 16.64 22.09
CA PRO A 1605 -10.13 16.50 21.99
C PRO A 1605 -9.74 15.17 21.35
N ARG A 1606 -8.64 15.20 20.61
CA ARG A 1606 -8.13 14.00 19.96
C ARG A 1606 -7.46 13.11 20.99
N GLY A 1607 -7.83 11.83 20.98
CA GLY A 1607 -7.34 10.87 21.95
C GLY A 1607 -6.03 10.24 21.55
N GLU A 1608 -5.82 9.02 22.03
CA GLU A 1608 -4.60 8.26 21.71
C GLU A 1608 -4.78 7.37 20.50
N TYR A 1609 -6.00 6.93 20.21
CA TYR A 1609 -6.24 6.17 19.00
C TYR A 1609 -5.91 6.99 17.76
N GLU A 1610 -6.26 8.27 17.77
CA GLU A 1610 -6.13 9.13 16.61
C GLU A 1610 -4.89 10.01 16.65
N GLU A 1611 -3.98 9.79 17.59
CA GLU A 1611 -2.79 10.62 17.65
C GLU A 1611 -1.83 10.35 16.49
N HIS A 1612 -2.03 9.26 15.74
CA HIS A 1612 -1.27 9.03 14.52
C HIS A 1612 -1.93 9.65 13.30
N LEU A 1613 -3.14 10.19 13.43
CA LEU A 1613 -3.83 10.77 12.27
C LEU A 1613 -3.05 11.95 11.71
N GLY A 1614 -2.54 12.81 12.58
CA GLY A 1614 -1.81 13.97 12.10
C GLY A 1614 -2.75 14.92 11.38
N ILE A 1615 -2.40 15.24 10.13
CA ILE A 1615 -3.18 16.22 9.37
C ILE A 1615 -4.54 15.70 8.99
N LEU A 1616 -4.75 14.39 9.02
CA LEU A 1616 -6.02 13.82 8.59
C LEU A 1616 -7.14 14.22 9.53
N GLY A 1617 -8.32 14.40 8.96
CA GLY A 1617 -9.49 14.79 9.73
C GLY A 1617 -10.05 13.63 10.53
N PRO A 1618 -11.18 13.86 11.19
CA PRO A 1618 -11.77 12.82 12.02
C PRO A 1618 -12.23 11.63 11.19
N ILE A 1619 -12.20 10.45 11.80
CA ILE A 1619 -12.62 9.22 11.13
C ILE A 1619 -14.14 9.16 11.20
N ILE A 1620 -14.80 9.44 10.08
CA ILE A 1620 -16.24 9.29 10.00
C ILE A 1620 -16.55 7.83 9.67
N ARG A 1621 -17.33 7.18 10.53
CA ARG A 1621 -17.56 5.75 10.41
C ARG A 1621 -19.05 5.45 10.54
N ALA A 1622 -19.50 4.41 9.87
CA ALA A 1622 -20.89 3.97 9.94
C ALA A 1622 -20.98 2.53 9.46
N GLU A 1623 -22.12 1.91 9.77
CA GLU A 1623 -22.40 0.55 9.36
C GLU A 1623 -23.09 0.54 8.00
N VAL A 1624 -23.45 -0.64 7.53
CA VAL A 1624 -24.16 -0.76 6.25
C VAL A 1624 -25.62 -0.41 6.44
N ASP A 1625 -26.22 0.15 5.39
CA ASP A 1625 -27.59 0.62 5.32
C ASP A 1625 -27.84 1.86 6.19
N ASP A 1626 -26.82 2.37 6.87
CA ASP A 1626 -26.98 3.52 7.74
C ASP A 1626 -27.07 4.80 6.93
N VAL A 1627 -27.51 5.87 7.59
CA VAL A 1627 -27.53 7.21 7.03
C VAL A 1627 -26.67 8.11 7.91
N ILE A 1628 -25.75 8.83 7.29
CA ILE A 1628 -24.84 9.71 8.01
C ILE A 1628 -25.20 11.13 7.64
N GLN A 1629 -25.94 11.81 8.51
CA GLN A 1629 -26.21 13.23 8.36
C GLN A 1629 -25.15 13.98 9.16
N VAL A 1630 -24.30 14.72 8.45
CA VAL A 1630 -23.14 15.37 9.03
C VAL A 1630 -23.34 16.87 8.93
N ARG A 1631 -23.10 17.58 10.03
CA ARG A 1631 -23.25 19.03 10.10
C ARG A 1631 -21.86 19.65 10.02
N PHE A 1632 -21.59 20.36 8.93
CA PHE A 1632 -20.28 20.93 8.68
C PHE A 1632 -20.37 22.45 8.76
N LYS A 1633 -19.58 23.04 9.66
CA LYS A 1633 -19.55 24.48 9.88
C LYS A 1633 -18.19 25.02 9.48
N ASN A 1634 -18.19 26.03 8.62
CA ASN A 1634 -16.94 26.59 8.12
C ASN A 1634 -16.42 27.65 9.09
N LEU A 1635 -15.18 27.48 9.53
CA LEU A 1635 -14.53 28.43 10.44
C LEU A 1635 -13.26 29.03 9.85
N ALA A 1636 -13.07 28.91 8.54
CA ALA A 1636 -11.91 29.45 7.87
C ALA A 1636 -12.26 30.76 7.18
N SER A 1637 -11.32 31.30 6.41
CA SER A 1637 -11.53 32.55 5.69
C SER A 1637 -12.02 32.35 4.27
N ARG A 1638 -12.12 31.12 3.78
CA ARG A 1638 -12.52 30.86 2.42
C ARG A 1638 -13.58 29.78 2.38
N PRO A 1639 -14.44 29.77 1.36
CA PRO A 1639 -15.46 28.73 1.27
C PRO A 1639 -14.86 27.36 1.05
N TYR A 1640 -15.39 26.37 1.78
CA TYR A 1640 -14.97 24.99 1.68
C TYR A 1640 -16.20 24.10 1.75
N SER A 1641 -16.13 22.95 1.07
CA SER A 1641 -17.29 22.06 1.02
C SER A 1641 -16.91 20.65 1.44
N LEU A 1642 -17.80 19.68 1.19
CA LEU A 1642 -17.62 18.32 1.69
C LEU A 1642 -18.15 17.35 0.66
N HIS A 1643 -17.27 16.56 0.05
CA HIS A 1643 -17.64 15.58 -0.97
C HIS A 1643 -17.12 14.21 -0.56
N ALA A 1644 -17.98 13.20 -0.58
CA ALA A 1644 -17.64 11.86 -0.11
C ALA A 1644 -17.76 10.86 -1.24
N HIS A 1645 -16.74 10.02 -1.39
CA HIS A 1645 -16.74 8.99 -2.40
C HIS A 1645 -17.58 7.80 -1.95
N GLY A 1646 -17.98 6.98 -2.93
CA GLY A 1646 -18.63 5.71 -2.64
C GLY A 1646 -20.06 5.81 -2.17
N LEU A 1647 -20.30 6.56 -1.10
CA LEU A 1647 -21.63 6.64 -0.52
C LEU A 1647 -22.61 7.29 -1.49
N SER A 1648 -23.85 6.82 -1.47
CA SER A 1648 -24.90 7.39 -2.30
C SER A 1648 -25.46 8.64 -1.67
N TYR A 1649 -25.83 9.61 -2.51
CA TYR A 1649 -26.35 10.87 -2.01
C TYR A 1649 -27.15 11.54 -3.12
N GLU A 1650 -27.99 12.49 -2.73
CA GLU A 1650 -28.69 13.32 -3.70
C GLU A 1650 -27.76 14.44 -4.17
N LYS A 1651 -28.20 15.16 -5.20
CA LYS A 1651 -27.44 16.33 -5.62
C LYS A 1651 -27.54 17.48 -4.63
N SER A 1652 -28.44 17.39 -3.66
CA SER A 1652 -28.54 18.41 -2.62
C SER A 1652 -27.50 18.23 -1.51
N SER A 1653 -26.76 17.12 -1.52
CA SER A 1653 -25.68 16.88 -0.57
C SER A 1653 -24.46 16.45 -1.39
N GLU A 1654 -23.70 17.42 -1.88
CA GLU A 1654 -22.51 17.17 -2.66
C GLU A 1654 -21.62 18.40 -2.57
N GLY A 1655 -20.35 18.22 -2.91
CA GLY A 1655 -19.40 19.31 -2.78
C GLY A 1655 -18.90 19.87 -4.10
N LYS A 1656 -19.21 19.19 -5.19
CA LYS A 1656 -18.70 19.58 -6.50
C LYS A 1656 -19.66 20.55 -7.17
N THR A 1657 -19.11 21.59 -7.78
CA THR A 1657 -19.89 22.63 -8.45
C THR A 1657 -19.52 22.67 -9.94
N TYR A 1658 -20.17 21.81 -10.72
CA TYR A 1658 -20.04 21.80 -12.17
C TYR A 1658 -21.36 22.21 -12.78
N GLU A 1659 -21.36 22.34 -14.11
CA GLU A 1659 -22.55 22.81 -14.83
C GLU A 1659 -23.56 21.69 -14.91
N ASP A 1660 -24.29 21.51 -13.81
CA ASP A 1660 -25.29 20.45 -13.70
C ASP A 1660 -26.70 20.93 -13.99
N ASP A 1661 -26.87 22.19 -14.40
CA ASP A 1661 -28.18 22.77 -14.71
C ASP A 1661 -29.13 22.67 -13.52
N SER A 1662 -28.59 22.66 -12.31
CA SER A 1662 -29.40 22.55 -11.12
C SER A 1662 -30.03 23.90 -10.76
N PRO A 1663 -31.20 23.89 -10.11
CA PRO A 1663 -31.77 25.14 -9.61
C PRO A 1663 -30.97 25.70 -8.45
N GLU A 1664 -31.40 26.82 -7.88
CA GLU A 1664 -30.68 27.39 -6.76
C GLU A 1664 -30.88 26.62 -5.47
N TRP A 1665 -31.84 25.70 -5.42
CA TRP A 1665 -32.05 24.90 -4.22
C TRP A 1665 -31.15 23.68 -4.14
N PHE A 1666 -30.52 23.31 -5.25
CA PHE A 1666 -29.52 22.26 -5.25
C PHE A 1666 -28.09 22.80 -5.33
N LYS A 1667 -27.93 24.13 -5.28
CA LYS A 1667 -26.62 24.76 -5.39
C LYS A 1667 -26.11 25.33 -4.07
N GLU A 1668 -26.83 25.10 -2.97
CA GLU A 1668 -26.41 25.60 -1.66
C GLU A 1668 -25.44 24.67 -0.96
N ASP A 1669 -25.25 23.45 -1.45
CA ASP A 1669 -24.26 22.54 -0.91
C ASP A 1669 -22.90 22.65 -1.60
N ASN A 1670 -22.83 23.33 -2.74
CA ASN A 1670 -21.59 23.39 -3.51
C ASN A 1670 -20.51 24.15 -2.75
N ALA A 1671 -20.84 25.28 -2.16
CA ALA A 1671 -19.89 26.07 -1.40
C ALA A 1671 -20.53 26.51 -0.10
N VAL A 1672 -19.80 26.39 1.01
CA VAL A 1672 -20.27 26.76 2.33
C VAL A 1672 -19.48 27.98 2.78
N GLN A 1673 -20.18 29.11 2.95
CA GLN A 1673 -19.53 30.36 3.30
C GLN A 1673 -19.01 30.30 4.74
N PRO A 1674 -18.02 31.12 5.07
CA PRO A 1674 -17.54 31.17 6.45
C PRO A 1674 -18.63 31.64 7.41
N ASN A 1675 -18.56 31.16 8.64
CA ASN A 1675 -19.57 31.44 9.67
C ASN A 1675 -20.95 30.95 9.23
N SER A 1676 -20.99 29.78 8.60
CA SER A 1676 -22.24 29.20 8.16
C SER A 1676 -22.08 27.69 8.10
N SER A 1677 -23.14 26.97 8.48
CA SER A 1677 -23.10 25.51 8.57
C SER A 1677 -24.15 24.90 7.66
N TYR A 1678 -23.76 23.85 6.95
CA TYR A 1678 -24.66 23.08 6.11
C TYR A 1678 -24.61 21.62 6.52
N THR A 1679 -25.76 20.97 6.57
CA THR A 1679 -25.87 19.58 6.96
C THR A 1679 -25.99 18.70 5.70
N TYR A 1680 -25.04 17.79 5.54
CA TYR A 1680 -25.02 16.86 4.42
C TYR A 1680 -25.66 15.54 4.84
N VAL A 1681 -26.43 14.95 3.94
CA VAL A 1681 -27.13 13.70 4.20
C VAL A 1681 -26.64 12.68 3.19
N TRP A 1682 -25.76 11.79 3.63
CA TRP A 1682 -25.29 10.67 2.82
C TRP A 1682 -25.96 9.39 3.29
N HIS A 1683 -26.11 8.44 2.38
CA HIS A 1683 -26.81 7.18 2.65
C HIS A 1683 -25.90 6.02 2.30
N ALA A 1684 -25.31 5.39 3.32
CA ALA A 1684 -24.52 4.18 3.09
C ALA A 1684 -25.44 3.05 2.64
N THR A 1685 -24.99 2.32 1.62
CA THR A 1685 -25.82 1.29 1.00
C THR A 1685 -24.93 0.09 0.68
N GLU A 1686 -25.48 -0.83 -0.11
CA GLU A 1686 -24.75 -2.06 -0.44
C GLU A 1686 -23.51 -1.79 -1.28
N ARG A 1687 -23.54 -0.74 -2.11
CA ARG A 1687 -22.40 -0.44 -2.96
C ARG A 1687 -21.19 0.01 -2.14
N SER A 1688 -21.43 0.62 -0.99
CA SER A 1688 -20.36 1.19 -0.18
C SER A 1688 -19.81 0.23 0.86
N GLY A 1689 -20.31 -0.99 0.92
CA GLY A 1689 -19.86 -1.95 1.91
C GLY A 1689 -18.74 -2.84 1.39
N PRO A 1690 -18.09 -3.55 2.30
CA PRO A 1690 -17.04 -4.49 1.89
C PRO A 1690 -17.62 -5.76 1.27
N GLU A 1691 -16.76 -6.73 0.96
CA GLU A 1691 -17.21 -7.97 0.34
C GLU A 1691 -18.14 -8.73 1.26
N SER A 1692 -18.73 -9.79 0.71
CA SER A 1692 -19.48 -10.73 1.57
C SER A 1692 -18.55 -11.58 2.43
N PRO A 1693 -17.55 -12.27 1.88
CA PRO A 1693 -16.60 -13.00 2.74
C PRO A 1693 -15.29 -12.26 3.01
N GLY A 1694 -15.17 -10.99 2.64
CA GLY A 1694 -13.91 -10.26 2.67
C GLY A 1694 -13.63 -9.59 3.99
N SER A 1695 -12.88 -8.50 3.92
CA SER A 1695 -12.47 -7.79 5.12
C SER A 1695 -13.66 -7.13 5.79
N ALA A 1696 -13.55 -6.92 7.11
CA ALA A 1696 -14.66 -6.40 7.89
C ALA A 1696 -15.01 -4.97 7.47
N CYS A 1697 -14.01 -4.12 7.27
CA CYS A 1697 -14.23 -2.72 6.94
C CYS A 1697 -13.51 -2.36 5.66
N ARG A 1698 -14.01 -1.33 4.98
CA ARG A 1698 -13.37 -0.78 3.80
C ARG A 1698 -13.37 0.74 3.92
N ALA A 1699 -12.42 1.38 3.25
CA ALA A 1699 -12.14 2.80 3.45
C ALA A 1699 -12.48 3.58 2.19
N TRP A 1700 -13.14 4.71 2.38
CA TRP A 1700 -13.28 5.76 1.38
C TRP A 1700 -12.63 7.02 1.92
N ALA A 1701 -12.85 8.14 1.25
CA ALA A 1701 -12.31 9.41 1.71
C ALA A 1701 -13.30 10.53 1.42
N TYR A 1702 -13.21 11.59 2.22
CA TYR A 1702 -13.98 12.81 2.00
C TYR A 1702 -13.04 14.00 2.05
N TYR A 1703 -13.26 14.97 1.17
CA TYR A 1703 -12.41 16.14 1.11
C TYR A 1703 -13.22 17.32 0.58
N SER A 1704 -12.71 18.52 0.84
CA SER A 1704 -13.34 19.72 0.30
C SER A 1704 -13.24 19.71 -1.22
N ALA A 1705 -14.34 20.05 -1.89
CA ALA A 1705 -14.44 19.89 -3.33
C ALA A 1705 -14.73 21.20 -4.06
N VAL A 1706 -14.55 22.34 -3.41
CA VAL A 1706 -14.64 23.61 -4.12
C VAL A 1706 -13.52 23.71 -5.15
N ASN A 1707 -12.32 23.30 -4.76
CA ASN A 1707 -11.19 23.18 -5.69
C ASN A 1707 -10.31 22.08 -5.14
N PRO A 1708 -10.40 20.86 -5.68
CA PRO A 1708 -9.77 19.71 -5.01
C PRO A 1708 -8.27 19.84 -4.80
N GLU A 1709 -7.49 20.01 -5.88
CA GLU A 1709 -6.04 20.06 -5.74
C GLU A 1709 -5.58 21.21 -4.86
N LYS A 1710 -6.40 22.23 -4.70
CA LYS A 1710 -6.14 23.29 -3.75
C LYS A 1710 -6.75 23.03 -2.38
N ASP A 1711 -7.48 21.93 -2.23
CA ASP A 1711 -8.15 21.63 -0.96
C ASP A 1711 -7.65 20.36 -0.29
N ILE A 1712 -7.33 19.31 -1.05
CA ILE A 1712 -6.60 18.18 -0.46
C ILE A 1712 -5.21 18.64 -0.03
N HIS A 1713 -4.52 19.35 -0.90
CA HIS A 1713 -3.44 20.20 -0.45
C HIS A 1713 -4.03 21.37 0.34
N SER A 1714 -3.28 21.87 1.31
CA SER A 1714 -3.69 22.81 2.35
C SER A 1714 -4.41 22.11 3.50
N GLY A 1715 -4.55 20.78 3.46
CA GLY A 1715 -4.87 20.01 4.65
C GLY A 1715 -6.30 19.56 4.84
N LEU A 1716 -7.20 19.81 3.90
CA LEU A 1716 -8.60 19.41 4.05
C LEU A 1716 -8.77 18.03 3.44
N ILE A 1717 -8.68 17.00 4.29
CA ILE A 1717 -8.77 15.61 3.86
C ILE A 1717 -9.04 14.78 5.10
N GLY A 1718 -9.74 13.66 4.92
CA GLY A 1718 -10.06 12.79 6.03
C GLY A 1718 -10.51 11.42 5.58
N PRO A 1719 -10.48 10.45 6.51
CA PRO A 1719 -10.93 9.10 6.18
C PRO A 1719 -12.40 8.88 6.45
N LEU A 1720 -13.02 8.08 5.60
CA LEU A 1720 -14.44 7.71 5.73
C LEU A 1720 -14.53 6.20 5.65
N LEU A 1721 -14.88 5.57 6.77
CA LEU A 1721 -14.87 4.11 6.88
C LEU A 1721 -16.30 3.60 6.96
N ILE A 1722 -16.58 2.53 6.22
CA ILE A 1722 -17.87 1.85 6.25
C ILE A 1722 -17.62 0.38 6.52
N CYS A 1723 -18.42 -0.19 7.43
CA CYS A 1723 -18.24 -1.57 7.84
C CYS A 1723 -19.58 -2.30 7.84
N GLN A 1724 -19.52 -3.62 7.82
CA GLN A 1724 -20.73 -4.42 7.82
C GLN A 1724 -21.44 -4.29 9.16
N LYS A 1725 -22.64 -4.86 9.23
CA LYS A 1725 -23.48 -4.70 10.40
C LYS A 1725 -22.91 -5.43 11.61
N GLY A 1726 -23.24 -4.92 12.79
CA GLY A 1726 -22.83 -5.56 14.03
C GLY A 1726 -21.34 -5.55 14.28
N ILE A 1727 -20.66 -4.44 14.01
CA ILE A 1727 -19.23 -4.33 14.29
C ILE A 1727 -18.87 -3.09 15.09
N LEU A 1728 -19.67 -2.04 15.10
CA LEU A 1728 -19.38 -0.82 15.82
C LEU A 1728 -20.27 -0.70 17.04
N HIS A 1729 -19.69 -0.27 18.15
CA HIS A 1729 -20.48 0.00 19.35
C HIS A 1729 -21.45 1.13 19.07
N LYS A 1730 -22.65 1.06 19.68
CA LYS A 1730 -23.69 2.01 19.37
C LYS A 1730 -23.32 3.41 19.85
N ASP A 1731 -22.90 3.54 21.11
CA ASP A 1731 -22.68 4.87 21.67
C ASP A 1731 -21.40 5.50 21.13
N SER A 1732 -20.37 4.65 20.97
CA SER A 1732 -19.09 5.11 20.35
C SER A 1732 -18.84 4.18 19.16
N ASN A 1733 -18.82 4.70 17.94
CA ASN A 1733 -18.73 3.81 16.75
C ASN A 1733 -17.28 3.44 16.46
N MET A 1734 -16.68 2.57 17.28
CA MET A 1734 -15.30 2.07 17.01
C MET A 1734 -15.35 0.54 16.90
N PRO A 1735 -14.77 -0.10 15.87
CA PRO A 1735 -14.76 -1.56 15.83
C PRO A 1735 -13.92 -2.08 17.01
N MET A 1736 -14.41 -3.10 17.70
CA MET A 1736 -13.64 -3.71 18.82
C MET A 1736 -12.85 -4.92 18.32
N ASP A 1737 -12.96 -5.25 17.02
CA ASP A 1737 -12.33 -6.49 16.50
C ASP A 1737 -10.83 -6.32 16.25
N MET A 1738 -10.42 -5.26 15.55
CA MET A 1738 -9.02 -5.13 15.17
C MET A 1738 -8.61 -3.67 15.19
N ARG A 1739 -7.32 -3.43 15.44
CA ARG A 1739 -6.79 -2.08 15.35
C ARG A 1739 -6.83 -1.58 13.92
N GLU A 1740 -7.03 -0.28 13.76
CA GLU A 1740 -7.08 0.35 12.44
C GLU A 1740 -6.05 1.47 12.38
N PHE A 1741 -5.17 1.41 11.40
CA PHE A 1741 -4.21 2.47 11.14
C PHE A 1741 -4.53 3.07 9.78
N VAL A 1742 -4.79 4.37 9.74
CA VAL A 1742 -5.11 5.07 8.51
C VAL A 1742 -3.89 5.90 8.11
N LEU A 1743 -3.31 5.58 6.96
CA LEU A 1743 -2.12 6.24 6.47
C LEU A 1743 -2.37 6.80 5.09
N LEU A 1744 -2.03 8.06 4.88
CA LEU A 1744 -2.25 8.75 3.61
C LEU A 1744 -0.90 9.00 2.97
N PHE A 1745 -0.45 8.05 2.15
CA PHE A 1745 0.84 8.15 1.48
C PHE A 1745 0.71 9.17 0.36
N MET A 1746 0.76 10.44 0.74
CA MET A 1746 0.66 11.55 -0.20
C MET A 1746 1.67 12.62 0.20
N THR A 1747 2.18 13.34 -0.80
CA THR A 1747 3.11 14.43 -0.57
C THR A 1747 2.41 15.76 -0.87
N PHE A 1748 2.70 16.77 -0.05
CA PHE A 1748 1.98 18.03 -0.06
C PHE A 1748 2.81 19.09 -0.76
N ASP A 1749 2.41 19.46 -1.97
CA ASP A 1749 3.06 20.55 -2.68
C ASP A 1749 2.54 21.86 -2.11
N GLU A 1750 3.34 22.48 -1.24
CA GLU A 1750 2.88 23.68 -0.54
C GLU A 1750 2.65 24.86 -1.46
N LYS A 1751 3.20 24.82 -2.67
CA LYS A 1751 2.92 25.89 -3.63
C LYS A 1751 1.46 25.86 -4.06
N LYS A 1752 0.90 24.68 -4.25
CA LYS A 1752 -0.50 24.57 -4.64
C LYS A 1752 -1.44 25.05 -3.53
N SER A 1753 -1.04 24.87 -2.28
CA SER A 1753 -1.89 25.24 -1.15
C SER A 1753 -2.20 26.74 -1.16
N TRP A 1754 -3.36 27.08 -0.63
CA TRP A 1754 -3.61 28.47 -0.26
C TRP A 1754 -2.70 28.83 0.91
N TYR A 1755 -2.78 30.09 1.34
CA TYR A 1755 -1.93 30.64 2.39
C TYR A 1755 -0.45 30.57 2.03
N TYR A 1756 -0.13 30.33 0.75
CA TYR A 1756 1.25 30.27 0.29
C TYR A 1756 1.73 31.68 -0.04
N GLU A 1757 1.85 32.48 1.02
CA GLU A 1757 2.34 33.84 0.90
C GLU A 1757 3.86 33.82 0.88
N LYS A 1758 4.45 34.15 -0.26
CA LYS A 1758 5.89 34.19 -0.42
C LYS A 1758 6.39 35.60 -0.13
N LYS A 1759 7.30 35.72 0.84
CA LYS A 1759 7.88 37.00 1.23
C LYS A 1759 9.39 36.89 1.19
N SER A 1760 10.04 37.83 0.52
CA SER A 1760 11.49 37.82 0.32
C SER A 1760 11.97 36.50 -0.28
N ARG A 1761 11.10 35.82 -1.02
CA ARG A 1761 11.42 34.51 -1.57
C ARG A 1761 12.19 34.69 -2.89
N SER A 1762 12.29 33.60 -3.65
CA SER A 1762 13.13 33.49 -4.84
C SER A 1762 14.61 33.59 -4.51
N SER A 1763 14.97 33.57 -3.23
CA SER A 1763 16.37 33.56 -2.83
C SER A 1763 17.04 32.22 -3.13
N TRP A 1764 16.25 31.18 -3.43
CA TRP A 1764 16.82 29.90 -3.84
C TRP A 1764 17.56 30.06 -5.16
N ARG A 1765 18.66 29.31 -5.30
CA ARG A 1765 19.54 29.45 -6.45
C ARG A 1765 19.09 28.58 -7.62
N LEU A 1766 18.70 27.34 -7.34
CA LEU A 1766 18.28 26.41 -8.38
C LEU A 1766 16.77 26.19 -8.34
N THR A 1767 16.25 25.60 -9.42
CA THR A 1767 14.84 25.25 -9.48
C THR A 1767 14.49 24.10 -8.55
N SER A 1768 15.49 23.43 -7.97
CA SER A 1768 15.30 22.34 -7.02
C SER A 1768 16.16 22.58 -5.78
N SER A 1769 16.12 23.81 -5.26
CA SER A 1769 16.98 24.20 -4.15
C SER A 1769 16.28 24.02 -2.80
N GLU A 1770 15.16 24.71 -2.59
CA GLU A 1770 14.47 24.71 -1.31
C GLU A 1770 13.24 23.82 -1.37
N MET A 1771 12.83 23.35 -0.19
CA MET A 1771 11.72 22.40 -0.06
C MET A 1771 10.35 23.02 -0.35
N LYS A 1772 10.30 24.25 -0.87
CA LYS A 1772 9.01 24.74 -1.36
C LYS A 1772 8.67 24.14 -2.71
N LYS A 1773 9.68 23.81 -3.51
CA LYS A 1773 9.45 23.20 -4.82
C LYS A 1773 10.33 21.97 -5.04
N SER A 1774 11.50 21.93 -4.37
CA SER A 1774 12.38 20.78 -4.52
C SER A 1774 11.81 19.54 -3.83
N HIS A 1775 11.39 19.70 -2.57
CA HIS A 1775 10.86 18.60 -1.77
C HIS A 1775 9.45 18.93 -1.35
N GLU A 1776 8.49 18.11 -1.76
CA GLU A 1776 7.09 18.34 -1.47
C GLU A 1776 6.67 17.76 -0.12
N PHE A 1777 7.63 17.58 0.80
CA PHE A 1777 7.37 17.02 2.12
C PHE A 1777 6.69 15.66 2.02
N HIS A 1778 7.42 14.71 1.43
CA HIS A 1778 6.92 13.35 1.32
C HIS A 1778 6.67 12.78 2.70
N ALA A 1779 5.40 12.62 3.06
CA ALA A 1779 5.03 12.28 4.43
C ALA A 1779 3.95 11.21 4.42
N ILE A 1780 3.79 10.57 5.56
CA ILE A 1780 2.80 9.51 5.71
C ILE A 1780 1.47 10.05 6.24
N ASN A 1781 1.51 10.94 7.22
CA ASN A 1781 0.30 11.62 7.69
C ASN A 1781 0.59 13.08 7.95
N GLY A 1782 1.51 13.68 7.19
CA GLY A 1782 1.93 15.05 7.40
C GLY A 1782 3.28 15.19 8.07
N MET A 1783 3.87 14.11 8.56
CA MET A 1783 5.15 14.13 9.25
C MET A 1783 6.17 13.34 8.45
N ILE A 1784 7.33 13.95 8.17
CA ILE A 1784 8.30 13.34 7.27
C ILE A 1784 8.97 12.12 7.91
N TYR A 1785 9.38 12.24 9.17
CA TYR A 1785 9.95 11.11 9.89
C TYR A 1785 9.26 10.96 11.24
N SER A 1786 9.20 9.72 11.73
CA SER A 1786 8.76 9.41 13.08
C SER A 1786 7.34 9.92 13.35
N LEU A 1787 6.40 9.34 12.63
CA LEU A 1787 5.00 9.57 12.92
C LEU A 1787 4.64 8.81 14.20
N PRO A 1788 4.17 9.49 15.25
CA PRO A 1788 3.88 8.81 16.51
C PRO A 1788 2.57 8.03 16.44
N GLY A 1789 2.34 7.23 17.47
CA GLY A 1789 1.09 6.51 17.62
C GLY A 1789 1.04 5.16 16.93
N LEU A 1790 2.05 4.79 16.15
CA LEU A 1790 2.08 3.49 15.49
C LEU A 1790 2.56 2.46 16.50
N LYS A 1791 1.61 1.91 17.25
CA LYS A 1791 1.89 0.92 18.28
C LYS A 1791 0.97 -0.27 18.10
N MET A 1792 1.56 -1.47 18.06
CA MET A 1792 0.78 -2.70 17.98
C MET A 1792 1.54 -3.81 18.67
N TYR A 1793 0.79 -4.81 19.15
CA TYR A 1793 1.39 -5.97 19.78
C TYR A 1793 1.88 -6.94 18.72
N GLU A 1794 2.81 -7.81 19.13
CA GLU A 1794 3.26 -8.86 18.23
C GLU A 1794 2.20 -9.96 18.13
N GLN A 1795 2.21 -10.66 16.99
CA GLN A 1795 1.22 -11.69 16.71
C GLN A 1795 -0.19 -11.16 16.84
N GLU A 1796 -0.40 -9.94 16.35
CA GLU A 1796 -1.68 -9.25 16.42
C GLU A 1796 -2.11 -8.85 15.01
N TRP A 1797 -3.36 -9.13 14.67
CA TRP A 1797 -3.89 -8.70 13.39
C TRP A 1797 -4.31 -7.24 13.44
N VAL A 1798 -3.81 -6.44 12.51
CA VAL A 1798 -4.18 -5.04 12.40
C VAL A 1798 -4.64 -4.76 10.99
N ARG A 1799 -5.61 -3.86 10.85
CA ARG A 1799 -6.20 -3.51 9.57
C ARG A 1799 -5.62 -2.17 9.13
N LEU A 1800 -5.03 -2.14 7.94
CA LEU A 1800 -4.36 -0.96 7.42
C LEU A 1800 -5.16 -0.39 6.27
N HIS A 1801 -5.57 0.86 6.40
CA HIS A 1801 -6.34 1.55 5.36
C HIS A 1801 -5.40 2.50 4.62
N LEU A 1802 -4.65 1.96 3.66
CA LEU A 1802 -3.71 2.75 2.89
C LEU A 1802 -4.48 3.56 1.85
N LEU A 1803 -4.29 4.88 1.88
CA LEU A 1803 -5.00 5.79 0.99
C LEU A 1803 -4.02 6.53 0.09
N ASN A 1804 -4.54 7.00 -1.03
CA ASN A 1804 -3.77 7.83 -1.97
C ASN A 1804 -4.77 8.71 -2.71
N ILE A 1805 -4.84 9.98 -2.32
CA ILE A 1805 -5.88 10.88 -2.81
C ILE A 1805 -5.37 11.61 -4.04
N GLY A 1806 -6.08 11.47 -5.15
CA GLY A 1806 -5.75 12.22 -6.35
C GLY A 1806 -4.35 11.89 -6.83
N GLY A 1807 -3.44 12.83 -6.67
CA GLY A 1807 -2.06 12.63 -7.05
C GLY A 1807 -1.86 12.73 -8.55
N SER A 1808 -0.62 12.45 -8.96
CA SER A 1808 -0.26 12.49 -10.37
C SER A 1808 1.07 11.77 -10.55
N GLN A 1809 1.08 10.77 -11.44
CA GLN A 1809 2.26 9.98 -11.79
C GLN A 1809 3.14 9.67 -10.59
N ASP A 1810 2.53 9.32 -9.46
CA ASP A 1810 3.27 8.99 -8.24
C ASP A 1810 2.64 7.76 -7.61
N ILE A 1811 3.29 6.62 -7.76
CA ILE A 1811 2.81 5.35 -7.22
C ILE A 1811 3.74 4.95 -6.09
N HIS A 1812 3.18 4.70 -4.92
CA HIS A 1812 3.95 4.38 -3.72
C HIS A 1812 3.89 2.89 -3.49
N VAL A 1813 5.06 2.27 -3.38
CA VAL A 1813 5.17 0.85 -3.06
C VAL A 1813 5.47 0.73 -1.57
N VAL A 1814 4.45 0.38 -0.80
CA VAL A 1814 4.53 0.41 0.66
C VAL A 1814 5.23 -0.84 1.15
N HIS A 1815 6.29 -0.66 1.93
CA HIS A 1815 7.06 -1.76 2.49
C HIS A 1815 7.14 -1.60 4.00
N PHE A 1816 6.76 -2.65 4.72
CA PHE A 1816 6.90 -2.73 6.17
C PHE A 1816 8.09 -3.62 6.48
N HIS A 1817 9.04 -3.11 7.25
CA HIS A 1817 10.24 -3.88 7.56
C HIS A 1817 9.89 -5.02 8.51
N GLY A 1818 10.15 -6.25 8.09
CA GLY A 1818 9.91 -7.42 8.91
C GLY A 1818 8.50 -7.93 8.92
N GLN A 1819 7.61 -7.38 8.08
CA GLN A 1819 6.21 -7.77 8.05
C GLN A 1819 5.76 -8.05 6.63
N THR A 1820 4.75 -8.90 6.51
CA THR A 1820 4.13 -9.24 5.23
C THR A 1820 2.66 -8.88 5.29
N LEU A 1821 2.14 -8.33 4.19
CA LEU A 1821 0.78 -7.81 4.13
C LEU A 1821 -0.12 -8.80 3.39
N LEU A 1822 -1.27 -9.10 3.97
CA LEU A 1822 -2.25 -10.01 3.39
C LEU A 1822 -3.42 -9.21 2.84
N GLU A 1823 -3.77 -9.47 1.59
CA GLU A 1823 -4.94 -8.85 0.95
C GLU A 1823 -6.13 -9.79 1.16
N ASN A 1824 -6.98 -9.45 2.12
CA ASN A 1824 -8.12 -10.30 2.42
C ASN A 1824 -9.21 -10.11 1.37
N GLY A 1825 -10.13 -11.05 1.36
CA GLY A 1825 -11.22 -11.04 0.39
C GLY A 1825 -11.64 -12.46 0.06
N ASN A 1826 -12.18 -12.63 -1.13
CA ASN A 1826 -12.60 -13.94 -1.61
C ASN A 1826 -11.46 -14.74 -2.23
N LYS A 1827 -10.27 -14.17 -2.34
CA LYS A 1827 -9.14 -14.85 -2.94
C LYS A 1827 -7.96 -15.03 -1.99
N GLN A 1828 -7.80 -14.16 -0.99
CA GLN A 1828 -6.77 -14.32 0.04
C GLN A 1828 -5.37 -14.35 -0.56
N HIS A 1829 -4.98 -13.24 -1.17
CA HIS A 1829 -3.64 -13.08 -1.74
C HIS A 1829 -2.70 -12.51 -0.69
N GLN A 1830 -1.47 -13.03 -0.67
CA GLN A 1830 -0.44 -12.59 0.26
C GLN A 1830 0.68 -11.92 -0.50
N LEU A 1831 1.10 -10.75 -0.01
CA LEU A 1831 2.11 -9.94 -0.66
C LEU A 1831 3.19 -9.53 0.33
N GLY A 1832 4.34 -9.13 -0.20
CA GLY A 1832 5.40 -8.57 0.61
C GLY A 1832 5.34 -7.06 0.65
N VAL A 1833 5.13 -6.44 -0.51
CA VAL A 1833 4.91 -5.00 -0.61
C VAL A 1833 3.67 -4.79 -1.46
N TRP A 1834 3.08 -3.60 -1.35
CA TRP A 1834 1.87 -3.28 -2.09
C TRP A 1834 2.07 -2.02 -2.92
N PRO A 1835 1.99 -2.10 -4.25
CA PRO A 1835 1.99 -0.86 -5.05
C PRO A 1835 0.66 -0.14 -4.92
N LEU A 1836 0.71 1.09 -4.43
CA LEU A 1836 -0.49 1.87 -4.13
C LEU A 1836 -0.75 2.82 -5.28
N LEU A 1837 -1.64 2.42 -6.19
CA LEU A 1837 -1.98 3.26 -7.31
C LEU A 1837 -2.79 4.48 -6.86
N PRO A 1838 -2.65 5.60 -7.55
CA PRO A 1838 -3.39 6.81 -7.14
C PRO A 1838 -4.90 6.58 -7.20
N GLY A 1839 -5.61 7.17 -6.24
CA GLY A 1839 -7.04 7.05 -6.16
C GLY A 1839 -7.55 5.74 -5.59
N SER A 1840 -6.66 4.85 -5.17
CA SER A 1840 -7.06 3.55 -4.65
C SER A 1840 -7.00 3.55 -3.13
N PHE A 1841 -8.07 3.08 -2.50
CA PHE A 1841 -8.15 2.98 -1.04
C PHE A 1841 -8.10 1.49 -0.72
N LYS A 1842 -6.89 0.96 -0.61
CA LYS A 1842 -6.70 -0.47 -0.40
C LYS A 1842 -6.61 -0.78 1.08
N THR A 1843 -7.49 -1.65 1.55
CA THR A 1843 -7.48 -2.12 2.92
C THR A 1843 -6.82 -3.50 2.97
N LEU A 1844 -5.86 -3.65 3.88
CA LEU A 1844 -5.08 -4.86 4.02
C LEU A 1844 -5.10 -5.31 5.47
N GLU A 1845 -4.46 -6.43 5.74
CA GLU A 1845 -4.30 -6.95 7.09
C GLU A 1845 -2.85 -7.39 7.26
N MET A 1846 -2.31 -7.11 8.44
CA MET A 1846 -0.90 -7.37 8.73
C MET A 1846 -0.78 -8.00 10.11
N LYS A 1847 0.08 -9.00 10.23
CA LYS A 1847 0.41 -9.61 11.51
C LYS A 1847 1.82 -9.20 11.89
N ALA A 1848 1.98 -8.62 13.08
CA ALA A 1848 3.29 -8.25 13.55
C ALA A 1848 4.14 -9.49 13.81
N SER A 1849 5.43 -9.38 13.56
CA SER A 1849 6.34 -10.53 13.62
C SER A 1849 7.13 -10.59 14.92
N LYS A 1850 7.93 -9.58 15.20
CA LYS A 1850 8.80 -9.57 16.37
C LYS A 1850 8.82 -8.18 16.98
N PRO A 1851 9.09 -8.07 18.28
CA PRO A 1851 9.16 -6.76 18.92
C PRO A 1851 10.43 -6.02 18.54
N GLY A 1852 10.38 -4.71 18.74
CA GLY A 1852 11.49 -3.84 18.45
C GLY A 1852 11.01 -2.60 17.72
N TRP A 1853 11.95 -1.88 17.13
CA TRP A 1853 11.64 -0.69 16.34
C TRP A 1853 11.88 -1.02 14.88
N TRP A 1854 10.79 -1.14 14.12
CA TRP A 1854 10.86 -1.42 12.70
C TRP A 1854 10.52 -0.17 11.90
N LEU A 1855 10.97 -0.16 10.65
CA LEU A 1855 10.86 1.00 9.79
C LEU A 1855 9.70 0.82 8.80
N LEU A 1856 8.82 1.80 8.74
CA LEU A 1856 7.76 1.86 7.75
C LEU A 1856 8.20 2.85 6.68
N ASN A 1857 8.24 2.41 5.42
CA ASN A 1857 8.73 3.29 4.38
C ASN A 1857 8.17 2.88 3.04
N THR A 1858 8.14 3.82 2.12
CA THR A 1858 7.98 3.50 0.71
C THR A 1858 9.27 2.86 0.20
N GLU A 1859 9.13 1.93 -0.73
CA GLU A 1859 10.29 1.16 -1.14
C GLU A 1859 11.11 1.87 -2.21
N VAL A 1860 10.60 2.96 -2.78
CA VAL A 1860 11.38 3.75 -3.72
C VAL A 1860 12.50 4.47 -2.98
N GLY A 1861 13.73 4.37 -3.48
CA GLY A 1861 14.87 4.88 -2.75
C GLY A 1861 14.88 6.40 -2.64
N GLU A 1862 14.62 7.09 -3.75
CA GLU A 1862 14.80 8.54 -3.76
C GLU A 1862 13.72 9.26 -2.97
N ASN A 1863 12.54 8.65 -2.82
CA ASN A 1863 11.51 9.21 -1.97
C ASN A 1863 11.67 8.79 -0.51
N GLN A 1864 12.33 7.66 -0.26
CA GLN A 1864 12.60 7.24 1.10
C GLN A 1864 13.74 8.02 1.74
N ARG A 1865 14.75 8.40 0.95
CA ARG A 1865 15.93 9.05 1.52
C ARG A 1865 15.59 10.38 2.18
N ALA A 1866 14.51 11.02 1.74
CA ALA A 1866 14.15 12.36 2.20
C ALA A 1866 12.77 12.41 2.85
N GLY A 1867 12.28 11.28 3.36
CA GLY A 1867 10.99 11.27 4.01
C GLY A 1867 10.41 9.87 3.98
N MET A 1868 9.18 9.77 4.47
CA MET A 1868 8.45 8.50 4.51
C MET A 1868 9.28 7.41 5.17
N GLN A 1869 9.73 7.69 6.39
CA GLN A 1869 10.48 6.74 7.20
C GLN A 1869 9.95 6.86 8.63
N THR A 1870 8.90 6.11 8.93
CA THR A 1870 8.30 6.19 10.25
C THR A 1870 8.66 4.94 11.04
N PRO A 1871 9.52 5.03 12.03
CA PRO A 1871 9.83 3.85 12.84
C PRO A 1871 8.67 3.48 13.74
N PHE A 1872 7.96 2.41 13.40
CA PHE A 1872 6.83 1.97 14.19
C PHE A 1872 7.26 0.90 15.18
N LEU A 1873 6.57 0.86 16.31
CA LEU A 1873 6.97 0.03 17.45
C LEU A 1873 6.06 -1.19 17.55
N ILE A 1874 6.67 -2.35 17.76
CA ILE A 1874 5.94 -3.60 17.99
C ILE A 1874 6.22 -4.03 19.42
N MET A 1875 5.16 -4.10 20.23
CA MET A 1875 5.32 -4.42 21.63
C MET A 1875 5.30 -5.93 21.85
N ASP A 1876 5.78 -6.33 23.02
CA ASP A 1876 5.78 -7.73 23.39
C ASP A 1876 4.36 -8.25 23.55
N ARG A 1877 4.17 -9.55 23.34
CA ARG A 1877 2.85 -10.14 23.56
C ARG A 1877 2.46 -10.07 25.02
N ASP A 1878 3.41 -10.35 25.93
CA ASP A 1878 3.15 -10.32 27.36
C ASP A 1878 3.80 -9.07 27.96
N CYS A 1879 3.07 -7.96 27.89
CA CYS A 1879 3.47 -6.71 28.55
C CYS A 1879 2.69 -6.47 29.82
N ARG A 1880 2.43 -7.52 30.60
CA ARG A 1880 1.78 -7.40 31.90
C ARG A 1880 2.76 -7.90 32.95
N MET A 1881 3.65 -7.03 33.40
CA MET A 1881 4.60 -7.32 34.45
C MET A 1881 4.54 -6.22 35.49
N PRO A 1882 4.71 -6.55 36.76
CA PRO A 1882 4.73 -5.49 37.77
C PRO A 1882 5.92 -4.57 37.56
N MET A 1883 5.65 -3.32 37.17
CA MET A 1883 6.70 -2.35 36.93
C MET A 1883 7.31 -1.80 38.21
N GLY A 1884 6.99 -2.41 39.35
CA GLY A 1884 7.50 -1.95 40.62
C GLY A 1884 6.40 -1.70 41.63
N LEU A 1885 6.71 -0.93 42.66
CA LEU A 1885 5.76 -0.46 43.67
C LEU A 1885 5.30 -1.60 44.58
N SER A 1886 5.60 -2.83 44.22
CA SER A 1886 5.30 -3.97 45.08
C SER A 1886 6.55 -4.78 45.39
N THR A 1887 7.33 -5.12 44.37
CA THR A 1887 8.59 -5.80 44.60
C THR A 1887 9.58 -4.92 45.33
N GLY A 1888 9.70 -3.66 44.92
CA GLY A 1888 10.65 -2.75 45.52
C GLY A 1888 11.57 -2.12 44.51
N ILE A 1889 11.30 -2.36 43.22
CA ILE A 1889 12.12 -1.76 42.16
C ILE A 1889 12.01 -0.23 42.21
N ILE A 1890 10.80 0.28 42.37
CA ILE A 1890 10.61 1.72 42.49
C ILE A 1890 11.11 2.17 43.86
N SER A 1891 12.03 3.12 43.87
CA SER A 1891 12.62 3.56 45.13
C SER A 1891 11.59 4.32 45.96
N ASP A 1892 11.87 4.39 47.26
CA ASP A 1892 10.96 5.06 48.17
C ASP A 1892 10.85 6.55 47.86
N SER A 1893 11.87 7.12 47.22
CA SER A 1893 11.91 8.55 46.96
C SER A 1893 11.37 8.93 45.58
N GLN A 1894 10.91 7.97 44.79
CA GLN A 1894 10.40 8.24 43.45
C GLN A 1894 8.91 8.56 43.44
N ILE A 1895 8.26 8.59 44.60
CA ILE A 1895 6.81 8.75 44.70
C ILE A 1895 6.52 10.00 45.52
N LYS A 1896 5.64 10.86 44.99
CA LYS A 1896 5.25 12.09 45.65
C LYS A 1896 3.76 12.31 45.43
N ALA A 1897 3.18 13.25 46.18
CA ALA A 1897 1.76 13.54 46.06
C ALA A 1897 1.53 15.02 46.30
N SER A 1898 0.36 15.49 45.82
CA SER A 1898 0.03 16.91 45.91
C SER A 1898 -0.26 17.31 47.36
N GLU A 1899 -0.99 16.49 48.10
CA GLU A 1899 -1.41 16.82 49.45
C GLU A 1899 -1.19 15.63 50.37
N PHE A 1900 -1.53 15.82 51.64
CA PHE A 1900 -1.35 14.83 52.69
C PHE A 1900 -2.62 14.69 53.49
N LEU A 1901 -2.59 13.80 54.47
CA LEU A 1901 -3.64 13.68 55.47
C LEU A 1901 -3.09 13.57 56.89
N GLY A 1902 -1.84 13.15 57.06
CA GLY A 1902 -1.28 12.90 58.36
C GLY A 1902 -0.97 11.42 58.54
N TYR A 1903 0.31 11.08 58.40
CA TYR A 1903 0.85 9.72 58.47
C TYR A 1903 0.43 8.85 57.28
N TRP A 1904 -0.41 9.35 56.38
CA TRP A 1904 -0.78 8.63 55.17
C TRP A 1904 0.08 9.19 54.04
N GLU A 1905 1.35 8.82 54.06
CA GLU A 1905 2.37 9.34 53.17
C GLU A 1905 2.27 8.67 51.79
N PRO A 1906 2.75 9.35 50.75
CA PRO A 1906 2.77 8.73 49.42
C PRO A 1906 3.67 7.52 49.33
N ARG A 1907 4.60 7.36 50.27
CA ARG A 1907 5.46 6.19 50.28
C ARG A 1907 4.64 4.92 50.43
N LEU A 1908 3.65 4.94 51.32
CA LEU A 1908 2.86 3.75 51.60
C LEU A 1908 1.88 3.41 50.50
N ALA A 1909 1.63 4.32 49.56
CA ALA A 1909 0.62 4.06 48.54
C ALA A 1909 1.12 3.08 47.49
N ARG A 1910 2.43 3.05 47.24
CA ARG A 1910 2.94 2.19 46.18
C ARG A 1910 2.72 0.72 46.49
N LEU A 1911 2.93 0.30 47.74
CA LEU A 1911 2.81 -1.10 48.09
C LEU A 1911 1.39 -1.60 47.82
N ASN A 1912 1.29 -2.77 47.20
CA ASN A 1912 -0.01 -3.32 46.85
C ASN A 1912 -0.67 -4.01 48.04
N ASN A 1913 0.12 -4.52 48.98
CA ASN A 1913 -0.42 -5.24 50.12
C ASN A 1913 0.47 -5.03 51.33
N GLY A 1914 -0.11 -5.17 52.52
CA GLY A 1914 0.65 -5.18 53.76
C GLY A 1914 0.68 -3.82 54.42
N GLY A 1915 1.18 -3.83 55.66
CA GLY A 1915 1.40 -2.61 56.41
C GLY A 1915 0.21 -2.13 57.20
N SER A 1916 0.45 -1.63 58.42
CA SER A 1916 -0.63 -1.07 59.23
C SER A 1916 -1.19 0.20 58.61
N TYR A 1917 -0.32 1.14 58.26
CA TYR A 1917 -0.69 2.30 57.44
C TYR A 1917 -0.25 1.98 56.02
N ASN A 1918 -1.20 1.68 55.15
CA ASN A 1918 -0.90 0.97 53.92
C ASN A 1918 -1.20 1.74 52.64
N ALA A 1919 -1.65 2.98 52.70
CA ALA A 1919 -2.03 3.66 51.47
C ALA A 1919 -1.95 5.17 51.65
N TRP A 1920 -2.46 5.89 50.67
CA TRP A 1920 -2.46 7.34 50.61
C TRP A 1920 -3.89 7.85 50.63
N SER A 1921 -4.16 8.82 51.50
CA SER A 1921 -5.49 9.39 51.63
C SER A 1921 -5.37 10.90 51.83
N VAL A 1922 -6.49 11.59 51.63
CA VAL A 1922 -6.57 13.03 51.81
C VAL A 1922 -7.81 13.35 52.64
N GLU A 1923 -8.07 14.65 52.82
CA GLU A 1923 -9.15 15.08 53.70
C GLU A 1923 -10.50 14.97 53.02
N LYS A 1924 -10.70 15.70 51.92
CA LYS A 1924 -12.00 15.74 51.27
C LYS A 1924 -11.83 15.88 49.77
N LEU A 1925 -12.89 15.53 49.05
CA LEU A 1925 -12.91 15.60 47.60
C LEU A 1925 -13.36 16.99 47.14
N ALA A 1926 -12.79 17.43 46.03
CA ALA A 1926 -13.11 18.75 45.48
C ALA A 1926 -14.49 18.74 44.83
N ALA A 1927 -14.96 19.92 44.43
CA ALA A 1927 -16.31 20.07 43.91
C ALA A 1927 -16.37 20.53 42.46
N GLU A 1928 -15.68 21.61 42.11
CA GLU A 1928 -15.82 22.20 40.79
C GLU A 1928 -15.35 21.24 39.70
N PHE A 1929 -14.24 20.55 39.94
CA PHE A 1929 -13.70 19.55 39.02
C PHE A 1929 -13.01 18.50 39.87
N ALA A 1930 -12.15 17.69 39.25
CA ALA A 1930 -11.27 16.83 40.03
C ALA A 1930 -10.45 17.66 41.00
N SER A 1931 -9.57 18.51 40.48
CA SER A 1931 -8.73 19.42 41.27
C SER A 1931 -8.21 18.72 42.51
N LYS A 1932 -7.92 17.43 42.38
CA LYS A 1932 -7.71 16.47 43.43
C LYS A 1932 -6.23 16.24 43.64
N PRO A 1933 -5.82 16.07 44.89
CA PRO A 1933 -4.44 15.63 45.14
C PRO A 1933 -4.07 14.43 44.29
N TRP A 1934 -3.02 14.57 43.50
CA TRP A 1934 -2.54 13.52 42.63
C TRP A 1934 -1.43 12.73 43.31
N ILE A 1935 -1.04 11.63 42.68
CA ILE A 1935 0.15 10.89 43.07
C ILE A 1935 0.96 10.60 41.81
N GLN A 1936 2.27 10.80 41.89
CA GLN A 1936 3.15 10.70 40.75
C GLN A 1936 4.19 9.62 40.99
N VAL A 1937 4.41 8.78 39.98
CA VAL A 1937 5.39 7.70 40.05
C VAL A 1937 6.50 8.00 39.06
N ASP A 1938 7.74 7.95 39.53
CA ASP A 1938 8.91 8.20 38.70
C ASP A 1938 9.50 6.88 38.22
N MET A 1939 10.20 6.94 37.09
CA MET A 1939 10.75 5.74 36.47
C MET A 1939 12.24 5.89 36.18
N GLN A 1940 12.69 7.14 35.97
CA GLN A 1940 14.04 7.43 35.47
C GLN A 1940 14.32 6.75 34.13
N LYS A 1941 13.27 6.29 33.45
CA LYS A 1941 13.41 5.62 32.17
C LYS A 1941 12.04 5.46 31.53
N GLU A 1942 11.89 5.85 30.27
CA GLU A 1942 10.60 5.69 29.59
C GLU A 1942 10.29 4.21 29.43
N VAL A 1943 9.14 3.79 29.94
CA VAL A 1943 8.71 2.40 29.88
C VAL A 1943 7.29 2.36 29.34
N ILE A 1944 6.92 1.20 28.82
CA ILE A 1944 5.56 0.95 28.34
C ILE A 1944 4.76 0.41 29.50
N ILE A 1945 3.67 1.11 29.85
CA ILE A 1945 2.77 0.66 30.90
C ILE A 1945 1.40 0.43 30.27
N THR A 1946 0.84 -0.76 30.55
CA THR A 1946 -0.40 -1.19 29.91
C THR A 1946 -1.61 -1.07 30.82
N GLY A 1947 -1.43 -1.21 32.12
CA GLY A 1947 -2.56 -1.16 33.02
C GLY A 1947 -2.22 -0.60 34.39
N ILE A 1948 -3.11 -0.84 35.35
CA ILE A 1948 -2.90 -0.42 36.74
C ILE A 1948 -3.83 -1.24 37.61
N GLN A 1949 -3.28 -1.78 38.70
CA GLN A 1949 -4.03 -2.62 39.63
C GLN A 1949 -4.29 -1.81 40.89
N THR A 1950 -5.37 -1.03 40.87
CA THR A 1950 -5.73 -0.19 42.00
C THR A 1950 -6.55 -0.99 43.02
N GLN A 1951 -6.33 -0.69 44.29
CA GLN A 1951 -7.13 -1.29 45.35
C GLN A 1951 -7.23 -0.32 46.52
N GLY A 1952 -8.25 -0.51 47.34
CA GLY A 1952 -8.48 0.34 48.49
C GLY A 1952 -7.67 -0.10 49.69
N ALA A 1953 -8.02 0.49 50.84
CA ALA A 1953 -7.36 0.18 52.10
C ALA A 1953 -8.39 0.31 53.22
N LYS A 1954 -8.76 -0.82 53.81
CA LYS A 1954 -9.73 -0.86 54.89
C LYS A 1954 -9.04 -1.24 56.19
N HIS A 1955 -9.51 -0.68 57.30
CA HIS A 1955 -8.88 -0.90 58.60
C HIS A 1955 -9.87 -0.61 59.70
N TYR A 1956 -10.07 -1.58 60.60
CA TYR A 1956 -10.89 -1.43 61.80
C TYR A 1956 -12.31 -0.99 61.45
N LEU A 1957 -13.00 -1.84 60.70
CA LEU A 1957 -14.39 -1.66 60.30
C LEU A 1957 -14.62 -0.38 59.49
N LYS A 1958 -13.56 0.23 58.98
CA LYS A 1958 -13.66 1.43 58.15
C LYS A 1958 -13.14 1.09 56.76
N SER A 1959 -13.90 1.48 55.74
CA SER A 1959 -13.56 1.16 54.37
C SER A 1959 -13.41 2.45 53.56
N CYS A 1960 -12.39 2.47 52.70
CA CYS A 1960 -12.13 3.61 51.84
C CYS A 1960 -11.56 3.10 50.52
N TYR A 1961 -12.05 3.67 49.42
CA TYR A 1961 -11.60 3.24 48.11
C TYR A 1961 -11.97 4.30 47.08
N THR A 1962 -11.13 4.44 46.06
CA THR A 1962 -11.41 5.37 44.98
C THR A 1962 -12.39 4.72 44.01
N THR A 1963 -13.51 5.38 43.76
CA THR A 1963 -14.56 4.84 42.90
C THR A 1963 -14.37 5.23 41.44
N GLU A 1964 -13.82 6.40 41.16
CA GLU A 1964 -13.62 6.85 39.79
C GLU A 1964 -12.37 7.71 39.76
N PHE A 1965 -11.61 7.60 38.67
CA PHE A 1965 -10.38 8.36 38.55
C PHE A 1965 -10.00 8.48 37.08
N TYR A 1966 -9.05 9.37 36.81
CA TYR A 1966 -8.45 9.49 35.50
C TYR A 1966 -6.93 9.56 35.64
N VAL A 1967 -6.23 9.12 34.60
CA VAL A 1967 -4.79 8.97 34.62
C VAL A 1967 -4.16 9.95 33.64
N ALA A 1968 -3.06 10.57 34.05
CA ALA A 1968 -2.30 11.47 33.22
C ALA A 1968 -0.87 10.98 33.10
N TYR A 1969 -0.30 11.07 31.90
CA TYR A 1969 1.04 10.58 31.62
C TYR A 1969 1.86 11.69 30.98
N SER A 1970 3.18 11.57 31.09
CA SER A 1970 4.10 12.52 30.49
C SER A 1970 5.52 11.97 30.54
N SER A 1971 6.31 12.33 29.53
CA SER A 1971 7.72 11.94 29.51
C SER A 1971 8.56 12.78 30.46
N ASN A 1972 8.25 14.07 30.60
CA ASN A 1972 8.89 14.94 31.56
C ASN A 1972 7.82 15.56 32.44
N GLN A 1973 8.21 16.52 33.26
CA GLN A 1973 7.29 17.10 34.23
C GLN A 1973 6.69 18.44 33.79
N ILE A 1974 6.50 18.67 32.49
CA ILE A 1974 5.89 19.91 32.00
C ILE A 1974 4.63 19.62 31.18
N ASN A 1975 4.77 18.84 30.11
CA ASN A 1975 3.66 18.58 29.20
C ASN A 1975 2.88 17.37 29.70
N TRP A 1976 1.78 17.61 30.41
CA TRP A 1976 0.97 16.54 30.99
C TRP A 1976 -0.25 16.30 30.11
N GLN A 1977 -0.46 15.03 29.75
CA GLN A 1977 -1.55 14.64 28.87
C GLN A 1977 -2.50 13.70 29.61
N ILE A 1978 -3.80 13.97 29.50
CA ILE A 1978 -4.83 13.16 30.12
C ILE A 1978 -5.19 12.02 29.16
N PHE A 1979 -5.34 10.83 29.71
CA PHE A 1979 -5.57 9.64 28.89
C PHE A 1979 -7.05 9.53 28.52
N LYS A 1980 -7.31 9.33 27.22
CA LYS A 1980 -8.68 9.14 26.73
C LYS A 1980 -8.61 8.19 25.54
N GLY A 1981 -8.95 6.93 25.79
CA GLY A 1981 -8.98 5.96 24.70
C GLY A 1981 -10.24 5.12 24.69
N ASN A 1982 -11.04 5.24 23.63
CA ASN A 1982 -12.33 4.55 23.54
C ASN A 1982 -13.20 4.90 24.74
N SER A 1983 -13.53 6.18 24.85
CA SER A 1983 -14.38 6.69 25.91
C SER A 1983 -15.28 7.77 25.34
N THR A 1984 -16.55 7.74 25.71
CA THR A 1984 -17.53 8.68 25.18
C THR A 1984 -17.66 9.92 26.06
N ARG A 1985 -16.52 10.52 26.41
CA ARG A 1985 -16.47 11.73 27.23
C ARG A 1985 -15.27 12.55 26.76
N ASN A 1986 -14.95 13.59 27.53
CA ASN A 1986 -13.75 14.37 27.23
C ASN A 1986 -12.49 13.63 27.63
N VAL A 1987 -12.52 12.92 28.75
CA VAL A 1987 -11.40 12.09 29.21
C VAL A 1987 -11.95 10.79 29.74
N MET A 1988 -11.09 9.77 29.83
CA MET A 1988 -11.50 8.50 30.40
C MET A 1988 -11.72 8.64 31.90
N TYR A 1989 -12.77 8.00 32.40
CA TYR A 1989 -13.03 7.86 33.83
C TYR A 1989 -13.08 6.37 34.12
N PHE A 1990 -11.96 5.81 34.57
CA PHE A 1990 -11.90 4.39 34.85
C PHE A 1990 -12.83 4.03 36.00
N ASN A 1991 -13.42 2.84 35.93
CA ASN A 1991 -14.52 2.47 36.80
C ASN A 1991 -14.10 2.25 38.25
N GLY A 1992 -12.81 2.22 38.55
CA GLY A 1992 -12.38 2.09 39.93
C GLY A 1992 -12.72 0.72 40.51
N ASN A 1993 -12.62 0.64 41.83
CA ASN A 1993 -12.90 -0.59 42.56
C ASN A 1993 -14.09 -0.38 43.49
N SER A 1994 -15.01 -1.35 43.48
CA SER A 1994 -16.24 -1.22 44.25
C SER A 1994 -16.04 -1.45 45.73
N ASP A 1995 -15.14 -2.36 46.11
CA ASP A 1995 -14.94 -2.71 47.50
C ASP A 1995 -13.45 -2.87 47.79
N ALA A 1996 -13.08 -2.63 49.05
CA ALA A 1996 -11.68 -2.74 49.45
C ALA A 1996 -11.27 -4.21 49.53
N SER A 1997 -9.96 -4.42 49.68
CA SER A 1997 -9.31 -5.72 49.80
C SER A 1997 -9.43 -6.58 48.54
N THR A 1998 -10.05 -6.07 47.48
CA THR A 1998 -10.17 -6.79 46.21
C THR A 1998 -9.38 -6.03 45.16
N ILE A 1999 -8.45 -6.72 44.50
CA ILE A 1999 -7.63 -6.08 43.48
C ILE A 1999 -8.45 -5.88 42.22
N LYS A 2000 -8.55 -4.64 41.77
CA LYS A 2000 -9.24 -4.30 40.54
C LYS A 2000 -8.20 -3.98 39.47
N GLU A 2001 -8.36 -4.58 38.30
CA GLU A 2001 -7.40 -4.46 37.21
C GLU A 2001 -8.04 -3.70 36.06
N ASN A 2002 -7.36 -2.65 35.60
CA ASN A 2002 -7.78 -1.89 34.44
C ASN A 2002 -6.73 -2.02 33.35
N GLN A 2003 -7.12 -1.68 32.13
CA GLN A 2003 -6.25 -1.81 30.98
C GLN A 2003 -6.31 -0.54 30.14
N PHE A 2004 -5.14 -0.10 29.67
CA PHE A 2004 -5.05 1.04 28.76
C PHE A 2004 -5.07 0.50 27.33
N ASP A 2005 -6.11 0.86 26.58
CA ASP A 2005 -6.32 0.23 25.28
C ASP A 2005 -5.15 0.45 24.32
N PRO A 2006 -4.69 1.68 24.06
CA PRO A 2006 -3.35 1.85 23.53
C PRO A 2006 -2.36 2.05 24.67
N PRO A 2007 -1.34 1.21 24.78
CA PRO A 2007 -0.36 1.39 25.84
C PRO A 2007 0.32 2.75 25.73
N ILE A 2008 0.60 3.36 26.88
CA ILE A 2008 1.19 4.69 26.94
C ILE A 2008 2.67 4.56 27.24
N VAL A 2009 3.47 5.34 26.52
CA VAL A 2009 4.91 5.43 26.76
C VAL A 2009 5.20 6.76 27.44
N ALA A 2010 5.82 6.69 28.62
CA ALA A 2010 6.09 7.89 29.40
C ALA A 2010 7.04 7.53 30.53
N ARG A 2011 7.46 8.54 31.27
CA ARG A 2011 8.33 8.38 32.42
C ARG A 2011 7.65 8.68 33.74
N TYR A 2012 6.83 9.72 33.80
CA TYR A 2012 6.07 10.07 34.99
C TYR A 2012 4.59 9.85 34.73
N ILE A 2013 3.89 9.34 35.74
CA ILE A 2013 2.46 9.04 35.64
C ILE A 2013 1.75 9.66 36.83
N ARG A 2014 0.73 10.47 36.56
CA ARG A 2014 -0.08 11.11 37.58
C ARG A 2014 -1.51 10.57 37.48
N ILE A 2015 -1.99 10.00 38.59
CA ILE A 2015 -3.36 9.49 38.68
C ILE A 2015 -4.07 10.23 39.81
N SER A 2016 -5.22 10.82 39.51
CA SER A 2016 -5.92 11.68 40.44
C SER A 2016 -7.37 11.20 40.59
N PRO A 2017 -7.82 10.90 41.80
CA PRO A 2017 -9.21 10.45 41.97
C PRO A 2017 -10.21 11.55 41.65
N THR A 2018 -11.42 11.12 41.24
CA THR A 2018 -12.52 12.03 41.02
C THR A 2018 -13.74 11.74 41.88
N ARG A 2019 -13.90 10.51 42.35
CA ARG A 2019 -15.02 10.14 43.21
C ARG A 2019 -14.59 8.97 44.06
N ALA A 2020 -15.04 8.95 45.32
CA ALA A 2020 -14.62 7.91 46.24
C ALA A 2020 -15.65 7.80 47.35
N TYR A 2021 -15.58 6.69 48.08
CA TYR A 2021 -16.47 6.43 49.20
C TYR A 2021 -15.77 6.83 50.49
N ASN A 2022 -16.43 7.66 51.27
CA ASN A 2022 -15.85 8.25 52.50
C ASN A 2022 -14.60 9.03 52.06
N ARG A 2023 -13.52 9.02 52.84
CA ARG A 2023 -12.33 9.69 52.36
C ARG A 2023 -11.62 8.83 51.32
N PRO A 2024 -11.17 9.41 50.21
CA PRO A 2024 -10.46 8.62 49.21
C PRO A 2024 -9.17 8.02 49.76
N THR A 2025 -8.85 6.82 49.28
CA THR A 2025 -7.66 6.11 49.71
C THR A 2025 -7.31 5.10 48.63
N LEU A 2026 -6.04 5.05 48.24
CA LEU A 2026 -5.66 4.34 47.03
C LEU A 2026 -4.32 3.63 47.20
N ARG A 2027 -4.25 2.41 46.67
CA ARG A 2027 -3.01 1.68 46.45
C ARG A 2027 -2.94 1.33 44.98
N LEU A 2028 -1.76 1.49 44.38
CA LEU A 2028 -1.64 1.32 42.93
C LEU A 2028 -0.36 0.58 42.59
N GLU A 2029 -0.46 -0.31 41.60
CA GLU A 2029 0.67 -1.01 41.01
C GLU A 2029 0.56 -0.94 39.50
N LEU A 2030 1.66 -0.62 38.84
CA LEU A 2030 1.69 -0.46 37.40
C LEU A 2030 2.15 -1.74 36.72
N GLN A 2031 1.58 -2.00 35.55
CA GLN A 2031 1.92 -3.16 34.75
C GLN A 2031 2.38 -2.71 33.37
N GLY A 2032 3.44 -3.34 32.87
CA GLY A 2032 3.92 -2.99 31.55
C GLY A 2032 5.19 -3.75 31.20
N CYS A 2033 5.81 -3.32 30.12
CA CYS A 2033 7.03 -3.93 29.60
C CYS A 2033 8.01 -2.84 29.22
N GLU A 2034 9.29 -3.19 29.18
CA GLU A 2034 10.31 -2.25 28.75
C GLU A 2034 10.17 -1.97 27.26
N VAL A 2035 10.44 -0.73 26.86
CA VAL A 2035 10.32 -0.30 25.48
C VAL A 2035 11.61 -0.67 24.72
N ASN A 2036 11.54 -0.64 23.40
CA ASN A 2036 12.69 -0.77 22.49
C ASN A 2036 13.52 -2.03 22.75
N GLY A 2037 12.87 -3.09 23.21
CA GLY A 2037 13.61 -4.33 23.41
C GLY A 2037 12.71 -5.46 23.86
N CYS A 2038 13.33 -6.64 23.94
CA CYS A 2038 12.65 -7.84 24.43
C CYS A 2038 12.76 -7.86 25.94
N SER A 2039 11.65 -7.58 26.62
CA SER A 2039 11.57 -7.65 28.07
C SER A 2039 10.35 -8.50 28.41
N THR A 2040 10.52 -9.80 28.39
CA THR A 2040 9.50 -10.76 28.79
C THR A 2040 10.18 -11.90 29.51
N PRO A 2041 9.52 -12.51 30.50
CA PRO A 2041 10.12 -13.65 31.19
C PRO A 2041 10.35 -14.80 30.23
N LEU A 2042 11.63 -15.13 30.02
CA LEU A 2042 11.99 -16.30 29.24
C LEU A 2042 11.55 -17.59 29.92
N GLY A 2043 11.18 -17.52 31.18
CA GLY A 2043 10.76 -18.66 31.97
C GLY A 2043 10.87 -18.29 33.45
N MET A 2044 11.18 -19.30 34.26
CA MET A 2044 11.53 -19.09 35.65
C MET A 2044 10.38 -18.56 36.47
N GLU A 2045 9.24 -18.30 35.83
CA GLU A 2045 8.00 -17.94 36.52
C GLU A 2045 6.90 -18.94 36.25
N ASN A 2046 6.62 -19.19 34.97
CA ASN A 2046 5.71 -20.25 34.55
C ASN A 2046 6.52 -21.53 34.32
N GLY A 2047 5.90 -22.52 33.71
CA GLY A 2047 6.57 -23.79 33.48
C GLY A 2047 7.40 -23.83 32.22
N LYS A 2048 7.68 -22.66 31.64
CA LYS A 2048 8.42 -22.61 30.39
C LYS A 2048 9.82 -23.18 30.55
N ILE A 2049 10.49 -22.87 31.65
CA ILE A 2049 11.81 -23.40 31.93
C ILE A 2049 11.64 -24.67 32.77
N GLU A 2050 11.98 -25.81 32.18
CA GLU A 2050 11.79 -27.08 32.84
C GLU A 2050 12.78 -27.24 34.00
N ASN A 2051 12.40 -28.08 34.96
CA ASN A 2051 13.27 -28.35 36.10
C ASN A 2051 14.54 -29.07 35.68
N LYS A 2052 14.50 -29.82 34.58
CA LYS A 2052 15.66 -30.56 34.11
C LYS A 2052 16.66 -29.69 33.37
N GLN A 2053 16.33 -28.43 33.10
CA GLN A 2053 17.24 -27.56 32.36
C GLN A 2053 18.32 -27.00 33.27
N ILE A 2054 17.91 -26.24 34.28
CA ILE A 2054 18.84 -25.50 35.13
C ILE A 2054 19.30 -26.38 36.27
N THR A 2055 20.47 -26.06 36.81
CA THR A 2055 21.08 -26.83 37.89
C THR A 2055 22.13 -25.96 38.57
N ALA A 2056 22.92 -26.57 39.44
CA ALA A 2056 23.96 -25.83 40.18
C ALA A 2056 24.98 -26.84 40.71
N SER A 2057 25.89 -26.35 41.55
CA SER A 2057 26.99 -27.17 42.03
C SER A 2057 26.59 -28.06 43.19
N SER A 2058 26.19 -27.46 44.31
CA SER A 2058 25.95 -28.22 45.54
C SER A 2058 24.78 -27.61 46.30
N PHE A 2059 23.89 -28.48 46.77
CA PHE A 2059 22.71 -28.08 47.51
C PHE A 2059 22.79 -28.58 48.95
N LYS A 2060 22.13 -27.86 49.85
CA LYS A 2060 22.14 -28.22 51.26
C LYS A 2060 21.07 -29.27 51.54
N LYS A 2061 21.45 -30.33 52.24
CA LYS A 2061 20.56 -31.46 52.52
C LYS A 2061 20.39 -31.58 54.02
N SER A 2062 19.15 -31.48 54.49
CA SER A 2062 18.82 -31.63 55.90
C SER A 2062 17.55 -32.45 56.03
N TRP A 2063 17.47 -33.24 57.10
CA TRP A 2063 16.34 -34.14 57.28
C TRP A 2063 15.03 -33.38 57.42
N TRP A 2064 15.03 -32.30 58.20
CA TRP A 2064 13.81 -31.52 58.39
C TRP A 2064 13.52 -30.63 57.18
N GLY A 2065 14.55 -30.11 56.53
CA GLY A 2065 14.39 -29.29 55.35
C GLY A 2065 14.29 -30.05 54.04
N ASP A 2066 14.40 -31.38 54.08
CA ASP A 2066 14.32 -32.24 52.90
C ASP A 2066 15.43 -31.81 51.95
N TYR A 2067 15.15 -31.56 50.67
CA TYR A 2067 16.18 -31.20 49.69
C TYR A 2067 16.01 -29.72 49.34
N TRP A 2068 17.05 -28.94 49.56
CA TRP A 2068 17.10 -27.57 49.05
C TRP A 2068 17.63 -27.58 47.62
N GLU A 2069 16.86 -28.24 46.76
CA GLU A 2069 17.32 -28.56 45.43
C GLU A 2069 17.47 -27.30 44.58
N PRO A 2070 18.26 -27.37 43.52
CA PRO A 2070 18.19 -26.36 42.47
C PRO A 2070 16.85 -26.41 41.76
N PHE A 2071 16.71 -25.65 40.67
CA PHE A 2071 15.54 -25.60 39.80
C PHE A 2071 14.25 -25.24 40.54
N ARG A 2072 14.35 -24.85 41.80
CA ARG A 2072 13.23 -24.29 42.52
C ARG A 2072 13.34 -22.79 42.70
N ALA A 2073 14.46 -22.18 42.30
CA ALA A 2073 14.61 -20.74 42.34
C ALA A 2073 13.72 -20.12 41.27
N ARG A 2074 12.58 -19.58 41.70
CA ARG A 2074 11.65 -18.95 40.77
C ARG A 2074 11.12 -17.67 41.40
N LEU A 2075 10.62 -16.77 40.55
CA LEU A 2075 10.40 -15.39 40.98
C LEU A 2075 9.50 -15.28 42.19
N ASN A 2076 8.52 -16.18 42.33
CA ASN A 2076 7.64 -16.19 43.48
C ASN A 2076 7.29 -17.62 43.84
N ALA A 2077 7.74 -18.07 45.02
CA ALA A 2077 7.40 -19.37 45.54
C ALA A 2077 7.16 -19.26 47.03
N GLN A 2078 6.33 -20.16 47.56
CA GLN A 2078 5.93 -20.07 48.96
C GLN A 2078 6.01 -21.42 49.65
N GLY A 2079 5.44 -21.50 50.86
CA GLY A 2079 5.56 -22.73 51.64
C GLY A 2079 7.00 -22.98 52.02
N ARG A 2080 7.44 -24.21 51.82
CA ARG A 2080 8.86 -24.56 51.98
C ARG A 2080 9.61 -24.10 50.72
N VAL A 2081 9.64 -22.77 50.54
CA VAL A 2081 10.26 -22.19 49.36
C VAL A 2081 11.72 -22.60 49.31
N ASN A 2082 12.18 -23.00 48.13
CA ASN A 2082 13.55 -23.43 47.92
C ASN A 2082 14.17 -22.45 46.93
N ALA A 2083 14.68 -21.34 47.45
CA ALA A 2083 15.35 -20.37 46.60
C ALA A 2083 16.68 -20.94 46.13
N TRP A 2084 17.59 -21.14 47.07
CA TRP A 2084 18.89 -21.72 46.80
C TRP A 2084 19.68 -21.85 48.10
N GLN A 2085 20.59 -22.81 48.17
CA GLN A 2085 21.45 -22.98 49.33
C GLN A 2085 22.69 -23.77 48.90
N ALA A 2086 23.71 -23.71 49.73
CA ALA A 2086 24.96 -24.41 49.47
C ALA A 2086 25.38 -25.19 50.70
N LYS A 2087 25.93 -26.38 50.48
CA LYS A 2087 26.38 -27.24 51.56
C LYS A 2087 27.78 -26.88 52.05
N ALA A 2088 28.43 -25.89 51.44
CA ALA A 2088 29.76 -25.48 51.85
C ALA A 2088 29.84 -24.01 52.26
N ASN A 2089 29.05 -23.13 51.65
CA ASN A 2089 29.05 -21.70 51.96
C ASN A 2089 30.45 -21.12 51.79
N ASN A 2090 30.95 -21.18 50.56
CA ASN A 2090 32.27 -20.68 50.20
C ASN A 2090 32.17 -19.80 48.96
N ASN A 2091 33.33 -19.40 48.43
CA ASN A 2091 33.36 -18.46 47.32
C ASN A 2091 32.95 -19.13 46.01
N LYS A 2092 33.42 -20.36 45.77
CA LYS A 2092 33.25 -21.01 44.47
C LYS A 2092 31.95 -21.82 44.47
N GLN A 2093 30.84 -21.10 44.28
CA GLN A 2093 29.54 -21.70 44.08
C GLN A 2093 28.81 -20.93 42.98
N TRP A 2094 27.83 -21.57 42.36
CA TRP A 2094 27.13 -20.91 41.27
C TRP A 2094 25.79 -21.59 41.02
N LEU A 2095 24.92 -20.87 40.30
CA LEU A 2095 23.67 -21.40 39.78
C LEU A 2095 23.68 -21.25 38.27
N GLU A 2096 23.38 -22.35 37.57
CA GLU A 2096 23.50 -22.40 36.13
C GLU A 2096 22.12 -22.47 35.47
N ILE A 2097 21.95 -21.75 34.38
CA ILE A 2097 20.73 -21.75 33.59
C ILE A 2097 21.05 -22.32 32.23
N ASP A 2098 20.39 -23.42 31.87
CA ASP A 2098 20.64 -24.13 30.62
C ASP A 2098 19.40 -23.99 29.73
N LEU A 2099 19.31 -22.90 28.99
CA LEU A 2099 18.29 -22.79 27.97
C LEU A 2099 18.59 -23.77 26.83
N LEU A 2100 17.54 -24.17 26.13
CA LEU A 2100 17.71 -25.19 25.09
C LEU A 2100 18.58 -24.68 23.95
N LYS A 2101 18.37 -23.43 23.52
CA LYS A 2101 19.09 -22.84 22.40
C LYS A 2101 19.74 -21.55 22.85
N ILE A 2102 20.42 -20.90 21.90
CA ILE A 2102 21.00 -19.59 22.17
C ILE A 2102 19.88 -18.56 22.28
N LYS A 2103 19.88 -17.81 23.37
CA LYS A 2103 18.83 -16.84 23.64
C LYS A 2103 19.46 -15.51 24.03
N LYS A 2104 18.72 -14.42 23.77
CA LYS A 2104 19.13 -13.09 24.19
C LYS A 2104 18.59 -12.81 25.58
N ILE A 2105 19.48 -12.71 26.55
CA ILE A 2105 19.11 -12.44 27.94
C ILE A 2105 19.42 -10.98 28.23
N THR A 2106 18.39 -10.24 28.66
CA THR A 2106 18.51 -8.80 28.85
C THR A 2106 18.74 -8.42 30.31
N ALA A 2107 17.87 -8.83 31.22
CA ALA A 2107 17.96 -8.42 32.61
C ALA A 2107 17.76 -9.62 33.52
N ILE A 2108 18.31 -9.53 34.71
CA ILE A 2108 18.16 -10.56 35.74
C ILE A 2108 17.77 -9.87 37.04
N ILE A 2109 16.81 -10.45 37.76
CA ILE A 2109 16.33 -9.91 39.01
C ILE A 2109 16.44 -10.97 40.09
N THR A 2110 16.90 -10.56 41.26
CA THR A 2110 17.10 -11.45 42.39
C THR A 2110 16.30 -10.96 43.60
N GLN A 2111 15.88 -11.91 44.43
CA GLN A 2111 15.03 -11.54 45.57
C GLN A 2111 15.33 -12.31 46.85
N GLY A 2112 16.43 -13.05 46.94
CA GLY A 2112 16.70 -13.71 48.19
C GLY A 2112 15.68 -14.80 48.49
N CYS A 2113 15.53 -15.10 49.79
CA CYS A 2113 14.66 -16.19 50.21
C CYS A 2113 13.75 -15.72 51.35
N LYS A 2114 12.93 -16.65 51.83
CA LYS A 2114 12.08 -16.42 52.98
C LYS A 2114 12.94 -16.20 54.23
N SER A 2115 12.36 -15.49 55.21
CA SER A 2115 13.06 -15.26 56.47
C SER A 2115 13.43 -16.58 57.13
N LEU A 2116 12.46 -17.49 57.28
CA LEU A 2116 12.70 -18.80 57.87
C LEU A 2116 13.32 -18.69 59.25
N SER A 2117 12.86 -17.71 60.04
CA SER A 2117 13.46 -17.36 61.33
C SER A 2117 14.93 -17.04 61.16
N SER A 2118 15.27 -16.36 60.07
CA SER A 2118 16.64 -15.99 59.74
C SER A 2118 16.58 -14.88 58.69
N GLU A 2119 17.71 -14.60 58.06
CA GLU A 2119 17.77 -13.56 57.03
C GLU A 2119 18.90 -13.93 56.07
N MET A 2120 18.54 -14.47 54.91
CA MET A 2120 19.50 -14.99 53.95
C MET A 2120 19.24 -14.40 52.58
N TYR A 2121 20.28 -13.85 51.96
CA TYR A 2121 20.22 -13.32 50.61
C TYR A 2121 21.66 -13.13 50.13
N VAL A 2122 21.83 -12.40 49.03
CA VAL A 2122 23.15 -12.15 48.46
C VAL A 2122 23.43 -10.65 48.48
N LYS A 2123 24.72 -10.32 48.60
CA LYS A 2123 25.19 -8.94 48.51
C LYS A 2123 25.69 -8.59 47.11
N SER A 2124 26.48 -9.45 46.48
CA SER A 2124 27.02 -9.17 45.16
C SER A 2124 27.23 -10.48 44.42
N TYR A 2125 26.97 -10.47 43.12
CA TYR A 2125 27.12 -11.66 42.30
C TYR A 2125 27.85 -11.33 41.02
N THR A 2126 28.56 -12.33 40.48
CA THR A 2126 29.32 -12.21 39.25
C THR A 2126 28.77 -13.17 38.21
N ILE A 2127 28.89 -12.79 36.94
CA ILE A 2127 28.26 -13.51 35.85
C ILE A 2127 29.32 -14.06 34.90
N HIS A 2128 29.24 -15.36 34.62
CA HIS A 2128 29.95 -15.98 33.52
C HIS A 2128 28.93 -16.62 32.59
N TYR A 2129 29.14 -16.48 31.29
CA TYR A 2129 28.25 -17.07 30.29
C TYR A 2129 29.08 -17.77 29.23
N SER A 2130 28.50 -18.83 28.64
CA SER A 2130 29.16 -19.57 27.58
C SER A 2130 28.11 -20.23 26.71
N GLU A 2131 28.53 -20.61 25.51
CA GLU A 2131 27.62 -21.26 24.57
C GLU A 2131 27.76 -22.78 24.61
N GLN A 2132 28.99 -23.28 24.49
CA GLN A 2132 29.22 -24.72 24.55
C GLN A 2132 29.31 -25.24 25.97
N GLY A 2133 29.38 -24.36 26.96
CA GLY A 2133 29.42 -24.78 28.34
C GLY A 2133 30.79 -25.12 28.89
N VAL A 2134 31.86 -24.83 28.15
CA VAL A 2134 33.21 -25.11 28.63
C VAL A 2134 34.04 -23.84 28.61
N GLU A 2135 33.69 -22.91 27.72
CA GLU A 2135 34.47 -21.67 27.59
C GLU A 2135 34.34 -20.80 28.84
N TRP A 2136 33.11 -20.55 29.26
CA TRP A 2136 32.81 -19.72 30.43
C TRP A 2136 33.48 -18.34 30.32
N LYS A 2137 33.02 -17.58 29.33
CA LYS A 2137 33.51 -16.23 29.13
C LYS A 2137 32.93 -15.30 30.19
N PRO A 2138 33.75 -14.66 31.02
CA PRO A 2138 33.21 -13.75 32.03
C PRO A 2138 32.57 -12.52 31.42
N TYR A 2139 31.60 -11.98 32.15
CA TYR A 2139 30.93 -10.73 31.77
C TYR A 2139 31.52 -9.60 32.60
N ARG A 2140 32.03 -8.57 31.93
CA ARG A 2140 32.69 -7.47 32.62
C ARG A 2140 32.71 -6.25 31.71
N LEU A 2141 32.94 -5.11 32.32
CA LEU A 2141 33.13 -3.88 31.57
C LEU A 2141 34.50 -3.89 30.90
N LYS A 2142 34.71 -2.94 30.00
CA LYS A 2142 35.93 -2.88 29.20
C LYS A 2142 37.17 -2.50 30.01
N SER A 2143 37.08 -2.41 31.34
CA SER A 2143 38.22 -2.02 32.17
C SER A 2143 39.35 -3.04 32.07
N SER A 2144 39.11 -4.25 32.55
CA SER A 2144 40.14 -5.29 32.59
C SER A 2144 39.44 -6.62 32.83
N MET A 2145 40.24 -7.67 33.03
CA MET A 2145 39.71 -9.02 33.25
C MET A 2145 39.46 -9.22 34.74
N VAL A 2146 38.41 -8.56 35.22
CA VAL A 2146 37.92 -8.74 36.59
C VAL A 2146 36.40 -8.79 36.52
N ASP A 2147 35.80 -9.74 37.22
CA ASP A 2147 34.35 -9.88 37.21
C ASP A 2147 33.69 -8.59 37.67
N LYS A 2148 32.70 -8.12 36.91
CA LYS A 2148 31.95 -6.95 37.32
C LYS A 2148 31.06 -7.28 38.50
N ILE A 2149 31.11 -6.45 39.54
CA ILE A 2149 30.31 -6.68 40.73
C ILE A 2149 28.90 -6.15 40.48
N PHE A 2150 27.91 -7.00 40.70
CA PHE A 2150 26.51 -6.65 40.48
C PHE A 2150 25.82 -6.37 41.81
N GLU A 2151 24.90 -5.40 41.78
CA GLU A 2151 24.21 -4.99 42.99
C GLU A 2151 23.29 -6.11 43.48
N GLY A 2152 23.37 -6.38 44.78
CA GLY A 2152 22.52 -7.36 45.42
C GLY A 2152 21.25 -6.74 45.94
N ASN A 2153 20.69 -7.40 46.96
CA ASN A 2153 19.45 -6.97 47.57
C ASN A 2153 19.60 -6.94 49.09
N THR A 2154 18.84 -6.06 49.73
CA THR A 2154 18.79 -5.97 51.18
C THR A 2154 17.53 -6.59 51.78
N ASN A 2155 16.39 -6.36 51.15
CA ASN A 2155 15.13 -6.93 51.62
C ASN A 2155 15.10 -8.43 51.37
N THR A 2156 14.41 -9.15 52.26
CA THR A 2156 14.21 -10.58 52.05
C THR A 2156 13.17 -10.86 50.98
N LYS A 2157 12.16 -9.99 50.85
CA LYS A 2157 11.11 -10.14 49.84
C LYS A 2157 11.21 -9.11 48.74
N GLY A 2158 12.21 -8.22 48.77
CA GLY A 2158 12.37 -7.21 47.75
C GLY A 2158 13.08 -7.77 46.53
N HIS A 2159 12.71 -7.25 45.37
CA HIS A 2159 13.34 -7.64 44.11
C HIS A 2159 14.24 -6.52 43.63
N VAL A 2160 15.48 -6.86 43.30
CA VAL A 2160 16.45 -5.91 42.78
C VAL A 2160 16.75 -6.29 41.34
N LYS A 2161 16.47 -5.39 40.41
CA LYS A 2161 16.63 -5.66 38.99
C LYS A 2161 17.95 -5.09 38.50
N ASN A 2162 18.72 -5.91 37.78
CA ASN A 2162 20.00 -5.50 37.22
C ASN A 2162 19.93 -5.63 35.70
N PHE A 2163 20.32 -4.57 35.01
CA PHE A 2163 20.32 -4.57 33.56
C PHE A 2163 21.70 -4.96 33.01
N PHE A 2164 21.72 -5.37 31.75
CA PHE A 2164 22.94 -5.73 31.05
C PHE A 2164 23.21 -4.68 29.99
N ASN A 2165 24.38 -4.02 30.08
CA ASN A 2165 24.71 -3.03 29.07
C ASN A 2165 24.85 -3.66 27.69
N PRO A 2166 25.64 -4.72 27.48
CA PRO A 2166 25.37 -5.61 26.35
C PRO A 2166 24.53 -6.78 26.79
N PRO A 2167 23.51 -7.16 26.02
CA PRO A 2167 22.72 -8.33 26.39
C PRO A 2167 23.51 -9.61 26.17
N ILE A 2168 23.42 -10.52 27.13
CA ILE A 2168 24.13 -11.77 27.03
C ILE A 2168 23.44 -12.64 25.98
N ILE A 2169 24.01 -12.71 24.79
CA ILE A 2169 23.50 -13.55 23.72
C ILE A 2169 24.27 -14.87 23.82
N SER A 2170 23.68 -15.85 24.49
CA SER A 2170 24.34 -17.12 24.73
C SER A 2170 23.29 -18.13 25.18
N ARG A 2171 23.75 -19.34 25.48
CA ARG A 2171 22.89 -20.42 25.93
C ARG A 2171 22.94 -20.59 27.44
N PHE A 2172 24.13 -20.76 28.00
CA PHE A 2172 24.31 -21.03 29.42
C PHE A 2172 24.62 -19.73 30.16
N ILE A 2173 24.11 -19.62 31.38
CA ILE A 2173 24.35 -18.48 32.25
C ILE A 2173 24.80 -19.00 33.61
N ARG A 2174 25.90 -18.45 34.12
CA ARG A 2174 26.38 -18.75 35.46
C ARG A 2174 26.35 -17.47 36.29
N VAL A 2175 25.80 -17.57 37.50
CA VAL A 2175 25.79 -16.46 38.45
C VAL A 2175 26.43 -16.96 39.74
N ILE A 2176 27.44 -16.24 40.21
CA ILE A 2176 28.30 -16.68 41.32
C ILE A 2176 28.11 -15.72 42.48
N PRO A 2177 27.67 -16.17 43.64
CA PRO A 2177 27.52 -15.27 44.79
C PRO A 2177 28.84 -14.92 45.44
N LYS A 2178 29.53 -13.90 44.91
CA LYS A 2178 30.83 -13.53 45.47
C LYS A 2178 30.70 -13.04 46.91
N THR A 2179 29.71 -12.21 47.21
CA THR A 2179 29.52 -11.66 48.54
C THR A 2179 28.17 -12.08 49.09
N TRP A 2180 28.17 -12.62 50.30
CA TRP A 2180 26.99 -13.19 50.92
C TRP A 2180 26.86 -12.75 52.37
N ASN A 2181 25.62 -12.62 52.83
CA ASN A 2181 25.28 -12.25 54.20
C ASN A 2181 25.19 -13.49 55.09
N GLN A 2182 24.47 -14.51 54.64
CA GLN A 2182 24.33 -15.76 55.36
C GLN A 2182 24.39 -16.88 54.32
N SER A 2183 23.93 -18.07 54.69
CA SER A 2183 23.84 -19.17 53.73
C SER A 2183 23.20 -18.67 52.43
N ILE A 2184 23.91 -18.89 51.32
CA ILE A 2184 23.56 -18.25 50.07
C ILE A 2184 22.15 -18.64 49.64
N ALA A 2185 21.34 -17.64 49.31
CA ALA A 2185 19.99 -17.86 48.82
C ALA A 2185 19.75 -16.97 47.61
N LEU A 2186 18.95 -17.44 46.67
CA LEU A 2186 18.77 -16.74 45.40
C LEU A 2186 17.52 -17.27 44.72
N ARG A 2187 16.62 -16.36 44.35
CA ARG A 2187 15.44 -16.68 43.55
C ARG A 2187 15.47 -15.74 42.34
N LEU A 2188 16.17 -16.14 41.30
CA LEU A 2188 16.43 -15.27 40.17
C LEU A 2188 15.35 -15.42 39.09
N GLU A 2189 15.44 -14.54 38.10
CA GLU A 2189 14.52 -14.50 36.98
C GLU A 2189 15.25 -13.89 35.80
N LEU A 2190 14.91 -14.35 34.59
CA LEU A 2190 15.59 -13.90 33.39
C LEU A 2190 14.58 -13.29 32.43
N PHE A 2191 15.06 -12.41 31.57
CA PHE A 2191 14.23 -11.71 30.61
C PHE A 2191 14.90 -11.71 29.24
N GLY A 2192 14.09 -11.65 28.20
CA GLY A 2192 14.59 -11.59 26.85
C GLY A 2192 13.67 -12.32 25.89
N CYS A 2193 14.18 -12.58 24.69
CA CYS A 2193 13.42 -13.27 23.66
C CYS A 2193 14.36 -14.15 22.86
N ASP A 2194 13.79 -14.98 22.00
CA ASP A 2194 14.58 -15.81 21.11
C ASP A 2194 15.32 -14.94 20.10
N ILE A 2195 16.47 -15.45 19.64
CA ILE A 2195 17.28 -14.70 18.69
C ILE A 2195 16.63 -14.67 17.31
N TYR A 2196 16.29 -15.84 16.79
CA TYR A 2196 15.72 -15.94 15.45
C TYR A 2196 14.26 -16.35 15.50
C1 NAG B . -1.60 -21.39 -14.06
C2 NAG B . -2.50 -21.12 -12.84
C3 NAG B . -3.26 -22.38 -12.42
C4 NAG B . -4.01 -22.98 -13.60
C5 NAG B . -3.03 -23.25 -14.75
C6 NAG B . -3.71 -23.75 -15.99
C7 NAG B . -0.76 -20.99 -10.99
C8 NAG B . -0.23 -22.35 -11.35
N2 NAG B . -1.79 -20.51 -11.72
O3 NAG B . -4.17 -22.07 -11.38
O4 NAG B . -4.63 -24.20 -13.23
O5 NAG B . -2.37 -22.02 -15.10
O6 NAG B . -3.72 -22.75 -17.01
O7 NAG B . -0.28 -20.34 -10.07
C1 NAG C . -14.57 0.30 24.26
C2 NAG C . -14.31 -0.95 25.10
C3 NAG C . -15.58 -1.79 25.20
C4 NAG C . -16.73 -0.94 25.71
C5 NAG C . -16.89 0.31 24.85
C6 NAG C . -17.94 1.26 25.36
C7 NAG C . -12.08 -1.97 25.19
C8 NAG C . -11.07 -2.81 24.46
N2 NAG C . -13.22 -1.73 24.54
O3 NAG C . -15.35 -2.87 26.08
O4 NAG C . -17.95 -1.69 25.67
O5 NAG C . -15.65 1.04 24.82
O6 NAG C . -17.48 2.60 25.35
O7 NAG C . -11.87 -1.55 26.32
C1 NAG D . -16.82 34.95 11.51
C2 NAG D . -16.14 36.19 10.90
C3 NAG D . -15.01 36.67 11.80
C4 NAG D . -15.51 36.89 13.21
C5 NAG D . -16.19 35.62 13.73
C6 NAG D . -16.81 35.79 15.09
C7 NAG D . -14.76 34.98 9.24
C8 NAG D . -14.40 34.88 7.79
N2 NAG D . -15.66 35.92 9.55
O3 NAG D . -14.49 37.89 11.28
O4 NAG D . -14.41 37.20 14.08
O5 NAG D . -17.26 35.25 12.83
O6 NAG D . -16.72 34.60 15.86
O7 NAG D . -14.25 34.25 10.08
C1 NAG E . 19.62 2.40 -27.15
C2 NAG E . 18.55 3.20 -27.88
C3 NAG E . 18.69 4.69 -27.57
C4 NAG E . 18.70 4.92 -26.07
C5 NAG E . 19.78 4.06 -25.43
C6 NAG E . 19.81 4.15 -23.92
C7 NAG E . 17.57 3.10 -30.13
C8 NAG E . 17.82 2.82 -31.58
N2 NAG E . 18.62 2.97 -29.32
O3 NAG E . 17.61 5.41 -28.16
O4 NAG E . 18.97 6.28 -25.79
O5 NAG E . 19.56 2.68 -25.75
O6 NAG E . 20.86 3.37 -23.38
O7 NAG E . 16.47 3.45 -29.73
#